data_6DE6
#
_entry.id   6DE6
#
_cell.length_a   103.223
_cell.length_b   105.314
_cell.length_c   140.038
_cell.angle_alpha   90.000
_cell.angle_beta   90.000
_cell.angle_gamma   90.000
#
_symmetry.space_group_name_H-M   'P 21 21 21'
#
loop_
_entity.id
_entity.type
_entity.pdbx_description
1 polymer 'Histamine dehydrogenase'
2 non-polymer "ADENOSINE-5'-DIPHOSPHATE"
3 non-polymer 'FLAVIN MONONUCLEOTIDE'
4 non-polymer 'IRON/SULFUR CLUSTER'
5 non-polymer 'PHOSPHATE ION'
6 water water
#
_entity_poly.entity_id   1
_entity_poly.type   'polypeptide(L)'
_entity_poly.pdbx_seq_one_letter_code
;SNAMRDNKYDILFEPVRIGPHIAKNRFYQVPHCNGGGYRDPSAAAAMRGIKSEGGWGVIFTEQTEMHHTSEITPFIELRL
WEDKDIPGLRRMSDAMKVHGALAGIQLAYSGINGPNFYTKEVPLAPSALPIRTFTNDPVQARALDKQDIKNLRRWFVNAA
KRSKIAGFDLICLYGAHGFGIFQHFLSRATNQRTDEYGGSLENRSRFAREVVEDIKEAVGDTTAITMRVSLDETIGELGF
SNAEVREFVEMNANLPDLWDLAQGTWEDCSGPSRFKEEGAQEILVKGIRELSSKPVVGVGRFTSPDVMARMVRQGVLDFI
GCARPSIADPFLPKKIEEGRIEDIRECIGCNICITGDMTMSISRCTQNPTFMEEWRKGWHPERMNAKGDSNTVLVVGAGP
AGLEATRALSLRGYDVTLAEATTTLGGRVARERLLPGLSAWGRVVDYRQYQISQRTNVETYFDSRLTAEDVLGFGFEHVA
IATGSHWRRDGVARQHVVPMPIDPSMTVWTPDDIMAKVHPENLSGKTVVVYDDDHYYMGGVMAEVMAKAGAKVILVTSSA
YVSDWTRNTLEQGAIHVRLDDLGVDIRLNRGVTAIRAGEVETNCVYTGKRSAIGCDAVLMVASRTSEDQLFNDLIARQGD
WPDAGIKSVKIIGDAAAPAPIAWATYAGHRYARELDTPDIGDDLPFRREVTQLEPA
;
_entity_poly.pdbx_strand_id   A,B
#
loop_
_chem_comp.id
_chem_comp.type
_chem_comp.name
_chem_comp.formula
ADP non-polymer ADENOSINE-5'-DIPHOSPHATE 'C10 H15 N5 O10 P2'
FMN non-polymer 'FLAVIN MONONUCLEOTIDE' 'C17 H21 N4 O9 P'
PO4 non-polymer 'PHOSPHATE ION' 'O4 P -3'
SF4 non-polymer 'IRON/SULFUR CLUSTER' 'Fe4 S4'
#
# COMPACT_ATOMS: atom_id res chain seq x y z
N ASN A 7 -5.78 12.46 -45.41
CA ASN A 7 -6.86 12.47 -44.43
C ASN A 7 -6.76 13.69 -43.51
N LYS A 8 -7.81 13.90 -42.72
CA LYS A 8 -7.76 14.91 -41.67
C LYS A 8 -6.74 14.55 -40.60
N TYR A 9 -6.18 13.33 -40.64
CA TYR A 9 -5.25 12.86 -39.62
C TYR A 9 -3.78 13.09 -39.98
N ASP A 10 -3.48 13.58 -41.19
CA ASP A 10 -2.08 13.78 -41.57
C ASP A 10 -1.37 14.70 -40.59
N ILE A 11 -2.10 15.67 -40.02
CA ILE A 11 -1.48 16.63 -39.13
C ILE A 11 -0.85 15.94 -37.92
N LEU A 12 -1.34 14.76 -37.56
CA LEU A 12 -0.84 14.07 -36.38
C LEU A 12 0.52 13.43 -36.59
N PHE A 13 0.99 13.34 -37.84
CA PHE A 13 2.26 12.69 -38.15
C PHE A 13 3.32 13.68 -38.64
N GLU A 14 3.09 14.96 -38.44
CA GLU A 14 4.12 15.96 -38.73
C GLU A 14 5.16 15.95 -37.62
N PRO A 15 6.43 16.13 -37.94
CA PRO A 15 7.46 16.19 -36.89
C PRO A 15 7.35 17.45 -36.07
N VAL A 16 7.91 17.38 -34.87
CA VAL A 16 7.86 18.51 -33.94
C VAL A 16 9.15 18.52 -33.14
N ARG A 17 9.77 19.69 -33.06
CA ARG A 17 11.02 19.86 -32.34
C ARG A 17 10.79 19.99 -30.84
N ILE A 18 11.65 19.33 -30.06
CA ILE A 18 11.68 19.43 -28.61
C ILE A 18 13.13 19.66 -28.24
N GLY A 19 13.49 20.92 -27.97
CA GLY A 19 14.87 21.26 -27.75
C GLY A 19 15.73 20.73 -28.88
N PRO A 20 16.81 20.03 -28.55
CA PRO A 20 17.73 19.54 -29.58
C PRO A 20 17.24 18.31 -30.33
N HIS A 21 16.05 17.81 -30.04
CA HIS A 21 15.54 16.60 -30.67
C HIS A 21 14.38 16.94 -31.57
N ILE A 22 14.02 15.99 -32.44
CA ILE A 22 12.81 16.08 -33.24
C ILE A 22 11.99 14.83 -32.97
N ALA A 23 10.74 15.03 -32.57
CA ALA A 23 9.80 13.91 -32.45
C ALA A 23 9.15 13.67 -33.80
N LYS A 24 9.09 12.40 -34.20
CA LYS A 24 8.66 12.05 -35.55
C LYS A 24 7.17 12.27 -35.79
N ASN A 25 6.39 12.43 -34.73
CA ASN A 25 4.96 12.71 -34.84
C ASN A 25 4.47 13.36 -33.55
N ARG A 26 3.16 13.53 -33.45
CA ARG A 26 2.54 14.26 -32.36
C ARG A 26 1.99 13.37 -31.26
N PHE A 27 2.19 12.06 -31.35
CA PHE A 27 1.70 11.13 -30.35
C PHE A 27 2.73 10.99 -29.23
N TYR A 28 2.32 11.38 -28.02
CA TYR A 28 3.23 11.60 -26.90
C TYR A 28 2.70 10.78 -25.72
N GLN A 29 3.44 9.75 -25.32
CA GLN A 29 3.06 8.95 -24.16
C GLN A 29 3.60 9.63 -22.91
N VAL A 30 2.72 10.29 -22.17
CA VAL A 30 3.06 11.05 -20.98
C VAL A 30 3.52 10.06 -19.92
N PRO A 31 4.24 10.51 -18.91
CA PRO A 31 4.67 9.60 -17.85
C PRO A 31 3.49 8.88 -17.21
N HIS A 32 3.61 7.58 -17.06
CA HIS A 32 2.59 6.85 -16.33
C HIS A 32 3.19 5.61 -15.65
N CYS A 33 2.60 5.27 -14.51
CA CYS A 33 3.00 4.17 -13.66
C CYS A 33 2.46 2.87 -14.22
N ASN A 34 2.87 1.77 -13.61
CA ASN A 34 2.52 0.45 -14.14
C ASN A 34 2.52 -0.64 -13.07
N GLY A 35 2.71 -0.32 -11.79
CA GLY A 35 2.70 -1.35 -10.75
C GLY A 35 3.91 -2.26 -10.72
N GLY A 36 4.89 -2.05 -11.61
CA GLY A 36 6.15 -2.79 -11.63
C GLY A 36 7.35 -1.97 -11.19
N GLY A 37 7.62 -0.85 -11.87
CA GLY A 37 8.63 0.07 -11.38
C GLY A 37 9.98 -0.58 -11.10
N TYR A 38 10.57 -0.22 -9.97
CA TYR A 38 11.92 -0.68 -9.67
C TYR A 38 11.94 -2.14 -9.28
N ARG A 39 10.77 -2.71 -8.97
CA ARG A 39 10.69 -4.12 -8.63
C ARG A 39 10.71 -5.01 -9.86
N ASP A 40 9.98 -4.62 -10.90
CA ASP A 40 9.81 -5.42 -12.11
C ASP A 40 10.29 -4.63 -13.31
N PRO A 41 11.56 -4.20 -13.32
CA PRO A 41 11.98 -3.27 -14.37
C PRO A 41 11.97 -3.87 -15.76
N SER A 42 12.28 -5.16 -15.94
CA SER A 42 12.23 -5.73 -17.29
C SER A 42 10.80 -5.81 -17.81
N ALA A 43 9.81 -5.97 -16.91
CA ALA A 43 8.43 -5.92 -17.38
C ALA A 43 8.07 -4.51 -17.85
N ALA A 44 8.47 -3.49 -17.08
CA ALA A 44 8.21 -2.12 -17.47
C ALA A 44 8.91 -1.80 -18.78
N ALA A 45 10.15 -2.27 -18.92
CA ALA A 45 10.92 -1.97 -20.12
C ALA A 45 10.25 -2.55 -21.36
N ALA A 46 9.83 -3.81 -21.30
CA ALA A 46 9.25 -4.46 -22.47
C ALA A 46 7.93 -3.80 -22.85
N MET A 47 7.16 -3.37 -21.83
CA MET A 47 5.94 -2.62 -22.06
C MET A 47 6.22 -1.32 -22.80
N ARG A 48 7.29 -0.60 -22.41
CA ARG A 48 7.67 0.59 -23.17
C ARG A 48 8.08 0.23 -24.59
N GLY A 49 8.71 -0.94 -24.78
CA GLY A 49 9.07 -1.38 -26.12
C GLY A 49 7.88 -1.60 -27.00
N ILE A 50 6.76 -2.04 -26.43
CA ILE A 50 5.55 -2.22 -27.21
C ILE A 50 4.99 -0.88 -27.64
N LYS A 51 5.09 0.14 -26.76
CA LYS A 51 4.71 1.48 -27.17
C LYS A 51 5.57 1.95 -28.34
N SER A 52 6.85 1.59 -28.33
CA SER A 52 7.74 1.94 -29.44
C SER A 52 7.26 1.30 -30.73
N GLU A 53 6.98 -0.01 -30.69
CA GLU A 53 6.42 -0.69 -31.84
C GLU A 53 5.13 -0.03 -32.30
N GLY A 54 4.28 0.39 -31.34
CA GLY A 54 2.99 0.95 -31.68
C GLY A 54 3.03 2.30 -32.36
N GLY A 55 4.17 2.98 -32.38
CA GLY A 55 4.33 4.21 -33.14
C GLY A 55 4.38 5.50 -32.35
N TRP A 56 4.45 5.45 -31.01
CA TRP A 56 4.51 6.69 -30.23
C TRP A 56 5.81 7.42 -30.53
N GLY A 57 5.71 8.74 -30.71
CA GLY A 57 6.90 9.54 -31.00
C GLY A 57 7.72 9.91 -29.79
N VAL A 58 7.08 9.95 -28.63
CA VAL A 58 7.74 10.21 -27.35
C VAL A 58 7.20 9.19 -26.37
N ILE A 59 8.07 8.64 -25.53
CA ILE A 59 7.70 7.64 -24.53
C ILE A 59 8.42 7.99 -23.24
N PHE A 60 7.68 8.01 -22.14
CA PHE A 60 8.22 8.35 -20.84
C PHE A 60 8.10 7.20 -19.84
N THR A 61 9.05 7.16 -18.93
CA THR A 61 8.91 6.37 -17.71
C THR A 61 7.84 7.00 -16.81
N GLU A 62 7.44 6.25 -15.78
CA GLU A 62 6.74 6.78 -14.61
C GLU A 62 7.66 7.71 -13.81
N GLN A 63 7.10 8.36 -12.79
CA GLN A 63 7.95 9.22 -11.97
C GLN A 63 9.12 8.42 -11.42
N THR A 64 10.28 9.07 -11.33
CA THR A 64 11.51 8.45 -10.83
C THR A 64 12.03 9.31 -9.70
N GLU A 65 12.12 8.73 -8.50
CA GLU A 65 12.61 9.44 -7.33
C GLU A 65 14.10 9.71 -7.45
N MET A 66 14.50 10.98 -7.48
CA MET A 66 15.90 11.26 -7.79
C MET A 66 16.72 11.53 -6.54
N HIS A 67 16.18 11.27 -5.36
CA HIS A 67 17.00 11.42 -4.16
C HIS A 67 16.39 10.67 -2.99
N HIS A 68 17.27 10.12 -2.15
CA HIS A 68 16.83 9.30 -1.04
C HIS A 68 16.23 10.10 0.11
N THR A 69 16.29 11.44 0.09
CA THR A 69 15.65 12.20 1.15
C THR A 69 14.17 12.51 0.87
N SER A 70 13.59 11.95 -0.21
CA SER A 70 12.18 12.17 -0.49
C SER A 70 11.64 11.01 -1.30
N GLU A 71 10.79 10.19 -0.69
CA GLU A 71 10.31 8.99 -1.37
C GLU A 71 8.99 8.55 -0.75
N ILE A 72 8.22 7.83 -1.57
CA ILE A 72 6.80 7.63 -1.28
C ILE A 72 6.44 6.17 -1.08
N THR A 73 7.39 5.37 -0.61
CA THR A 73 7.13 4.01 -0.17
C THR A 73 5.85 4.05 0.65
N PRO A 74 4.91 3.11 0.49
CA PRO A 74 4.96 1.84 -0.24
C PRO A 74 4.82 1.91 -1.77
N PHE A 75 4.52 3.07 -2.35
CA PHE A 75 4.30 3.10 -3.80
C PHE A 75 5.58 2.71 -4.51
N ILE A 76 5.44 1.90 -5.57
CA ILE A 76 6.57 1.38 -6.32
C ILE A 76 6.59 2.07 -7.67
N GLU A 77 7.43 3.08 -7.78
CA GLU A 77 7.70 3.74 -9.05
C GLU A 77 9.13 3.43 -9.44
N LEU A 78 9.91 4.40 -9.88
CA LEU A 78 11.31 4.19 -10.19
C LEU A 78 12.16 5.01 -9.25
N ARG A 79 13.43 4.61 -9.15
CA ARG A 79 14.41 5.30 -8.33
C ARG A 79 15.66 5.55 -9.14
N LEU A 80 16.27 6.73 -8.92
CA LEU A 80 17.56 7.06 -9.49
C LEU A 80 18.35 7.74 -8.38
N TRP A 81 18.78 6.93 -7.41
CA TRP A 81 19.50 7.39 -6.25
C TRP A 81 20.98 7.13 -6.32
N GLU A 82 21.38 6.13 -7.12
CA GLU A 82 22.74 5.64 -7.16
C GLU A 82 22.96 5.09 -8.56
N ASP A 83 24.24 4.77 -8.85
CA ASP A 83 24.63 4.15 -10.10
C ASP A 83 23.97 2.79 -10.31
N LYS A 84 23.79 2.01 -9.22
CA LYS A 84 23.05 0.75 -9.17
C LYS A 84 21.75 0.81 -9.96
N ASP A 85 21.13 1.99 -9.96
CA ASP A 85 19.81 2.16 -10.56
C ASP A 85 19.84 2.27 -12.08
N ILE A 86 21.02 2.47 -12.67
CA ILE A 86 21.10 2.81 -14.09
C ILE A 86 20.81 1.61 -15.00
N PRO A 87 21.33 0.40 -14.73
CA PRO A 87 21.03 -0.71 -15.68
C PRO A 87 19.55 -0.91 -15.98
N GLY A 88 18.68 -0.83 -14.97
CA GLY A 88 17.24 -0.97 -15.23
C GLY A 88 16.69 0.15 -16.11
N LEU A 89 17.10 1.38 -15.85
CA LEU A 89 16.61 2.49 -16.65
C LEU A 89 17.12 2.40 -18.08
N ARG A 90 18.36 1.94 -18.26
CA ARG A 90 18.91 1.81 -19.61
C ARG A 90 18.14 0.77 -20.41
N ARG A 91 17.68 -0.30 -19.77
CA ARG A 91 16.86 -1.28 -20.46
C ARG A 91 15.57 -0.64 -20.98
N MET A 92 15.02 0.31 -20.23
CA MET A 92 13.80 0.99 -20.64
C MET A 92 14.05 1.95 -21.79
N SER A 93 15.06 2.81 -21.65
CA SER A 93 15.37 3.75 -22.73
C SER A 93 15.73 3.00 -24.00
N ASP A 94 16.51 1.90 -23.88
CA ASP A 94 16.80 1.09 -25.06
C ASP A 94 15.52 0.66 -25.75
N ALA A 95 14.55 0.13 -24.98
CA ALA A 95 13.34 -0.37 -25.60
C ALA A 95 12.53 0.75 -26.24
N MET A 96 12.57 1.95 -25.63
CA MET A 96 11.82 3.06 -26.17
C MET A 96 12.28 3.42 -27.57
N LYS A 97 13.58 3.31 -27.80
CA LYS A 97 14.21 3.84 -28.99
C LYS A 97 14.26 2.86 -30.15
N VAL A 98 14.01 1.58 -29.92
CA VAL A 98 14.22 0.61 -31.00
C VAL A 98 13.53 1.07 -32.27
N HIS A 99 12.31 1.59 -32.14
CA HIS A 99 11.45 1.89 -33.28
C HIS A 99 11.28 3.39 -33.50
N GLY A 100 12.18 4.23 -32.99
CA GLY A 100 12.21 5.62 -33.37
C GLY A 100 11.54 6.60 -32.42
N ALA A 101 11.10 6.16 -31.26
CA ALA A 101 10.55 7.11 -30.30
C ALA A 101 11.71 7.79 -29.58
N LEU A 102 11.45 9.01 -29.12
CA LEU A 102 12.34 9.63 -28.16
C LEU A 102 12.08 9.06 -26.76
N ALA A 103 13.15 8.86 -26.01
CA ALA A 103 13.10 8.24 -24.69
C ALA A 103 13.11 9.33 -23.63
N GLY A 104 12.10 9.32 -22.76
CA GLY A 104 11.93 10.33 -21.74
C GLY A 104 11.91 9.72 -20.37
N ILE A 105 12.52 10.39 -19.41
CA ILE A 105 12.47 10.00 -18.02
C ILE A 105 11.88 11.15 -17.21
N GLN A 106 10.99 10.83 -16.30
CA GLN A 106 10.40 11.82 -15.41
C GLN A 106 11.08 11.73 -14.06
N LEU A 107 11.57 12.88 -13.58
CA LEU A 107 12.30 12.99 -12.33
C LEU A 107 11.42 13.68 -11.29
N ALA A 108 11.45 13.17 -10.06
CA ALA A 108 10.58 13.67 -9.01
C ALA A 108 11.32 13.77 -7.69
N TYR A 109 11.00 14.83 -6.97
CA TYR A 109 11.35 15.02 -5.57
C TYR A 109 10.02 15.30 -4.88
N SER A 110 9.56 14.35 -4.06
CA SER A 110 8.17 14.38 -3.61
C SER A 110 7.91 15.46 -2.55
N GLY A 111 8.93 15.97 -1.88
CA GLY A 111 8.75 17.14 -1.02
C GLY A 111 7.76 16.87 0.11
N ILE A 112 6.76 17.73 0.24
CA ILE A 112 5.79 17.63 1.34
C ILE A 112 4.87 16.44 1.15
N ASN A 113 4.99 15.74 0.03
CA ASN A 113 4.25 14.51 -0.21
C ASN A 113 5.03 13.24 0.12
N GLY A 114 6.28 13.34 0.60
CA GLY A 114 7.11 12.17 0.77
C GLY A 114 7.48 11.88 2.21
N PRO A 115 6.86 10.87 2.82
CA PRO A 115 7.13 10.60 4.25
C PRO A 115 8.44 9.88 4.55
N ASN A 116 9.14 9.32 3.55
CA ASN A 116 10.45 8.67 3.74
C ASN A 116 10.35 7.46 4.66
N PHE A 117 9.29 6.68 4.55
CA PHE A 117 9.15 5.54 5.42
C PHE A 117 10.30 4.55 5.24
N TYR A 118 10.82 4.43 4.02
CA TYR A 118 11.88 3.47 3.72
C TYR A 118 13.26 4.02 4.10
N THR A 119 13.57 5.24 3.73
CA THR A 119 14.94 5.70 3.93
C THR A 119 15.19 6.23 5.34
N LYS A 120 14.15 6.74 5.99
CA LYS A 120 14.18 7.29 7.35
C LYS A 120 14.93 8.62 7.43
N GLU A 121 15.18 9.23 6.29
CA GLU A 121 15.61 10.61 6.20
C GLU A 121 14.49 11.57 6.64
N VAL A 122 14.92 12.73 7.08
CA VAL A 122 14.04 13.83 7.44
C VAL A 122 13.44 14.39 6.15
N PRO A 123 12.12 14.45 6.02
CA PRO A 123 11.53 15.03 4.81
C PRO A 123 11.71 16.54 4.77
N LEU A 124 11.76 17.07 3.56
CA LEU A 124 12.08 18.47 3.29
C LEU A 124 11.00 19.09 2.39
N ALA A 125 10.69 20.37 2.65
CA ALA A 125 9.64 21.07 1.91
C ALA A 125 9.92 22.56 1.95
N PRO A 126 9.19 23.35 1.16
CA PRO A 126 9.41 24.81 1.21
C PRO A 126 9.12 25.39 2.57
N SER A 127 8.03 24.95 3.20
CA SER A 127 7.64 25.39 4.54
C SER A 127 7.29 24.18 5.41
N ALA A 128 7.48 24.34 6.72
CA ALA A 128 7.37 23.23 7.67
C ALA A 128 5.90 22.93 7.94
N LEU A 129 5.43 21.78 7.44
CA LEU A 129 4.05 21.37 7.61
C LEU A 129 4.01 19.86 7.73
N PRO A 130 2.92 19.30 8.27
CA PRO A 130 2.69 17.86 8.15
C PRO A 130 2.76 17.40 6.69
N ILE A 131 3.27 16.18 6.52
CA ILE A 131 3.27 15.56 5.20
C ILE A 131 1.84 15.43 4.71
N ARG A 132 1.66 15.55 3.40
CA ARG A 132 0.35 15.57 2.75
C ARG A 132 0.26 14.36 1.81
N THR A 133 -0.48 13.33 2.24
CA THR A 133 -0.64 12.10 1.49
C THR A 133 -2.09 11.61 1.60
N PHE A 134 -2.38 10.49 0.94
CA PHE A 134 -3.69 9.86 1.09
C PHE A 134 -3.98 9.43 2.53
N THR A 135 -2.95 9.12 3.32
CA THR A 135 -3.11 8.28 4.51
C THR A 135 -2.77 8.97 5.84
N ASN A 136 -2.69 10.29 5.88
CA ASN A 136 -2.50 11.05 7.13
C ASN A 136 -1.29 10.52 7.89
N ASP A 137 -0.18 10.40 7.19
CA ASP A 137 0.99 9.85 7.82
C ASP A 137 1.48 10.81 8.90
N PRO A 138 1.97 10.29 10.03
CA PRO A 138 2.14 11.10 11.24
C PRO A 138 3.51 11.75 11.35
N VAL A 139 3.97 12.33 10.23
CA VAL A 139 5.29 12.95 10.18
C VAL A 139 5.13 14.30 9.52
N GLN A 140 6.08 15.19 9.82
CA GLN A 140 6.12 16.52 9.24
C GLN A 140 7.42 16.73 8.48
N ALA A 141 7.39 17.68 7.56
CA ALA A 141 8.58 18.06 6.82
C ALA A 141 9.25 19.26 7.50
N ARG A 142 10.58 19.25 7.42
CA ARG A 142 11.38 20.41 7.78
C ARG A 142 11.45 21.37 6.60
N ALA A 143 11.47 22.67 6.89
CA ALA A 143 11.65 23.67 5.86
C ALA A 143 13.08 23.69 5.33
N LEU A 144 13.21 23.66 4.01
CA LEU A 144 14.52 23.80 3.38
C LEU A 144 15.18 25.11 3.83
N ASP A 145 16.46 25.03 4.18
CA ASP A 145 17.29 26.23 4.33
C ASP A 145 18.04 26.46 3.01
N LYS A 146 18.82 27.53 2.96
CA LYS A 146 19.47 27.88 1.69
C LYS A 146 20.43 26.80 1.23
N GLN A 147 21.16 26.19 2.15
CA GLN A 147 22.11 25.16 1.76
C GLN A 147 21.38 23.92 1.24
N ASP A 148 20.27 23.57 1.89
CA ASP A 148 19.40 22.50 1.38
C ASP A 148 18.99 22.77 -0.06
N ILE A 149 18.66 24.02 -0.36
CA ILE A 149 18.20 24.33 -1.71
C ILE A 149 19.34 24.18 -2.70
N LYS A 150 20.54 24.61 -2.31
CA LYS A 150 21.73 24.38 -3.13
C LYS A 150 21.96 22.89 -3.32
N ASN A 151 21.85 22.11 -2.24
CA ASN A 151 21.99 20.66 -2.35
C ASN A 151 20.95 20.07 -3.31
N LEU A 152 19.68 20.45 -3.13
CA LEU A 152 18.61 19.92 -3.97
C LEU A 152 18.88 20.17 -5.46
N ARG A 153 19.33 21.37 -5.81
CA ARG A 153 19.70 21.64 -7.21
C ARG A 153 20.80 20.70 -7.67
N ARG A 154 21.84 20.54 -6.85
CA ARG A 154 22.90 19.59 -7.17
C ARG A 154 22.35 18.18 -7.35
N TRP A 155 21.40 17.76 -6.49
CA TRP A 155 20.85 16.41 -6.63
C TRP A 155 20.10 16.27 -7.95
N PHE A 156 19.40 17.33 -8.39
CA PHE A 156 18.76 17.29 -9.70
C PHE A 156 19.78 17.20 -10.83
N VAL A 157 20.90 17.93 -10.71
CA VAL A 157 21.96 17.82 -11.71
C VAL A 157 22.54 16.41 -11.72
N ASN A 158 22.83 15.86 -10.54
CA ASN A 158 23.33 14.49 -10.48
C ASN A 158 22.39 13.54 -11.21
N ALA A 159 21.08 13.70 -10.96
CA ALA A 159 20.11 12.81 -11.58
C ALA A 159 20.03 13.03 -13.07
N ALA A 160 20.16 14.29 -13.49
CA ALA A 160 20.15 14.56 -14.91
C ALA A 160 21.35 13.92 -15.58
N LYS A 161 22.52 13.96 -14.94
CA LYS A 161 23.68 13.30 -15.53
C LYS A 161 23.51 11.79 -15.55
N ARG A 162 22.98 11.21 -14.47
CA ARG A 162 22.71 9.79 -14.52
C ARG A 162 21.70 9.46 -15.61
N SER A 163 20.73 10.35 -15.84
CA SER A 163 19.72 10.08 -16.86
C SER A 163 20.35 10.09 -18.25
N LYS A 164 21.28 10.99 -18.50
CA LYS A 164 21.95 10.99 -19.79
C LYS A 164 22.72 9.69 -19.98
N ILE A 165 23.47 9.27 -18.95
CA ILE A 165 24.19 8.01 -19.02
C ILE A 165 23.23 6.85 -19.25
N ALA A 166 22.01 6.93 -18.71
CA ALA A 166 21.04 5.87 -18.89
C ALA A 166 20.35 5.92 -20.24
N GLY A 167 20.65 6.90 -21.08
CA GLY A 167 20.21 6.89 -22.46
C GLY A 167 18.95 7.66 -22.79
N PHE A 168 18.51 8.56 -21.93
CA PHE A 168 17.27 9.28 -22.16
C PHE A 168 17.53 10.57 -22.95
N ASP A 169 16.60 10.90 -23.83
CA ASP A 169 16.62 12.12 -24.62
C ASP A 169 15.91 13.29 -23.95
N LEU A 170 14.90 13.00 -23.15
CA LEU A 170 14.09 14.02 -22.50
C LEU A 170 14.08 13.76 -21.00
N ILE A 171 14.10 14.85 -20.25
CA ILE A 171 13.92 14.85 -18.81
C ILE A 171 12.67 15.68 -18.51
N CYS A 172 11.73 15.08 -17.81
CA CYS A 172 10.51 15.75 -17.39
C CYS A 172 10.62 16.05 -15.90
N LEU A 173 10.46 17.31 -15.55
CA LEU A 173 10.44 17.74 -14.15
C LEU A 173 8.99 17.67 -13.68
N TYR A 174 8.71 16.77 -12.73
CA TYR A 174 7.36 16.44 -12.31
C TYR A 174 6.78 17.49 -11.38
N GLY A 175 5.74 18.17 -11.83
CA GLY A 175 5.06 19.17 -11.01
C GLY A 175 3.56 19.18 -11.16
N ALA A 176 2.97 18.03 -11.43
CA ALA A 176 1.53 17.95 -11.67
C ALA A 176 0.86 17.15 -10.56
N HIS A 177 -0.48 17.15 -10.56
CA HIS A 177 -1.27 16.37 -9.62
C HIS A 177 -1.12 16.87 -8.21
N GLY A 178 -0.76 18.16 -8.06
CA GLY A 178 -0.46 18.73 -6.77
C GLY A 178 0.75 18.11 -6.10
N PHE A 179 1.51 17.30 -6.84
CA PHE A 179 2.59 16.49 -6.26
C PHE A 179 3.96 17.10 -6.52
N GLY A 180 4.83 17.04 -5.52
CA GLY A 180 6.24 17.28 -5.75
C GLY A 180 6.67 18.71 -5.50
N ILE A 181 8.00 18.85 -5.43
CA ILE A 181 8.60 20.05 -4.88
C ILE A 181 8.38 21.28 -5.78
N PHE A 182 8.28 21.09 -7.10
CA PHE A 182 8.06 22.24 -7.99
C PHE A 182 6.67 22.84 -7.78
N GLN A 183 5.65 22.00 -7.67
CA GLN A 183 4.33 22.51 -7.30
C GLN A 183 4.36 23.19 -5.95
N HIS A 184 5.10 22.59 -5.00
CA HIS A 184 5.09 23.10 -3.63
C HIS A 184 5.73 24.46 -3.51
N PHE A 185 6.77 24.74 -4.30
CA PHE A 185 7.37 26.07 -4.31
C PHE A 185 6.45 27.10 -4.97
N LEU A 186 5.69 26.69 -5.96
CA LEU A 186 4.83 27.63 -6.67
C LEU A 186 3.58 27.98 -5.87
N SER A 187 3.02 27.00 -5.16
CA SER A 187 1.77 27.21 -4.44
C SER A 187 1.98 28.05 -3.19
N ARG A 188 1.15 29.09 -3.03
CA ARG A 188 1.21 29.91 -1.81
C ARG A 188 0.69 29.15 -0.60
N ALA A 189 -0.03 28.05 -0.82
CA ALA A 189 -0.47 27.24 0.30
C ALA A 189 0.73 26.54 0.96
N THR A 190 1.56 25.90 0.16
CA THR A 190 2.68 25.13 0.67
C THR A 190 3.96 25.95 0.79
N ASN A 191 4.09 27.05 0.04
CA ASN A 191 5.28 27.88 0.08
C ASN A 191 4.92 29.17 0.81
N GLN A 192 5.19 29.21 2.11
CA GLN A 192 4.97 30.37 2.97
C GLN A 192 6.29 31.04 3.34
N ARG A 193 7.33 30.83 2.55
CA ARG A 193 8.62 31.41 2.86
C ARG A 193 8.56 32.93 2.73
N THR A 194 9.50 33.58 3.42
CA THR A 194 9.65 35.02 3.38
C THR A 194 10.99 35.44 2.80
N ASP A 195 11.82 34.49 2.39
CA ASP A 195 13.10 34.79 1.74
C ASP A 195 12.88 34.90 0.24
N GLU A 196 13.95 34.83 -0.54
CA GLU A 196 13.81 35.09 -1.97
C GLU A 196 13.18 33.93 -2.73
N TYR A 197 12.86 32.81 -2.07
CA TYR A 197 12.14 31.72 -2.71
C TYR A 197 10.64 31.74 -2.40
N GLY A 198 10.14 32.82 -1.78
CA GLY A 198 8.74 32.91 -1.46
C GLY A 198 8.20 34.31 -1.73
N GLY A 199 6.88 34.43 -1.56
CA GLY A 199 6.18 35.68 -1.77
C GLY A 199 5.71 35.87 -3.20
N SER A 200 6.42 36.70 -3.95
CA SER A 200 6.03 37.01 -5.32
C SER A 200 6.12 35.79 -6.22
N LEU A 201 5.33 35.80 -7.29
CA LEU A 201 5.39 34.74 -8.28
C LEU A 201 6.79 34.60 -8.85
N GLU A 202 7.50 35.71 -8.98
CA GLU A 202 8.87 35.65 -9.46
C GLU A 202 9.77 34.90 -8.47
N ASN A 203 9.59 35.14 -7.17
CA ASN A 203 10.38 34.40 -6.18
C ASN A 203 9.96 32.94 -6.10
N ARG A 204 8.67 32.66 -6.21
CA ARG A 204 8.17 31.31 -6.06
C ARG A 204 8.58 30.43 -7.24
N SER A 205 8.94 31.03 -8.37
CA SER A 205 9.43 30.26 -9.49
C SER A 205 10.93 30.33 -9.63
N ARG A 206 11.63 30.86 -8.61
CA ARG A 206 13.08 30.91 -8.62
C ARG A 206 13.68 29.49 -8.61
N PHE A 207 13.18 28.62 -7.74
CA PHE A 207 13.70 27.25 -7.68
C PHE A 207 13.63 26.59 -9.06
N ALA A 208 12.48 26.69 -9.73
CA ALA A 208 12.37 26.10 -11.07
C ALA A 208 13.37 26.69 -12.05
N ARG A 209 13.57 28.02 -12.01
CA ARG A 209 14.51 28.61 -12.97
C ARG A 209 15.93 28.13 -12.70
N GLU A 210 16.31 28.03 -11.43
CA GLU A 210 17.65 27.60 -11.08
C GLU A 210 17.88 26.13 -11.41
N VAL A 211 16.88 25.27 -11.17
CA VAL A 211 17.06 23.87 -11.52
C VAL A 211 17.19 23.70 -13.02
N VAL A 212 16.29 24.33 -13.79
CA VAL A 212 16.34 24.17 -15.23
C VAL A 212 17.68 24.66 -15.77
N GLU A 213 18.08 25.87 -15.36
CA GLU A 213 19.38 26.39 -15.79
C GLU A 213 20.48 25.42 -15.43
N ASP A 214 20.47 24.92 -14.18
CA ASP A 214 21.54 24.03 -13.77
C ASP A 214 21.57 22.77 -14.64
N ILE A 215 20.39 22.23 -14.97
CA ILE A 215 20.36 21.01 -15.77
C ILE A 215 20.80 21.28 -17.20
N LYS A 216 20.32 22.37 -17.82
CA LYS A 216 20.74 22.67 -19.18
C LYS A 216 22.24 22.83 -19.25
N GLU A 217 22.82 23.53 -18.28
CA GLU A 217 24.26 23.69 -18.22
C GLU A 217 24.97 22.34 -18.22
N ALA A 218 24.38 21.36 -17.54
CA ALA A 218 25.04 20.07 -17.43
C ALA A 218 24.84 19.19 -18.65
N VAL A 219 23.61 19.11 -19.18
CA VAL A 219 23.32 18.11 -20.21
C VAL A 219 22.49 18.69 -21.35
N GLY A 220 22.32 20.01 -21.37
CA GLY A 220 21.41 20.65 -22.31
C GLY A 220 21.78 20.49 -23.77
N ASP A 221 23.01 20.09 -24.08
CA ASP A 221 23.41 19.93 -25.48
C ASP A 221 22.78 18.70 -26.12
N THR A 222 22.47 17.68 -25.33
CA THR A 222 21.89 16.45 -25.85
C THR A 222 20.54 16.11 -25.25
N THR A 223 20.01 16.93 -24.35
CA THR A 223 18.85 16.53 -23.55
C THR A 223 17.86 17.68 -23.47
N ALA A 224 16.61 17.42 -23.83
CA ALA A 224 15.56 18.41 -23.70
C ALA A 224 14.97 18.33 -22.30
N ILE A 225 14.43 19.45 -21.80
CA ILE A 225 13.79 19.49 -20.49
C ILE A 225 12.33 19.87 -20.66
N THR A 226 11.44 19.02 -20.17
CA THR A 226 10.02 19.35 -20.11
C THR A 226 9.67 19.60 -18.66
N MET A 227 8.62 20.38 -18.44
CA MET A 227 8.07 20.63 -17.10
C MET A 227 6.62 20.21 -17.15
N ARG A 228 6.22 19.32 -16.25
CA ARG A 228 4.83 18.89 -16.16
C ARG A 228 4.20 19.68 -15.04
N VAL A 229 3.12 20.40 -15.37
CA VAL A 229 2.58 21.42 -14.49
C VAL A 229 1.14 21.10 -14.14
N SER A 230 0.77 21.47 -12.91
CA SER A 230 -0.58 21.35 -12.41
C SER A 230 -1.42 22.52 -12.93
N LEU A 231 -2.50 22.21 -13.65
CA LEU A 231 -3.30 23.24 -14.30
C LEU A 231 -4.21 23.99 -13.33
N ASP A 232 -4.41 23.49 -12.11
CA ASP A 232 -5.33 24.12 -11.18
C ASP A 232 -5.16 23.44 -9.82
N GLU A 233 -5.21 24.22 -8.76
CA GLU A 233 -5.07 23.71 -7.40
C GLU A 233 -6.03 24.48 -6.51
N THR A 234 -6.68 23.79 -5.58
CA THR A 234 -7.57 24.43 -4.63
C THR A 234 -7.16 24.02 -3.22
N ILE A 235 -6.62 24.97 -2.46
CA ILE A 235 -6.29 24.78 -1.06
C ILE A 235 -6.71 26.07 -0.38
N GLY A 236 -7.87 26.06 0.27
CA GLY A 236 -8.37 27.29 0.85
C GLY A 236 -8.41 28.37 -0.20
N GLU A 237 -7.89 29.54 0.12
CA GLU A 237 -7.79 30.64 -0.82
C GLU A 237 -6.40 30.75 -1.45
N LEU A 238 -5.52 29.80 -1.19
CA LEU A 238 -4.12 29.93 -1.56
C LEU A 238 -3.69 28.98 -2.68
N GLY A 239 -4.63 28.24 -3.27
CA GLY A 239 -4.25 27.28 -4.29
C GLY A 239 -3.66 27.97 -5.51
N PHE A 240 -2.74 27.27 -6.17
CA PHE A 240 -2.15 27.77 -7.40
C PHE A 240 -3.17 27.57 -8.51
N SER A 241 -3.95 28.63 -8.79
CA SER A 241 -5.10 28.55 -9.68
C SER A 241 -4.65 28.46 -11.15
N ASN A 242 -5.59 28.03 -11.99
CA ASN A 242 -5.35 28.05 -13.43
C ASN A 242 -4.91 29.44 -13.90
N ALA A 243 -5.53 30.49 -13.38
CA ALA A 243 -5.09 31.84 -13.74
C ALA A 243 -3.64 32.07 -13.35
N GLU A 244 -3.26 31.65 -12.14
CA GLU A 244 -1.87 31.79 -11.70
C GLU A 244 -0.94 30.94 -12.56
N VAL A 245 -1.34 29.72 -12.87
CA VAL A 245 -0.54 28.88 -13.76
C VAL A 245 -0.25 29.64 -15.06
N ARG A 246 -1.28 30.29 -15.60
CA ARG A 246 -1.09 31.05 -16.83
C ARG A 246 -0.07 32.16 -16.65
N GLU A 247 -0.06 32.83 -15.49
CA GLU A 247 0.94 33.87 -15.30
C GLU A 247 2.35 33.27 -15.16
N PHE A 248 2.46 32.16 -14.43
CA PHE A 248 3.74 31.44 -14.32
C PHE A 248 4.32 31.15 -15.70
N VAL A 249 3.48 30.64 -16.62
CA VAL A 249 3.96 30.24 -17.94
C VAL A 249 4.43 31.47 -18.72
N GLU A 250 3.57 32.50 -18.78
CA GLU A 250 3.92 33.75 -19.44
C GLU A 250 5.23 34.30 -18.90
N MET A 251 5.39 34.28 -17.57
CA MET A 251 6.58 34.82 -16.93
C MET A 251 7.82 34.02 -17.24
N ASN A 252 7.67 32.74 -17.53
CA ASN A 252 8.77 31.82 -17.74
C ASN A 252 8.62 31.14 -19.09
N ALA A 253 8.18 31.91 -20.08
CA ALA A 253 7.76 31.36 -21.36
C ALA A 253 8.86 30.54 -22.04
N ASN A 254 10.13 30.89 -21.83
CA ASN A 254 11.22 30.22 -22.50
C ASN A 254 12.02 29.32 -21.58
N LEU A 255 11.44 28.96 -20.45
CA LEU A 255 12.20 28.22 -19.44
C LEU A 255 12.41 26.76 -19.84
N PRO A 256 11.38 25.93 -19.97
CA PRO A 256 11.59 24.55 -20.41
C PRO A 256 11.64 24.51 -21.93
N ASP A 257 11.98 23.34 -22.45
CA ASP A 257 11.84 23.09 -23.87
C ASP A 257 10.42 22.72 -24.26
N LEU A 258 9.55 22.41 -23.29
CA LEU A 258 8.20 21.95 -23.57
C LEU A 258 7.36 22.00 -22.30
N TRP A 259 6.10 22.36 -22.46
CA TRP A 259 5.14 22.45 -21.36
C TRP A 259 4.24 21.22 -21.43
N ASP A 260 4.26 20.43 -20.38
CA ASP A 260 3.44 19.23 -20.27
C ASP A 260 2.33 19.56 -19.25
N LEU A 261 1.11 19.71 -19.74
CA LEU A 261 0.02 20.25 -18.93
C LEU A 261 -0.91 19.14 -18.44
N ALA A 262 -1.05 19.03 -17.11
CA ALA A 262 -1.90 18.03 -16.50
C ALA A 262 -2.70 18.65 -15.36
N GLN A 263 -3.68 17.91 -14.86
CA GLN A 263 -4.59 18.38 -13.82
C GLN A 263 -3.88 18.45 -12.45
N GLY A 264 -4.52 19.14 -11.52
CA GLY A 264 -3.93 19.41 -10.21
C GLY A 264 -4.14 18.35 -9.16
N THR A 265 -4.97 17.35 -9.44
CA THR A 265 -4.99 16.12 -8.66
C THR A 265 -5.04 14.94 -9.61
N TRP A 266 -4.51 13.80 -9.16
CA TRP A 266 -4.59 12.59 -9.96
C TRP A 266 -6.04 12.19 -10.21
N GLU A 267 -6.87 12.31 -9.17
CA GLU A 267 -8.30 12.06 -9.28
C GLU A 267 -8.93 12.85 -10.43
N ASP A 268 -8.51 14.11 -10.59
CA ASP A 268 -9.10 14.94 -11.63
C ASP A 268 -8.50 14.62 -13.00
N CYS A 269 -7.21 14.25 -13.03
CA CYS A 269 -6.48 14.07 -14.28
C CYS A 269 -6.86 12.77 -14.98
N SER A 270 -6.78 11.64 -14.26
CA SER A 270 -7.20 10.34 -14.79
C SER A 270 -8.73 10.21 -14.64
N GLY A 271 -9.43 11.02 -15.41
CA GLY A 271 -10.86 11.10 -15.28
C GLY A 271 -11.55 9.78 -15.59
N PRO A 272 -12.31 9.23 -14.62
CA PRO A 272 -13.12 8.05 -14.94
C PRO A 272 -14.16 8.41 -15.99
N SER A 273 -14.47 7.46 -16.86
CA SER A 273 -15.49 7.72 -17.88
C SER A 273 -16.86 7.90 -17.23
N ARG A 274 -17.06 7.30 -16.05
CA ARG A 274 -18.31 7.44 -15.29
C ARG A 274 -18.59 8.90 -14.91
N PHE A 275 -17.57 9.75 -14.85
CA PHE A 275 -17.75 11.13 -14.41
C PHE A 275 -17.19 12.17 -15.35
N LYS A 276 -16.34 11.79 -16.32
CA LYS A 276 -15.65 12.76 -17.16
C LYS A 276 -15.70 12.28 -18.59
N GLU A 277 -16.03 13.18 -19.50
CA GLU A 277 -16.01 12.90 -20.93
C GLU A 277 -14.61 13.15 -21.50
N GLU A 278 -14.37 12.58 -22.68
CA GLU A 278 -13.14 12.83 -23.42
C GLU A 278 -12.94 14.32 -23.62
N GLY A 279 -11.69 14.75 -23.55
CA GLY A 279 -11.35 16.15 -23.77
C GLY A 279 -11.67 17.06 -22.60
N ALA A 280 -11.77 16.50 -21.39
CA ALA A 280 -12.26 17.25 -20.24
C ALA A 280 -11.32 18.38 -19.80
N GLN A 281 -10.07 18.40 -20.23
CA GLN A 281 -9.13 19.43 -19.77
C GLN A 281 -8.99 20.58 -20.76
N GLU A 282 -9.79 20.61 -21.83
CA GLU A 282 -9.61 21.61 -22.89
C GLU A 282 -9.75 23.03 -22.34
N ILE A 283 -10.76 23.27 -21.50
CA ILE A 283 -10.97 24.62 -20.97
C ILE A 283 -9.76 25.10 -20.18
N LEU A 284 -9.20 24.22 -19.34
CA LEU A 284 -8.02 24.56 -18.55
C LEU A 284 -6.81 24.90 -19.40
N VAL A 285 -6.76 24.41 -20.65
CA VAL A 285 -5.56 24.45 -21.47
C VAL A 285 -5.67 25.48 -22.58
N LYS A 286 -6.86 25.68 -23.15
CA LYS A 286 -7.05 26.62 -24.25
C LYS A 286 -6.43 27.98 -23.93
N GLY A 287 -5.64 28.50 -24.87
CA GLY A 287 -4.98 29.78 -24.72
C GLY A 287 -3.54 29.71 -24.25
N ILE A 288 -3.18 28.67 -23.49
CA ILE A 288 -1.82 28.59 -22.97
C ILE A 288 -0.78 28.59 -24.09
N ARG A 289 -1.07 27.92 -25.21
CA ARG A 289 -0.11 27.89 -26.31
C ARG A 289 0.29 29.29 -26.76
N GLU A 290 -0.60 30.27 -26.63
CA GLU A 290 -0.32 31.64 -27.05
C GLU A 290 0.68 32.34 -26.12
N LEU A 291 0.94 31.78 -24.94
CA LEU A 291 1.74 32.45 -23.94
C LEU A 291 3.22 32.09 -24.04
N SER A 292 3.55 30.95 -24.65
CA SER A 292 4.92 30.48 -24.80
C SER A 292 5.16 30.02 -26.22
N SER A 293 6.38 30.20 -26.73
CA SER A 293 6.71 29.61 -28.02
C SER A 293 7.13 28.14 -27.91
N LYS A 294 7.04 27.51 -26.70
CA LYS A 294 7.50 26.12 -26.58
C LYS A 294 6.31 25.18 -26.80
N PRO A 295 6.53 23.99 -27.38
CA PRO A 295 5.40 23.09 -27.64
C PRO A 295 4.67 22.71 -26.35
N VAL A 296 3.39 22.39 -26.50
CA VAL A 296 2.50 22.03 -25.40
C VAL A 296 1.95 20.62 -25.64
N VAL A 297 2.01 19.79 -24.60
CA VAL A 297 1.35 18.49 -24.57
C VAL A 297 0.20 18.58 -23.58
N GLY A 298 -0.93 17.95 -23.91
CA GLY A 298 -2.04 17.85 -22.98
C GLY A 298 -2.70 16.48 -23.07
N VAL A 299 -3.52 16.16 -22.07
CA VAL A 299 -4.23 14.90 -22.01
C VAL A 299 -5.74 15.14 -21.97
N GLY A 300 -6.48 14.06 -22.19
CA GLY A 300 -7.93 14.13 -22.22
C GLY A 300 -8.63 12.81 -22.47
N ARG A 301 -8.03 11.71 -21.99
CA ARG A 301 -8.44 10.35 -22.35
C ARG A 301 -8.73 10.24 -23.84
N PHE A 302 -7.76 10.71 -24.63
CA PHE A 302 -7.94 10.80 -26.09
C PHE A 302 -7.98 9.41 -26.72
N THR A 303 -9.18 8.97 -27.12
CA THR A 303 -9.34 7.77 -27.93
C THR A 303 -9.95 8.03 -29.31
N SER A 304 -10.50 9.23 -29.57
CA SER A 304 -11.10 9.55 -30.87
C SER A 304 -10.11 10.27 -31.75
N PRO A 305 -9.74 9.74 -32.92
CA PRO A 305 -8.83 10.49 -33.79
C PRO A 305 -9.38 11.85 -34.20
N ASP A 306 -10.70 12.00 -34.31
CA ASP A 306 -11.27 13.30 -34.69
C ASP A 306 -11.04 14.33 -33.60
N VAL A 307 -11.25 13.94 -32.34
CA VAL A 307 -10.92 14.82 -31.22
C VAL A 307 -9.43 15.16 -31.25
N MET A 308 -8.58 14.16 -31.47
CA MET A 308 -7.14 14.39 -31.50
C MET A 308 -6.76 15.42 -32.57
N ALA A 309 -7.21 15.22 -33.80
CA ALA A 309 -6.86 16.15 -34.87
C ALA A 309 -7.39 17.55 -34.57
N ARG A 310 -8.59 17.65 -33.96
CA ARG A 310 -9.15 18.96 -33.66
C ARG A 310 -8.31 19.71 -32.62
N MET A 311 -7.83 19.00 -31.59
CA MET A 311 -6.99 19.64 -30.58
C MET A 311 -5.80 20.33 -31.20
N VAL A 312 -5.21 19.70 -32.24
CA VAL A 312 -4.04 20.29 -32.89
C VAL A 312 -4.47 21.36 -33.90
N ARG A 313 -5.50 21.05 -34.69
CA ARG A 313 -5.97 21.96 -35.74
C ARG A 313 -6.46 23.28 -35.14
N GLN A 314 -7.20 23.22 -34.04
CA GLN A 314 -7.72 24.41 -33.38
C GLN A 314 -6.70 25.05 -32.45
N GLY A 315 -5.44 24.60 -32.48
CA GLY A 315 -4.39 25.25 -31.74
C GLY A 315 -4.39 25.05 -30.23
N VAL A 316 -4.99 23.98 -29.73
CA VAL A 316 -4.99 23.74 -28.29
C VAL A 316 -3.69 23.07 -27.85
N LEU A 317 -3.21 22.11 -28.64
CA LEU A 317 -2.07 21.30 -28.28
C LEU A 317 -1.14 21.16 -29.48
N ASP A 318 0.15 21.01 -29.20
CA ASP A 318 1.08 20.56 -30.23
C ASP A 318 1.23 19.05 -30.24
N PHE A 319 1.09 18.41 -29.09
CA PHE A 319 1.25 16.96 -28.97
C PHE A 319 -0.01 16.41 -28.33
N ILE A 320 -0.47 15.27 -28.85
CA ILE A 320 -1.57 14.52 -28.25
C ILE A 320 -0.99 13.61 -27.17
N GLY A 321 -1.20 13.98 -25.91
CA GLY A 321 -0.71 13.21 -24.79
C GLY A 321 -1.69 12.11 -24.42
N CYS A 322 -1.16 10.91 -24.20
CA CYS A 322 -1.98 9.77 -23.81
C CYS A 322 -1.27 8.98 -22.74
N ALA A 323 -2.02 8.63 -21.70
CA ALA A 323 -1.59 7.59 -20.79
C ALA A 323 -2.50 6.39 -20.98
N ARG A 324 -3.70 6.44 -20.43
CA ARG A 324 -4.58 5.28 -20.49
C ARG A 324 -4.93 4.83 -21.91
N PRO A 325 -5.16 5.72 -22.88
CA PRO A 325 -5.42 5.25 -24.26
C PRO A 325 -4.26 4.44 -24.84
N SER A 326 -3.02 4.74 -24.43
CA SER A 326 -1.86 3.99 -24.90
C SER A 326 -1.69 2.66 -24.15
N ILE A 327 -2.25 2.55 -22.95
CA ILE A 327 -2.30 1.27 -22.26
C ILE A 327 -3.33 0.35 -22.90
N ALA A 328 -4.53 0.86 -23.13
CA ALA A 328 -5.59 0.09 -23.78
C ALA A 328 -5.21 -0.29 -25.21
N ASP A 329 -4.59 0.63 -25.94
CA ASP A 329 -4.15 0.34 -27.30
C ASP A 329 -2.78 0.94 -27.56
N PRO A 330 -1.70 0.20 -27.27
CA PRO A 330 -0.35 0.71 -27.58
C PRO A 330 -0.11 0.99 -29.06
N PHE A 331 -0.90 0.41 -29.97
CA PHE A 331 -0.77 0.59 -31.41
C PHE A 331 -1.74 1.64 -31.97
N LEU A 332 -2.33 2.46 -31.10
CA LEU A 332 -3.20 3.55 -31.55
C LEU A 332 -2.56 4.43 -32.62
N PRO A 333 -1.31 4.89 -32.48
CA PRO A 333 -0.73 5.73 -33.54
C PRO A 333 -0.56 5.01 -34.86
N LYS A 334 -0.09 3.77 -34.83
CA LYS A 334 0.09 3.01 -36.06
C LYS A 334 -1.24 2.75 -36.76
N LYS A 335 -2.31 2.52 -35.98
CA LYS A 335 -3.60 2.24 -36.61
C LYS A 335 -4.15 3.49 -37.30
N ILE A 336 -3.94 4.67 -36.71
CA ILE A 336 -4.33 5.91 -37.38
C ILE A 336 -3.45 6.13 -38.59
N GLU A 337 -2.17 5.82 -38.49
CA GLU A 337 -1.26 6.07 -39.61
C GLU A 337 -1.66 5.21 -40.81
N GLU A 338 -2.10 3.98 -40.56
CA GLU A 338 -2.47 3.03 -41.61
C GLU A 338 -3.94 3.06 -41.98
N GLY A 339 -4.71 4.01 -41.46
CA GLY A 339 -6.11 4.09 -41.82
C GLY A 339 -6.96 2.95 -41.31
N ARG A 340 -6.56 2.31 -40.22
CA ARG A 340 -7.40 1.30 -39.57
C ARG A 340 -8.01 1.85 -38.27
N ILE A 341 -8.73 2.98 -38.37
CA ILE A 341 -9.36 3.56 -37.19
C ILE A 341 -10.33 2.57 -36.57
N GLU A 342 -10.99 1.75 -37.39
CA GLU A 342 -11.95 0.77 -36.91
C GLU A 342 -11.32 -0.31 -36.02
N ASP A 343 -10.01 -0.43 -35.99
CA ASP A 343 -9.34 -1.43 -35.16
C ASP A 343 -8.86 -0.90 -33.82
N ILE A 344 -9.10 0.39 -33.52
CA ILE A 344 -8.64 0.95 -32.27
C ILE A 344 -9.37 0.29 -31.10
N ARG A 345 -8.61 -0.13 -30.11
CA ARG A 345 -9.15 -0.66 -28.84
C ARG A 345 -9.27 0.50 -27.86
N GLU A 346 -10.49 0.99 -27.68
CA GLU A 346 -10.70 2.25 -26.97
C GLU A 346 -10.70 2.03 -25.47
N CYS A 347 -9.93 2.85 -24.76
CA CYS A 347 -9.99 2.90 -23.29
C CYS A 347 -11.40 3.19 -22.80
N ILE A 348 -11.83 2.47 -21.76
CA ILE A 348 -13.16 2.63 -21.20
C ILE A 348 -13.18 3.49 -19.97
N GLY A 349 -12.02 3.95 -19.50
CA GLY A 349 -11.99 4.86 -18.36
C GLY A 349 -12.44 4.25 -17.05
N CYS A 350 -12.19 2.94 -16.86
CA CYS A 350 -12.50 2.22 -15.62
C CYS A 350 -11.45 2.42 -14.53
N ASN A 351 -10.26 2.86 -14.90
CA ASN A 351 -9.13 3.10 -14.00
C ASN A 351 -8.67 1.84 -13.28
N ILE A 352 -8.93 0.65 -13.86
CA ILE A 352 -8.39 -0.58 -13.26
C ILE A 352 -6.87 -0.55 -13.25
N CYS A 353 -6.26 0.09 -14.27
CA CYS A 353 -4.81 0.24 -14.36
C CYS A 353 -4.21 0.94 -13.13
N ILE A 354 -4.92 1.94 -12.61
CA ILE A 354 -4.46 2.67 -11.43
C ILE A 354 -4.49 1.77 -10.20
N THR A 355 -5.41 0.83 -10.15
CA THR A 355 -5.46 -0.01 -8.96
C THR A 355 -4.18 -0.81 -8.79
N GLY A 356 -3.48 -1.12 -9.90
CA GLY A 356 -2.21 -1.82 -9.82
C GLY A 356 -1.11 -0.99 -9.19
N ASP A 357 -1.13 0.33 -9.40
CA ASP A 357 -0.23 1.24 -8.69
C ASP A 357 -0.63 1.38 -7.22
N MET A 358 -1.94 1.43 -6.96
CA MET A 358 -2.41 1.62 -5.60
C MET A 358 -2.26 0.36 -4.75
N THR A 359 -2.13 -0.81 -5.37
CA THR A 359 -1.90 -2.07 -4.66
C THR A 359 -0.52 -2.66 -4.97
N MET A 360 0.36 -1.90 -5.63
CA MET A 360 1.77 -2.25 -5.83
C MET A 360 1.94 -3.65 -6.43
N SER A 361 1.19 -3.91 -7.53
CA SER A 361 0.97 -5.30 -7.95
C SER A 361 1.04 -5.56 -9.47
N ILE A 362 1.63 -4.68 -10.24
CA ILE A 362 1.71 -4.76 -11.70
C ILE A 362 0.32 -4.59 -12.30
N SER A 363 0.16 -3.51 -13.05
CA SER A 363 -1.14 -3.06 -13.50
C SER A 363 -1.70 -3.99 -14.56
N ARG A 364 -3.03 -4.12 -14.53
CA ARG A 364 -3.85 -4.73 -15.55
C ARG A 364 -4.49 -3.63 -16.38
N CYS A 365 -5.01 -4.03 -17.53
CA CYS A 365 -5.90 -3.20 -18.33
C CYS A 365 -7.10 -4.03 -18.73
N THR A 366 -8.29 -3.50 -18.47
CA THR A 366 -9.53 -4.22 -18.80
C THR A 366 -9.62 -4.54 -20.29
N GLN A 367 -9.29 -3.55 -21.14
CA GLN A 367 -9.32 -3.72 -22.59
C GLN A 367 -8.14 -4.53 -23.11
N ASN A 368 -6.95 -4.34 -22.56
CA ASN A 368 -5.72 -4.91 -23.11
C ASN A 368 -5.08 -5.84 -22.09
N PRO A 369 -5.52 -7.10 -22.05
CA PRO A 369 -4.93 -8.04 -21.08
C PRO A 369 -3.44 -8.30 -21.27
N THR A 370 -2.85 -7.93 -22.42
CA THR A 370 -1.42 -8.15 -22.60
C THR A 370 -0.58 -7.07 -21.93
N PHE A 371 -1.20 -5.97 -21.50
CA PHE A 371 -0.46 -4.92 -20.84
C PHE A 371 0.31 -5.47 -19.65
N MET A 372 1.60 -5.18 -19.63
CA MET A 372 2.53 -5.61 -18.58
C MET A 372 2.63 -7.12 -18.47
N GLU A 373 2.17 -7.86 -19.50
CA GLU A 373 2.44 -9.29 -19.63
C GLU A 373 3.36 -9.58 -20.82
N GLU A 374 3.94 -8.54 -21.43
CA GLU A 374 4.77 -8.73 -22.62
C GLU A 374 6.07 -9.47 -22.27
N TRP A 375 6.79 -8.98 -21.27
CA TRP A 375 7.98 -9.69 -20.79
C TRP A 375 7.61 -10.93 -19.97
N ARG A 376 6.63 -10.80 -19.06
CA ARG A 376 6.31 -11.90 -18.15
C ARG A 376 5.93 -13.17 -18.90
N LYS A 377 5.07 -13.04 -19.92
CA LYS A 377 4.49 -14.20 -20.57
C LYS A 377 4.65 -14.20 -22.08
N GLY A 378 5.36 -13.24 -22.63
CA GLY A 378 5.53 -13.17 -24.08
C GLY A 378 4.32 -12.67 -24.83
N TRP A 379 3.37 -12.04 -24.16
CA TRP A 379 2.15 -11.62 -24.83
C TRP A 379 2.35 -10.30 -25.58
N HIS A 380 1.45 -10.03 -26.51
CA HIS A 380 1.63 -8.90 -27.39
C HIS A 380 0.24 -8.43 -27.80
N PRO A 381 -0.02 -7.12 -27.83
CA PRO A 381 -1.39 -6.66 -28.09
C PRO A 381 -1.85 -6.85 -29.53
N GLU A 382 -0.97 -7.16 -30.49
CA GLU A 382 -1.36 -7.25 -31.89
C GLU A 382 -0.83 -8.51 -32.57
N ARG A 383 -0.31 -9.47 -31.82
CA ARG A 383 0.20 -10.71 -32.36
C ARG A 383 -0.19 -11.83 -31.42
N MET A 384 -0.69 -12.92 -31.96
CA MET A 384 -0.91 -14.13 -31.19
C MET A 384 0.17 -15.15 -31.55
N ASN A 385 0.42 -16.08 -30.64
CA ASN A 385 1.28 -17.22 -30.96
C ASN A 385 0.59 -18.12 -31.99
N ALA A 386 1.39 -18.79 -32.81
CA ALA A 386 0.83 -19.62 -33.86
C ALA A 386 0.01 -20.77 -33.29
N LYS A 387 -1.08 -21.10 -33.98
CA LYS A 387 -1.87 -22.29 -33.65
C LYS A 387 -0.96 -23.47 -33.42
N GLY A 388 -1.32 -24.30 -32.44
CA GLY A 388 -0.65 -25.56 -32.19
C GLY A 388 -1.27 -26.66 -33.05
N ASP A 389 -1.14 -27.91 -32.58
CA ASP A 389 -1.54 -29.06 -33.39
C ASP A 389 -3.05 -29.29 -33.42
N SER A 390 -3.82 -28.83 -32.43
CA SER A 390 -5.27 -29.04 -32.45
C SER A 390 -5.93 -28.10 -33.48
N ASN A 391 -7.21 -28.33 -33.75
CA ASN A 391 -7.89 -27.53 -34.78
C ASN A 391 -9.20 -26.88 -34.35
N THR A 392 -9.99 -27.53 -33.49
CA THR A 392 -11.31 -27.01 -33.18
C THR A 392 -11.45 -26.72 -31.68
N VAL A 393 -12.12 -25.59 -31.38
CA VAL A 393 -12.37 -25.15 -30.02
C VAL A 393 -13.83 -24.73 -29.92
N LEU A 394 -14.49 -25.15 -28.87
CA LEU A 394 -15.79 -24.65 -28.51
C LEU A 394 -15.65 -23.70 -27.32
N VAL A 395 -16.17 -22.49 -27.47
CA VAL A 395 -16.23 -21.50 -26.40
C VAL A 395 -17.70 -21.34 -26.02
N VAL A 396 -18.01 -21.63 -24.76
CA VAL A 396 -19.39 -21.58 -24.29
C VAL A 396 -19.56 -20.35 -23.41
N GLY A 397 -20.34 -19.40 -23.92
CA GLY A 397 -20.62 -18.15 -23.25
C GLY A 397 -19.91 -17.01 -23.93
N ALA A 398 -20.64 -15.95 -24.27
CA ALA A 398 -20.09 -14.78 -24.96
C ALA A 398 -20.08 -13.55 -24.06
N GLY A 399 -19.65 -13.73 -22.81
CA GLY A 399 -19.30 -12.61 -21.97
C GLY A 399 -17.92 -12.14 -22.34
N PRO A 400 -17.39 -11.19 -21.56
CA PRO A 400 -16.02 -10.72 -21.81
C PRO A 400 -15.01 -11.87 -21.86
N ALA A 401 -15.18 -12.89 -21.03
CA ALA A 401 -14.24 -14.01 -21.05
C ALA A 401 -14.34 -14.80 -22.34
N GLY A 402 -15.54 -15.25 -22.68
CA GLY A 402 -15.69 -16.04 -23.91
C GLY A 402 -15.35 -15.26 -25.16
N LEU A 403 -15.73 -13.97 -25.19
CA LEU A 403 -15.43 -13.14 -26.35
C LEU A 403 -13.94 -12.98 -26.54
N GLU A 404 -13.20 -12.74 -25.45
CA GLU A 404 -11.76 -12.56 -25.62
C GLU A 404 -11.09 -13.88 -26.00
N ALA A 405 -11.53 -14.99 -25.40
CA ALA A 405 -11.01 -16.28 -25.85
C ALA A 405 -11.29 -16.48 -27.34
N THR A 406 -12.52 -16.22 -27.77
CA THR A 406 -12.85 -16.41 -29.19
C THR A 406 -11.95 -15.55 -30.07
N ARG A 407 -11.89 -14.24 -29.79
CA ARG A 407 -11.10 -13.33 -30.62
C ARG A 407 -9.66 -13.80 -30.72
N ALA A 408 -9.05 -14.13 -29.58
CA ALA A 408 -7.62 -14.41 -29.56
C ALA A 408 -7.34 -15.76 -30.20
N LEU A 409 -8.25 -16.74 -30.00
CA LEU A 409 -8.08 -18.06 -30.60
C LEU A 409 -8.18 -17.99 -32.12
N SER A 410 -9.16 -17.23 -32.63
CA SER A 410 -9.29 -17.10 -34.09
C SER A 410 -8.03 -16.50 -34.69
N LEU A 411 -7.41 -15.53 -34.00
CA LEU A 411 -6.17 -14.95 -34.50
C LEU A 411 -5.00 -15.95 -34.46
N ARG A 412 -5.05 -16.97 -33.60
CA ARG A 412 -4.00 -17.98 -33.69
C ARG A 412 -4.22 -18.90 -34.88
N GLY A 413 -5.45 -19.00 -35.37
CA GLY A 413 -5.78 -19.87 -36.48
C GLY A 413 -6.76 -20.99 -36.15
N TYR A 414 -7.20 -21.16 -34.90
CA TYR A 414 -8.15 -22.23 -34.59
C TYR A 414 -9.47 -21.99 -35.30
N ASP A 415 -10.16 -23.08 -35.62
CA ASP A 415 -11.57 -23.00 -35.98
C ASP A 415 -12.38 -22.92 -34.69
N VAL A 416 -13.13 -21.84 -34.51
CA VAL A 416 -13.76 -21.57 -33.23
C VAL A 416 -15.26 -21.49 -33.44
N THR A 417 -15.99 -22.18 -32.60
CA THR A 417 -17.42 -22.07 -32.49
C THR A 417 -17.73 -21.45 -31.14
N LEU A 418 -18.47 -20.34 -31.16
CA LEU A 418 -18.89 -19.61 -29.97
C LEU A 418 -20.39 -19.80 -29.81
N ALA A 419 -20.79 -20.37 -28.68
CA ALA A 419 -22.18 -20.65 -28.38
C ALA A 419 -22.63 -19.75 -27.24
N GLU A 420 -23.75 -19.03 -27.45
CA GLU A 420 -24.31 -18.12 -26.47
C GLU A 420 -25.78 -18.44 -26.20
N ALA A 421 -26.15 -18.44 -24.92
CA ALA A 421 -27.50 -18.85 -24.54
C ALA A 421 -28.57 -17.82 -24.91
N THR A 422 -28.26 -16.52 -24.89
CA THR A 422 -29.25 -15.51 -25.22
C THR A 422 -29.11 -15.09 -26.69
N THR A 423 -29.74 -13.98 -27.05
CA THR A 423 -29.65 -13.46 -28.40
C THR A 423 -28.59 -12.38 -28.55
N THR A 424 -27.83 -12.10 -27.49
CA THR A 424 -26.94 -10.96 -27.42
C THR A 424 -25.51 -11.35 -27.03
N LEU A 425 -24.54 -10.73 -27.69
CA LEU A 425 -23.15 -10.84 -27.24
C LEU A 425 -22.89 -9.91 -26.07
N GLY A 426 -22.01 -10.32 -25.16
CA GLY A 426 -21.45 -9.43 -24.15
C GLY A 426 -21.71 -9.82 -22.70
N GLY A 427 -22.63 -10.73 -22.42
CA GLY A 427 -22.86 -11.19 -21.07
C GLY A 427 -23.09 -10.04 -20.11
N ARG A 428 -22.34 -10.04 -18.99
CA ARG A 428 -22.53 -9.00 -17.99
C ARG A 428 -22.26 -7.61 -18.54
N VAL A 429 -21.37 -7.48 -19.52
CA VAL A 429 -21.08 -6.14 -20.01
C VAL A 429 -22.23 -5.62 -20.85
N ALA A 430 -22.92 -6.50 -21.59
CA ALA A 430 -24.07 -6.06 -22.36
C ALA A 430 -25.16 -5.51 -21.45
N ARG A 431 -25.28 -6.04 -20.23
CA ARG A 431 -26.23 -5.55 -19.24
C ARG A 431 -25.68 -4.36 -18.44
N GLU A 432 -24.41 -4.43 -17.98
CA GLU A 432 -23.89 -3.35 -17.15
C GLU A 432 -23.70 -2.05 -17.94
N ARG A 433 -23.44 -2.13 -19.24
CA ARG A 433 -23.23 -0.93 -20.04
C ARG A 433 -24.46 -0.02 -20.07
N LEU A 434 -25.64 -0.54 -19.75
CA LEU A 434 -26.86 0.23 -19.70
C LEU A 434 -27.08 0.92 -18.37
N LEU A 435 -26.24 0.67 -17.37
CA LEU A 435 -26.44 1.24 -16.06
C LEU A 435 -25.86 2.65 -16.02
N PRO A 436 -26.33 3.48 -15.10
CA PRO A 436 -25.89 4.90 -15.06
C PRO A 436 -24.39 5.03 -14.88
N GLY A 437 -23.74 5.70 -15.83
CA GLY A 437 -22.33 5.97 -15.78
C GLY A 437 -21.41 4.91 -16.34
N LEU A 438 -21.93 3.79 -16.84
CA LEU A 438 -21.08 2.68 -17.28
C LEU A 438 -21.13 2.48 -18.80
N SER A 439 -21.63 3.45 -19.55
CA SER A 439 -21.87 3.21 -20.98
C SER A 439 -20.57 2.98 -21.72
N ALA A 440 -19.51 3.71 -21.37
CA ALA A 440 -18.24 3.54 -22.04
C ALA A 440 -17.68 2.14 -21.83
N TRP A 441 -18.08 1.45 -20.77
CA TRP A 441 -17.56 0.12 -20.53
C TRP A 441 -18.02 -0.85 -21.62
N GLY A 442 -19.08 -0.49 -22.36
CA GLY A 442 -19.56 -1.28 -23.48
C GLY A 442 -18.54 -1.46 -24.59
N ARG A 443 -17.53 -0.60 -24.64
CA ARG A 443 -16.48 -0.78 -25.66
C ARG A 443 -15.75 -2.11 -25.51
N VAL A 444 -15.84 -2.75 -24.35
CA VAL A 444 -15.24 -4.08 -24.18
C VAL A 444 -15.92 -5.09 -25.10
N VAL A 445 -17.24 -5.01 -25.22
CA VAL A 445 -17.97 -5.89 -26.12
C VAL A 445 -17.76 -5.46 -27.57
N ASP A 446 -17.93 -4.17 -27.87
CA ASP A 446 -17.96 -3.73 -29.25
C ASP A 446 -16.64 -4.00 -29.94
N TYR A 447 -15.53 -3.75 -29.26
CA TYR A 447 -14.24 -4.06 -29.83
C TYR A 447 -14.18 -5.53 -30.27
N ARG A 448 -14.58 -6.42 -29.37
CA ARG A 448 -14.45 -7.85 -29.66
C ARG A 448 -15.47 -8.32 -30.68
N GLN A 449 -16.72 -7.85 -30.56
CA GLN A 449 -17.73 -8.13 -31.57
C GLN A 449 -17.26 -7.74 -32.95
N TYR A 450 -16.73 -6.52 -33.12
CA TYR A 450 -16.28 -6.11 -34.45
C TYR A 450 -15.14 -6.99 -34.93
N GLN A 451 -14.13 -7.22 -34.08
CA GLN A 451 -12.97 -8.01 -34.49
C GLN A 451 -13.37 -9.42 -34.92
N ILE A 452 -14.27 -10.04 -34.18
CA ILE A 452 -14.71 -11.39 -34.53
C ILE A 452 -15.49 -11.39 -35.84
N SER A 453 -16.27 -10.34 -36.11
CA SER A 453 -17.05 -10.29 -37.32
C SER A 453 -16.18 -10.29 -38.58
N GLN A 454 -14.92 -9.88 -38.46
CA GLN A 454 -13.99 -9.88 -39.57
C GLN A 454 -13.29 -11.21 -39.77
N ARG A 455 -13.60 -12.23 -38.97
CA ARG A 455 -12.88 -13.51 -39.02
C ARG A 455 -13.73 -14.55 -39.73
N THR A 456 -13.10 -15.28 -40.65
CA THR A 456 -13.76 -16.36 -41.37
C THR A 456 -13.75 -17.69 -40.63
N ASN A 457 -12.94 -17.82 -39.58
CA ASN A 457 -12.80 -19.05 -38.82
C ASN A 457 -13.58 -19.05 -37.51
N VAL A 458 -14.65 -18.25 -37.41
CA VAL A 458 -15.47 -18.19 -36.21
C VAL A 458 -16.92 -18.37 -36.61
N GLU A 459 -17.61 -19.32 -35.99
CA GLU A 459 -19.05 -19.46 -36.12
C GLU A 459 -19.68 -19.22 -34.76
N THR A 460 -20.76 -18.42 -34.73
CA THR A 460 -21.43 -18.01 -33.52
C THR A 460 -22.89 -18.46 -33.51
N TYR A 461 -23.28 -19.22 -32.48
CA TYR A 461 -24.63 -19.73 -32.30
C TYR A 461 -25.30 -19.01 -31.13
N PHE A 462 -26.44 -18.38 -31.41
CA PHE A 462 -27.25 -17.77 -30.37
C PHE A 462 -28.37 -18.71 -29.95
N ASP A 463 -29.06 -18.31 -28.88
CA ASP A 463 -30.19 -19.04 -28.32
C ASP A 463 -29.84 -20.50 -28.04
N SER A 464 -28.57 -20.75 -27.74
CA SER A 464 -28.02 -22.10 -27.55
C SER A 464 -27.44 -22.25 -26.14
N ARG A 465 -28.30 -22.44 -25.15
CA ARG A 465 -27.83 -22.81 -23.81
C ARG A 465 -27.39 -24.28 -23.83
N LEU A 466 -26.09 -24.52 -23.93
CA LEU A 466 -25.58 -25.87 -24.11
C LEU A 466 -25.68 -26.71 -22.83
N THR A 467 -26.01 -27.99 -23.01
CA THR A 467 -25.83 -29.00 -21.97
C THR A 467 -24.57 -29.80 -22.25
N ALA A 468 -24.16 -30.60 -21.27
CA ALA A 468 -22.98 -31.43 -21.44
C ALA A 468 -23.17 -32.41 -22.60
N GLU A 469 -24.36 -32.96 -22.74
CA GLU A 469 -24.68 -33.82 -23.88
C GLU A 469 -24.45 -33.09 -25.21
N ASP A 470 -24.98 -31.87 -25.35
CA ASP A 470 -24.70 -31.09 -26.55
C ASP A 470 -23.20 -31.03 -26.81
N VAL A 471 -22.42 -30.67 -25.78
CA VAL A 471 -20.99 -30.45 -25.98
C VAL A 471 -20.29 -31.74 -26.40
N LEU A 472 -20.69 -32.86 -25.82
CA LEU A 472 -20.08 -34.13 -26.21
C LEU A 472 -20.46 -34.47 -27.64
N GLY A 473 -21.68 -34.13 -28.05
CA GLY A 473 -22.11 -34.40 -29.41
C GLY A 473 -21.34 -33.64 -30.47
N PHE A 474 -20.88 -32.43 -30.16
CA PHE A 474 -20.24 -31.61 -31.19
C PHE A 474 -18.85 -32.11 -31.59
N GLY A 475 -18.19 -32.88 -30.71
CA GLY A 475 -16.91 -33.46 -31.06
C GLY A 475 -15.78 -32.46 -31.30
N PHE A 476 -15.89 -31.26 -30.72
CA PHE A 476 -14.78 -30.33 -30.79
C PHE A 476 -13.68 -30.77 -29.84
N GLU A 477 -12.46 -30.44 -30.23
CA GLU A 477 -11.28 -30.96 -29.54
C GLU A 477 -11.09 -30.34 -28.17
N HIS A 478 -11.34 -29.03 -28.03
CA HIS A 478 -11.16 -28.34 -26.76
C HIS A 478 -12.37 -27.47 -26.46
N VAL A 479 -12.74 -27.42 -25.19
CA VAL A 479 -13.88 -26.68 -24.72
C VAL A 479 -13.42 -25.69 -23.65
N ALA A 480 -13.88 -24.44 -23.78
CA ALA A 480 -13.71 -23.39 -22.77
C ALA A 480 -15.10 -23.02 -22.27
N ILE A 481 -15.33 -23.21 -20.98
CA ILE A 481 -16.61 -22.93 -20.35
C ILE A 481 -16.52 -21.53 -19.75
N ALA A 482 -17.21 -20.57 -20.36
CA ALA A 482 -17.14 -19.19 -19.91
C ALA A 482 -18.54 -18.69 -19.61
N THR A 483 -19.23 -19.38 -18.70
CA THR A 483 -20.66 -19.25 -18.53
C THR A 483 -21.05 -18.28 -17.44
N GLY A 484 -20.10 -17.55 -16.86
CA GLY A 484 -20.46 -16.41 -16.02
C GLY A 484 -20.89 -16.76 -14.61
N SER A 485 -21.77 -15.92 -14.05
CA SER A 485 -22.13 -15.93 -12.64
C SER A 485 -23.43 -15.16 -12.46
N HIS A 486 -24.01 -15.29 -11.25
CA HIS A 486 -25.27 -14.65 -10.86
C HIS A 486 -25.10 -14.02 -9.49
N TRP A 487 -25.73 -12.86 -9.27
CA TRP A 487 -25.73 -12.24 -7.94
C TRP A 487 -26.57 -13.07 -6.97
N ARG A 488 -26.07 -13.20 -5.74
CA ARG A 488 -26.69 -14.08 -4.76
C ARG A 488 -27.86 -13.42 -4.06
N ARG A 489 -28.85 -14.24 -3.69
CA ARG A 489 -30.06 -13.76 -3.03
C ARG A 489 -30.06 -14.05 -1.54
N ASP A 490 -29.07 -14.79 -1.02
CA ASP A 490 -29.05 -15.22 0.37
C ASP A 490 -28.19 -14.34 1.28
N GLY A 491 -27.67 -13.22 0.78
CA GLY A 491 -26.94 -12.28 1.58
C GLY A 491 -25.49 -12.63 1.85
N VAL A 492 -24.99 -13.72 1.28
CA VAL A 492 -23.63 -14.20 1.55
C VAL A 492 -22.63 -13.40 0.73
N ALA A 493 -21.58 -12.93 1.40
CA ALA A 493 -20.46 -12.28 0.74
C ALA A 493 -19.25 -12.24 1.69
N ARG A 494 -19.17 -11.19 2.52
CA ARG A 494 -18.11 -11.01 3.50
C ARG A 494 -18.66 -11.02 4.93
N GLN A 495 -19.62 -10.16 5.26
CA GLN A 495 -20.24 -10.16 6.58
C GLN A 495 -20.83 -11.52 6.93
N HIS A 496 -21.59 -12.10 6.01
CA HIS A 496 -22.20 -13.41 6.20
C HIS A 496 -21.52 -14.41 5.26
N VAL A 497 -21.12 -15.56 5.79
CA VAL A 497 -20.61 -16.63 4.93
C VAL A 497 -21.61 -17.75 4.78
N VAL A 498 -22.69 -17.74 5.55
CA VAL A 498 -23.85 -18.59 5.32
C VAL A 498 -25.10 -17.70 5.31
N PRO A 499 -26.18 -18.20 4.71
CA PRO A 499 -27.35 -17.34 4.45
C PRO A 499 -27.84 -16.62 5.70
N MET A 500 -28.18 -15.35 5.52
CA MET A 500 -28.71 -14.54 6.60
C MET A 500 -30.21 -14.80 6.77
N PRO A 501 -30.77 -14.43 7.93
CA PRO A 501 -32.22 -14.50 8.09
C PRO A 501 -32.91 -13.54 7.12
N ILE A 502 -33.80 -14.08 6.30
CA ILE A 502 -34.54 -13.28 5.33
C ILE A 502 -36.00 -13.68 5.38
N ASP A 503 -36.85 -12.76 5.78
CA ASP A 503 -38.28 -12.97 5.76
C ASP A 503 -38.74 -13.00 4.30
N PRO A 504 -39.36 -14.08 3.83
CA PRO A 504 -39.70 -14.16 2.40
C PRO A 504 -40.84 -13.24 1.99
N SER A 505 -41.46 -12.51 2.93
CA SER A 505 -42.44 -11.51 2.54
C SER A 505 -41.80 -10.21 2.05
N MET A 506 -40.53 -9.97 2.37
CA MET A 506 -39.87 -8.76 1.91
C MET A 506 -39.46 -8.89 0.44
N THR A 507 -39.67 -7.84 -0.32
CA THR A 507 -39.14 -7.76 -1.68
C THR A 507 -37.63 -7.55 -1.68
N VAL A 508 -36.91 -8.46 -2.33
CA VAL A 508 -35.46 -8.41 -2.42
C VAL A 508 -35.06 -8.52 -3.88
N TRP A 509 -34.39 -7.50 -4.38
CA TRP A 509 -33.85 -7.46 -5.73
C TRP A 509 -32.33 -7.58 -5.68
N THR A 510 -31.75 -8.34 -6.61
CA THR A 510 -30.31 -8.30 -6.87
C THR A 510 -30.04 -7.44 -8.08
N PRO A 511 -28.77 -7.10 -8.34
CA PRO A 511 -28.46 -6.32 -9.54
C PRO A 511 -28.93 -6.98 -10.82
N ASP A 512 -28.98 -8.31 -10.87
CA ASP A 512 -29.51 -8.99 -12.06
C ASP A 512 -30.97 -8.62 -12.27
N ASP A 513 -31.77 -8.66 -11.20
CA ASP A 513 -33.16 -8.23 -11.27
C ASP A 513 -33.29 -6.80 -11.78
N ILE A 514 -32.50 -5.89 -11.23
CA ILE A 514 -32.55 -4.49 -11.66
C ILE A 514 -32.14 -4.39 -13.11
N MET A 515 -31.09 -5.10 -13.50
CA MET A 515 -30.67 -5.01 -14.89
C MET A 515 -31.71 -5.58 -15.82
N ALA A 516 -32.54 -6.51 -15.35
CA ALA A 516 -33.63 -7.08 -16.13
C ALA A 516 -34.93 -6.31 -15.99
N LYS A 517 -34.92 -5.17 -15.30
CA LYS A 517 -36.09 -4.34 -15.13
C LYS A 517 -37.19 -5.07 -14.37
N VAL A 518 -36.81 -5.92 -13.41
CA VAL A 518 -37.81 -6.57 -12.58
C VAL A 518 -38.54 -5.56 -11.70
N HIS A 519 -37.87 -4.52 -11.28
CA HIS A 519 -38.47 -3.53 -10.40
C HIS A 519 -39.40 -2.59 -11.17
N PRO A 520 -40.40 -2.00 -10.52
CA PRO A 520 -41.24 -0.99 -11.19
C PRO A 520 -40.42 0.19 -11.67
N GLU A 521 -40.70 0.63 -12.89
CA GLU A 521 -39.96 1.72 -13.48
C GLU A 521 -40.04 2.98 -12.62
N ASN A 522 -41.13 3.18 -11.88
CA ASN A 522 -41.33 4.38 -11.08
C ASN A 522 -41.51 3.96 -9.63
N LEU A 523 -40.56 4.34 -8.77
CA LEU A 523 -40.56 3.91 -7.37
C LEU A 523 -40.92 5.06 -6.43
N SER A 524 -41.48 6.13 -6.96
CA SER A 524 -41.94 7.23 -6.13
C SER A 524 -42.84 6.69 -5.03
N GLY A 525 -42.62 7.16 -3.81
CA GLY A 525 -43.39 6.69 -2.67
C GLY A 525 -42.80 5.50 -1.94
N LYS A 526 -41.80 4.83 -2.49
CA LYS A 526 -41.23 3.65 -1.85
C LYS A 526 -39.86 3.96 -1.27
N THR A 527 -39.51 3.24 -0.22
CA THR A 527 -38.18 3.34 0.38
C THR A 527 -37.40 2.06 0.08
N VAL A 528 -36.18 2.22 -0.43
CA VAL A 528 -35.33 1.08 -0.83
C VAL A 528 -34.05 1.14 -0.03
N VAL A 529 -33.77 0.08 0.72
CA VAL A 529 -32.45 -0.10 1.34
C VAL A 529 -31.57 -0.87 0.37
N VAL A 530 -30.43 -0.28 0.02
CA VAL A 530 -29.40 -0.95 -0.76
C VAL A 530 -28.36 -1.49 0.21
N TYR A 531 -28.28 -2.80 0.32
CA TYR A 531 -27.29 -3.46 1.18
C TYR A 531 -26.07 -3.77 0.32
N ASP A 532 -24.99 -3.01 0.52
CA ASP A 532 -23.77 -3.13 -0.28
C ASP A 532 -22.70 -3.83 0.58
N ASP A 533 -22.56 -5.13 0.39
CA ASP A 533 -21.45 -5.88 0.98
C ASP A 533 -20.49 -6.37 -0.10
N ASP A 534 -20.53 -5.74 -1.28
CA ASP A 534 -19.64 -6.00 -2.41
C ASP A 534 -18.44 -5.04 -2.42
N HIS A 535 -18.69 -3.75 -2.18
CA HIS A 535 -17.68 -2.72 -1.87
C HIS A 535 -16.86 -2.25 -3.06
N TYR A 536 -17.25 -2.59 -4.30
CA TYR A 536 -16.60 -2.00 -5.46
C TYR A 536 -17.62 -1.00 -6.03
N TYR A 537 -18.12 -1.20 -7.26
CA TYR A 537 -18.98 -0.17 -7.86
C TYR A 537 -20.47 -0.50 -7.88
N MET A 538 -20.87 -1.77 -7.92
CA MET A 538 -22.28 -2.10 -8.22
C MET A 538 -23.24 -1.47 -7.22
N GLY A 539 -22.90 -1.49 -5.93
CA GLY A 539 -23.78 -0.92 -4.93
C GLY A 539 -24.15 0.53 -5.18
N GLY A 540 -23.15 1.36 -5.44
CA GLY A 540 -23.41 2.76 -5.70
C GLY A 540 -24.16 2.96 -7.01
N VAL A 541 -23.90 2.14 -8.00
CA VAL A 541 -24.61 2.26 -9.27
C VAL A 541 -26.09 1.90 -9.06
N MET A 542 -26.33 0.86 -8.27
CA MET A 542 -27.70 0.47 -7.96
C MET A 542 -28.42 1.54 -7.17
N ALA A 543 -27.73 2.18 -6.23
CA ALA A 543 -28.36 3.25 -5.46
C ALA A 543 -28.79 4.38 -6.38
N GLU A 544 -27.99 4.66 -7.40
CA GLU A 544 -28.32 5.71 -8.35
C GLU A 544 -29.51 5.31 -9.22
N VAL A 545 -29.62 4.04 -9.57
CA VAL A 545 -30.79 3.58 -10.33
C VAL A 545 -32.05 3.78 -9.49
N MET A 546 -32.00 3.38 -8.23
CA MET A 546 -33.16 3.53 -7.37
C MET A 546 -33.51 4.99 -7.21
N ALA A 547 -32.51 5.83 -6.97
CA ALA A 547 -32.76 7.25 -6.82
C ALA A 547 -33.40 7.83 -8.07
N LYS A 548 -32.85 7.49 -9.23
CA LYS A 548 -33.38 8.02 -10.48
C LYS A 548 -34.78 7.51 -10.77
N ALA A 549 -35.18 6.37 -10.18
CA ALA A 549 -36.53 5.87 -10.34
C ALA A 549 -37.52 6.55 -9.39
N GLY A 550 -37.04 7.40 -8.50
CA GLY A 550 -37.86 8.17 -7.59
C GLY A 550 -37.93 7.63 -6.17
N ALA A 551 -37.20 6.57 -5.86
CA ALA A 551 -37.29 6.00 -4.52
C ALA A 551 -36.56 6.87 -3.50
N LYS A 552 -36.99 6.72 -2.25
CA LYS A 552 -36.18 7.13 -1.12
C LYS A 552 -35.13 6.05 -0.89
N VAL A 553 -33.85 6.43 -0.99
CA VAL A 553 -32.76 5.47 -1.04
C VAL A 553 -31.88 5.57 0.21
N ILE A 554 -31.65 4.45 0.88
CA ILE A 554 -30.74 4.37 2.03
C ILE A 554 -29.70 3.30 1.72
N LEU A 555 -28.44 3.72 1.57
CA LEU A 555 -27.35 2.82 1.25
C LEU A 555 -26.65 2.43 2.54
N VAL A 556 -26.56 1.14 2.78
CA VAL A 556 -26.00 0.59 4.02
C VAL A 556 -24.79 -0.25 3.65
N THR A 557 -23.64 0.09 4.22
CA THR A 557 -22.41 -0.67 3.97
C THR A 557 -21.55 -0.76 5.21
N SER A 558 -20.94 -1.92 5.43
CA SER A 558 -20.09 -2.16 6.60
C SER A 558 -18.78 -1.38 6.54
N SER A 559 -18.40 -0.89 5.35
CA SER A 559 -17.15 -0.17 5.18
C SER A 559 -17.25 1.27 5.73
N ALA A 560 -16.09 1.85 5.99
CA ALA A 560 -15.95 3.28 6.30
C ALA A 560 -16.09 4.18 5.07
N TYR A 561 -16.15 3.61 3.87
CA TYR A 561 -16.29 4.37 2.63
C TYR A 561 -17.40 3.75 1.79
N VAL A 562 -18.16 4.61 1.12
CA VAL A 562 -19.05 4.12 0.09
C VAL A 562 -18.21 3.66 -1.09
N SER A 563 -18.58 2.55 -1.70
CA SER A 563 -17.85 2.00 -2.82
C SER A 563 -16.35 1.93 -2.49
N ASP A 564 -16.07 1.30 -1.35
CA ASP A 564 -14.75 1.26 -0.73
C ASP A 564 -13.61 1.09 -1.73
N TRP A 565 -13.63 0.00 -2.53
CA TRP A 565 -12.48 -0.34 -3.34
C TRP A 565 -12.25 0.65 -4.48
N THR A 566 -13.25 1.45 -4.86
CA THR A 566 -13.04 2.52 -5.85
C THR A 566 -12.12 3.62 -5.35
N ARG A 567 -11.66 3.58 -4.11
CA ARG A 567 -10.51 4.40 -3.74
C ARG A 567 -9.32 4.07 -4.64
N ASN A 568 -9.21 2.81 -5.05
CA ASN A 568 -8.09 2.39 -5.86
C ASN A 568 -8.23 2.81 -7.30
N THR A 569 -9.46 3.08 -7.74
CA THR A 569 -9.71 3.61 -9.07
C THR A 569 -9.83 5.12 -9.06
N LEU A 570 -9.70 5.73 -7.88
CA LEU A 570 -9.84 7.17 -7.69
C LEU A 570 -11.26 7.66 -7.99
N GLU A 571 -12.23 6.76 -8.04
CA GLU A 571 -13.62 7.17 -8.27
C GLU A 571 -14.36 7.51 -6.97
N GLN A 572 -13.79 7.17 -5.81
CA GLN A 572 -14.58 7.09 -4.58
C GLN A 572 -15.19 8.43 -4.19
N GLY A 573 -14.40 9.50 -4.21
CA GLY A 573 -14.94 10.79 -3.80
C GLY A 573 -16.10 11.25 -4.68
N ALA A 574 -15.96 11.11 -5.99
CA ALA A 574 -17.00 11.55 -6.90
C ALA A 574 -18.25 10.70 -6.77
N ILE A 575 -18.10 9.41 -6.40
CA ILE A 575 -19.24 8.55 -6.16
C ILE A 575 -20.03 9.01 -4.94
N HIS A 576 -19.34 9.32 -3.84
CA HIS A 576 -20.02 9.81 -2.65
C HIS A 576 -20.80 11.09 -2.96
N VAL A 577 -20.14 12.03 -3.65
CA VAL A 577 -20.75 13.31 -3.99
C VAL A 577 -21.96 13.10 -4.90
N ARG A 578 -21.84 12.20 -5.87
CA ARG A 578 -22.95 11.90 -6.77
C ARG A 578 -24.15 11.36 -5.99
N LEU A 579 -23.90 10.40 -5.10
CA LEU A 579 -24.97 9.83 -4.29
C LEU A 579 -25.58 10.87 -3.38
N ASP A 580 -24.77 11.75 -2.81
CA ASP A 580 -25.34 12.81 -1.97
C ASP A 580 -26.18 13.77 -2.81
N ASP A 581 -25.67 14.15 -3.99
CA ASP A 581 -26.42 15.00 -4.90
C ASP A 581 -27.77 14.37 -5.27
N LEU A 582 -27.81 13.05 -5.40
CA LEU A 582 -29.04 12.36 -5.73
C LEU A 582 -29.97 12.17 -4.55
N GLY A 583 -29.60 12.64 -3.35
CA GLY A 583 -30.46 12.43 -2.20
C GLY A 583 -30.34 11.08 -1.53
N VAL A 584 -29.32 10.29 -1.87
CA VAL A 584 -29.17 8.99 -1.22
C VAL A 584 -28.70 9.21 0.22
N ASP A 585 -29.28 8.44 1.14
CA ASP A 585 -28.90 8.50 2.55
C ASP A 585 -27.84 7.42 2.79
N ILE A 586 -26.61 7.85 3.08
CA ILE A 586 -25.44 6.94 3.12
C ILE A 586 -25.16 6.57 4.57
N ARG A 587 -25.29 5.28 4.88
CA ARG A 587 -25.04 4.74 6.22
C ARG A 587 -23.78 3.89 6.22
N LEU A 588 -22.68 4.47 6.68
CA LEU A 588 -21.37 3.82 6.70
C LEU A 588 -21.16 3.06 8.00
N ASN A 589 -20.17 2.16 8.00
CA ASN A 589 -19.79 1.39 9.17
C ASN A 589 -20.97 0.63 9.76
N ARG A 590 -21.81 0.11 8.88
CA ARG A 590 -23.06 -0.53 9.28
C ARG A 590 -23.35 -1.71 8.35
N GLY A 591 -23.44 -2.90 8.93
CA GLY A 591 -23.86 -4.07 8.20
C GLY A 591 -25.36 -4.29 8.29
N VAL A 592 -25.83 -5.31 7.59
CA VAL A 592 -27.20 -5.77 7.69
C VAL A 592 -27.14 -7.19 8.23
N THR A 593 -27.79 -7.41 9.37
CA THR A 593 -27.82 -8.70 10.04
C THR A 593 -29.06 -9.51 9.70
N ALA A 594 -30.16 -8.87 9.34
CA ALA A 594 -31.33 -9.66 9.00
C ALA A 594 -32.25 -8.79 8.16
N ILE A 595 -32.98 -9.44 7.25
CA ILE A 595 -34.04 -8.81 6.49
C ILE A 595 -35.38 -9.31 7.02
N ARG A 596 -36.19 -8.40 7.51
CA ARG A 596 -37.47 -8.75 8.11
C ARG A 596 -38.60 -8.30 7.19
N ALA A 597 -39.83 -8.50 7.66
CA ALA A 597 -41.01 -8.28 6.82
C ALA A 597 -41.04 -6.86 6.27
N GLY A 598 -40.87 -5.85 7.13
CA GLY A 598 -40.89 -4.49 6.64
C GLY A 598 -39.64 -3.67 6.94
N GLU A 599 -38.53 -4.32 7.28
CA GLU A 599 -37.34 -3.60 7.73
C GLU A 599 -36.12 -4.50 7.61
N VAL A 600 -34.94 -3.90 7.69
CA VAL A 600 -33.69 -4.64 7.85
C VAL A 600 -33.17 -4.32 9.25
N GLU A 601 -32.60 -5.32 9.90
CA GLU A 601 -31.80 -5.09 11.09
C GLU A 601 -30.37 -4.81 10.68
N THR A 602 -29.79 -3.76 11.28
CA THR A 602 -28.42 -3.32 11.00
C THR A 602 -27.58 -3.38 12.27
N ASN A 603 -26.26 -3.43 12.07
CA ASN A 603 -25.29 -3.43 13.16
C ASN A 603 -24.19 -2.40 12.89
N CYS A 604 -23.92 -1.56 13.89
CA CYS A 604 -22.67 -0.80 13.92
C CYS A 604 -21.49 -1.77 13.99
N VAL A 605 -20.57 -1.65 13.02
CA VAL A 605 -19.54 -2.66 12.91
C VAL A 605 -18.56 -2.63 14.07
N TYR A 606 -18.42 -1.48 14.75
CA TYR A 606 -17.48 -1.41 15.86
C TYR A 606 -18.10 -1.91 17.16
N THR A 607 -19.26 -1.38 17.52
CA THR A 607 -19.85 -1.66 18.82
C THR A 607 -20.79 -2.86 18.81
N GLY A 608 -21.24 -3.31 17.65
CA GLY A 608 -22.26 -4.34 17.59
C GLY A 608 -23.67 -3.85 17.83
N LYS A 609 -23.84 -2.57 18.16
CA LYS A 609 -25.17 -2.08 18.48
C LYS A 609 -26.11 -2.22 17.28
N ARG A 610 -27.34 -2.66 17.54
CA ARG A 610 -28.29 -3.00 16.50
C ARG A 610 -29.39 -1.94 16.37
N SER A 611 -29.93 -1.81 15.16
CA SER A 611 -31.03 -0.89 14.91
C SER A 611 -31.70 -1.30 13.61
N ALA A 612 -32.97 -0.93 13.46
CA ALA A 612 -33.73 -1.34 12.30
C ALA A 612 -33.96 -0.15 11.37
N ILE A 613 -34.08 -0.43 10.08
CA ILE A 613 -34.39 0.58 9.07
C ILE A 613 -35.59 0.12 8.26
N GLY A 614 -36.64 0.93 8.23
CA GLY A 614 -37.84 0.57 7.48
C GLY A 614 -37.64 0.74 5.99
N CYS A 615 -38.25 -0.17 5.22
CA CYS A 615 -38.09 -0.11 3.78
C CYS A 615 -39.18 -0.96 3.13
N ASP A 616 -39.45 -0.66 1.87
CA ASP A 616 -40.41 -1.42 1.10
C ASP A 616 -39.76 -2.52 0.28
N ALA A 617 -38.46 -2.40 0.01
CA ALA A 617 -37.69 -3.40 -0.71
C ALA A 617 -36.23 -3.30 -0.29
N VAL A 618 -35.51 -4.41 -0.42
CA VAL A 618 -34.08 -4.45 -0.21
C VAL A 618 -33.42 -4.75 -1.55
N LEU A 619 -32.51 -3.90 -1.97
CA LEU A 619 -31.67 -4.19 -3.14
C LEU A 619 -30.36 -4.76 -2.59
N MET A 620 -30.23 -6.08 -2.69
CA MET A 620 -29.13 -6.83 -2.09
C MET A 620 -27.97 -6.92 -3.08
N VAL A 621 -26.86 -6.28 -2.74
CA VAL A 621 -25.62 -6.35 -3.51
C VAL A 621 -24.56 -7.05 -2.67
N ALA A 622 -24.59 -8.37 -2.73
CA ALA A 622 -23.76 -9.20 -1.86
C ALA A 622 -22.53 -9.68 -2.62
N SER A 623 -22.62 -10.88 -3.16
CA SER A 623 -21.55 -11.44 -3.97
C SER A 623 -22.19 -12.36 -5.01
N ARG A 624 -21.35 -13.04 -5.78
CA ARG A 624 -21.83 -13.80 -6.91
C ARG A 624 -21.46 -15.27 -6.78
N THR A 625 -22.27 -16.10 -7.44
CA THR A 625 -22.05 -17.53 -7.50
C THR A 625 -21.79 -17.92 -8.95
N SER A 626 -20.76 -18.73 -9.16
CA SER A 626 -20.41 -19.12 -10.52
C SER A 626 -21.50 -19.98 -11.14
N GLU A 627 -21.76 -19.77 -12.42
CA GLU A 627 -22.57 -20.68 -13.23
C GLU A 627 -21.61 -21.74 -13.74
N ASP A 628 -21.52 -22.88 -13.02
CA ASP A 628 -20.56 -23.93 -13.37
C ASP A 628 -21.21 -25.31 -13.51
N GLN A 629 -22.53 -25.39 -13.61
CA GLN A 629 -23.18 -26.69 -13.74
C GLN A 629 -22.68 -27.42 -14.97
N LEU A 630 -22.67 -26.74 -16.12
CA LEU A 630 -22.25 -27.40 -17.36
C LEU A 630 -20.86 -27.98 -17.21
N PHE A 631 -19.94 -27.21 -16.64
CA PHE A 631 -18.58 -27.71 -16.45
C PHE A 631 -18.56 -28.92 -15.54
N ASN A 632 -19.28 -28.84 -14.41
CA ASN A 632 -19.32 -29.98 -13.50
C ASN A 632 -19.88 -31.21 -14.19
N ASP A 633 -20.96 -31.04 -14.95
CA ASP A 633 -21.52 -32.17 -15.70
C ASP A 633 -20.49 -32.80 -16.62
N LEU A 634 -19.72 -31.99 -17.35
CA LEU A 634 -18.75 -32.53 -18.26
C LEU A 634 -17.63 -33.25 -17.52
N ILE A 635 -17.17 -32.66 -16.42
CA ILE A 635 -16.15 -33.31 -15.60
C ILE A 635 -16.66 -34.65 -15.10
N ALA A 636 -17.93 -34.70 -14.71
CA ALA A 636 -18.51 -35.96 -14.24
C ALA A 636 -18.51 -37.01 -15.35
N ARG A 637 -18.49 -36.59 -16.61
CA ARG A 637 -18.50 -37.51 -17.75
C ARG A 637 -17.14 -37.53 -18.46
N GLN A 638 -16.08 -37.27 -17.73
CA GLN A 638 -14.74 -37.28 -18.29
C GLN A 638 -14.40 -38.62 -18.95
N GLY A 639 -15.04 -39.71 -18.53
CA GLY A 639 -14.73 -41.00 -19.13
C GLY A 639 -15.17 -41.07 -20.58
N ASP A 640 -16.21 -40.33 -20.94
CA ASP A 640 -16.73 -40.28 -22.30
C ASP A 640 -15.94 -39.37 -23.25
N TRP A 641 -15.06 -38.52 -22.74
CA TRP A 641 -14.41 -37.54 -23.62
C TRP A 641 -13.68 -38.20 -24.79
N PRO A 642 -12.86 -39.23 -24.60
CA PRO A 642 -12.07 -39.76 -25.73
C PRO A 642 -12.92 -40.24 -26.89
N ASP A 643 -13.98 -41.00 -26.61
CA ASP A 643 -14.88 -41.44 -27.65
C ASP A 643 -15.55 -40.25 -28.33
N ALA A 644 -15.87 -39.22 -27.57
CA ALA A 644 -16.50 -38.03 -28.12
C ALA A 644 -15.51 -37.16 -28.89
N GLY A 645 -14.22 -37.37 -28.70
CA GLY A 645 -13.19 -36.58 -29.34
C GLY A 645 -12.73 -35.38 -28.55
N ILE A 646 -13.13 -35.26 -27.29
CA ILE A 646 -12.81 -34.09 -26.48
C ILE A 646 -11.49 -34.32 -25.79
N LYS A 647 -10.52 -33.43 -26.05
CA LYS A 647 -9.21 -33.51 -25.43
C LYS A 647 -9.13 -32.75 -24.11
N SER A 648 -9.86 -31.65 -23.93
CA SER A 648 -9.73 -30.90 -22.68
C SER A 648 -10.94 -29.99 -22.49
N VAL A 649 -11.24 -29.74 -21.21
CA VAL A 649 -12.32 -28.84 -20.83
C VAL A 649 -11.82 -27.99 -19.68
N LYS A 650 -11.92 -26.68 -19.83
CA LYS A 650 -11.48 -25.75 -18.79
C LYS A 650 -12.56 -24.71 -18.55
N ILE A 651 -12.55 -24.14 -17.34
CA ILE A 651 -13.51 -23.15 -16.93
C ILE A 651 -12.78 -21.84 -16.64
N ILE A 652 -13.32 -20.73 -17.16
CA ILE A 652 -12.62 -19.45 -17.15
C ILE A 652 -13.60 -18.33 -16.80
N GLY A 653 -13.05 -17.25 -16.27
CA GLY A 653 -13.80 -16.04 -15.99
C GLY A 653 -14.63 -16.17 -14.73
N ASP A 654 -15.74 -15.44 -14.73
CA ASP A 654 -16.62 -15.45 -13.57
C ASP A 654 -17.12 -16.87 -13.25
N ALA A 655 -17.22 -17.74 -14.26
CA ALA A 655 -17.62 -19.11 -13.96
C ALA A 655 -16.57 -19.86 -13.14
N ALA A 656 -15.33 -19.40 -13.16
CA ALA A 656 -14.30 -20.00 -12.31
C ALA A 656 -14.27 -19.32 -10.94
N ALA A 657 -14.26 -18.01 -10.93
CA ALA A 657 -14.11 -17.22 -9.71
C ALA A 657 -14.51 -15.79 -10.04
N PRO A 658 -15.66 -15.34 -9.57
CA PRO A 658 -16.11 -13.99 -9.92
C PRO A 658 -15.14 -12.90 -9.47
N ALA A 659 -15.05 -11.85 -10.31
CA ALA A 659 -14.07 -10.78 -10.21
C ALA A 659 -14.46 -9.68 -11.17
N PRO A 660 -13.71 -8.59 -11.26
CA PRO A 660 -14.05 -7.53 -12.21
C PRO A 660 -13.90 -8.02 -13.64
N ILE A 661 -14.39 -7.18 -14.55
CA ILE A 661 -14.43 -7.51 -15.97
C ILE A 661 -13.03 -7.76 -16.49
N ALA A 662 -12.02 -7.05 -15.96
CA ALA A 662 -10.66 -7.21 -16.45
C ALA A 662 -10.15 -8.61 -16.17
N TRP A 663 -10.58 -9.22 -15.07
CA TRP A 663 -10.16 -10.59 -14.80
C TRP A 663 -10.71 -11.55 -15.86
N ALA A 664 -11.90 -11.23 -16.39
CA ALA A 664 -12.54 -12.09 -17.39
C ALA A 664 -11.85 -11.98 -18.76
N THR A 665 -11.57 -10.75 -19.23
CA THR A 665 -10.78 -10.61 -20.46
C THR A 665 -9.39 -11.20 -20.29
N TYR A 666 -8.79 -11.03 -19.12
CA TYR A 666 -7.53 -11.70 -18.82
C TYR A 666 -7.68 -13.21 -18.98
N ALA A 667 -8.72 -13.78 -18.37
CA ALA A 667 -8.88 -15.23 -18.37
C ALA A 667 -9.10 -15.78 -19.78
N GLY A 668 -9.89 -15.07 -20.59
CA GLY A 668 -10.10 -15.50 -21.96
C GLY A 668 -8.82 -15.48 -22.76
N HIS A 669 -8.06 -14.38 -22.63
CA HIS A 669 -6.80 -14.27 -23.34
C HIS A 669 -5.83 -15.35 -22.90
N ARG A 670 -5.76 -15.60 -21.59
CA ARG A 670 -4.89 -16.63 -21.08
C ARG A 670 -5.25 -18.00 -21.67
N TYR A 671 -6.53 -18.31 -21.75
CA TYR A 671 -6.95 -19.57 -22.34
C TYR A 671 -6.43 -19.69 -23.76
N ALA A 672 -6.63 -18.65 -24.57
CA ALA A 672 -6.19 -18.69 -25.96
C ALA A 672 -4.69 -18.87 -26.05
N ARG A 673 -3.94 -18.17 -25.19
CA ARG A 673 -2.48 -18.23 -25.23
C ARG A 673 -1.93 -19.60 -24.82
N GLU A 674 -2.60 -20.30 -23.92
CA GLU A 674 -2.05 -21.52 -23.35
C GLU A 674 -2.47 -22.80 -24.09
N LEU A 675 -3.49 -22.73 -24.92
CA LEU A 675 -3.96 -23.92 -25.61
C LEU A 675 -2.82 -24.54 -26.42
N ASP A 676 -2.67 -25.86 -26.33
CA ASP A 676 -1.67 -26.65 -27.05
C ASP A 676 -0.25 -26.35 -26.61
N THR A 677 -0.04 -25.63 -25.52
CA THR A 677 1.34 -25.39 -25.11
C THR A 677 1.86 -26.53 -24.24
N PRO A 678 3.17 -26.73 -24.20
CA PRO A 678 3.73 -27.84 -23.41
C PRO A 678 3.41 -27.71 -21.93
N ASP A 679 3.25 -28.86 -21.28
CA ASP A 679 3.16 -28.91 -19.83
C ASP A 679 4.41 -28.28 -19.20
N ILE A 680 4.19 -27.38 -18.25
CA ILE A 680 5.29 -26.76 -17.52
C ILE A 680 5.47 -27.35 -16.15
N GLY A 681 4.61 -28.28 -15.74
CA GLY A 681 4.76 -28.91 -14.45
C GLY A 681 4.48 -27.91 -13.35
N ASP A 682 5.40 -27.82 -12.40
CA ASP A 682 5.32 -26.86 -11.33
C ASP A 682 6.13 -25.60 -11.60
N ASP A 683 6.56 -25.39 -12.85
CA ASP A 683 7.24 -24.16 -13.21
C ASP A 683 6.24 -23.00 -13.24
N LEU A 684 6.77 -21.80 -13.11
CA LEU A 684 5.94 -20.62 -13.16
C LEU A 684 5.53 -20.32 -14.59
N PRO A 685 4.29 -19.91 -14.82
CA PRO A 685 3.89 -19.48 -16.17
C PRO A 685 4.25 -18.03 -16.49
N PHE A 686 5.03 -17.37 -15.65
CA PHE A 686 5.49 -16.03 -15.95
C PHE A 686 6.92 -15.89 -15.45
N ARG A 687 7.66 -15.01 -16.12
CA ARG A 687 8.98 -14.61 -15.66
C ARG A 687 8.87 -13.63 -14.49
N ARG A 688 9.94 -13.57 -13.71
CA ARG A 688 9.98 -12.67 -12.57
C ARG A 688 11.42 -12.43 -12.16
N GLU A 689 11.69 -11.24 -11.65
CA GLU A 689 13.01 -10.85 -11.19
C GLU A 689 13.02 -10.76 -9.68
N VAL A 690 14.15 -11.11 -9.07
CA VAL A 690 14.28 -11.03 -7.61
C VAL A 690 15.41 -10.08 -7.27
N THR A 691 15.63 -9.87 -6.00
CA THR A 691 16.58 -8.86 -5.58
C THR A 691 18.01 -9.35 -5.81
N GLN A 692 18.86 -8.44 -6.25
CA GLN A 692 20.28 -8.70 -6.44
C GLN A 692 20.98 -8.64 -5.08
N LEU A 693 21.49 -9.77 -4.61
CA LEU A 693 22.20 -9.78 -3.33
C LEU A 693 23.52 -9.04 -3.43
N GLU A 694 23.77 -8.11 -2.51
CA GLU A 694 25.09 -7.50 -2.42
C GLU A 694 26.09 -8.52 -1.88
N PRO A 695 27.35 -8.46 -2.34
CA PRO A 695 28.39 -9.27 -1.68
C PRO A 695 29.00 -8.56 -0.46
N ARG B 5 24.41 -15.38 37.70
CA ARG B 5 23.02 -15.64 37.37
C ARG B 5 22.28 -16.46 38.44
N ASP B 6 21.15 -15.94 38.91
CA ASP B 6 20.37 -16.66 39.92
C ASP B 6 19.85 -17.99 39.39
N ASN B 7 19.88 -19.00 40.25
CA ASN B 7 19.59 -20.37 39.84
C ASN B 7 18.16 -20.57 39.37
N LYS B 8 17.24 -19.70 39.76
CA LYS B 8 15.87 -19.89 39.28
C LYS B 8 15.75 -19.70 37.77
N TYR B 9 16.78 -19.13 37.11
CA TYR B 9 16.79 -18.92 35.67
C TYR B 9 17.52 -20.01 34.89
N ASP B 10 18.17 -20.96 35.59
CA ASP B 10 18.96 -21.97 34.89
C ASP B 10 18.10 -22.83 33.98
N ILE B 11 16.85 -23.08 34.36
CA ILE B 11 15.96 -23.95 33.61
C ILE B 11 15.74 -23.41 32.19
N LEU B 12 15.90 -22.09 32.00
CA LEU B 12 15.70 -21.48 30.70
C LEU B 12 16.81 -21.81 29.72
N PHE B 13 17.93 -22.36 30.21
CA PHE B 13 19.08 -22.64 29.36
C PHE B 13 19.33 -24.13 29.20
N GLU B 14 18.32 -24.97 29.56
CA GLU B 14 18.31 -26.40 29.29
C GLU B 14 18.00 -26.66 27.83
N PRO B 15 18.66 -27.64 27.19
CA PRO B 15 18.38 -27.94 25.78
C PRO B 15 17.02 -28.62 25.62
N VAL B 16 16.49 -28.51 24.41
CA VAL B 16 15.15 -29.04 24.13
C VAL B 16 15.14 -29.60 22.71
N ARG B 17 14.62 -30.81 22.55
CA ARG B 17 14.60 -31.45 21.24
C ARG B 17 13.40 -30.96 20.40
N ILE B 18 13.65 -30.74 19.11
CA ILE B 18 12.59 -30.45 18.15
C ILE B 18 12.83 -31.39 16.98
N GLY B 19 12.06 -32.46 16.89
CA GLY B 19 12.27 -33.45 15.86
C GLY B 19 13.72 -33.92 15.85
N PRO B 20 14.39 -33.89 14.69
CA PRO B 20 15.76 -34.39 14.63
C PRO B 20 16.80 -33.45 15.21
N HIS B 21 16.40 -32.29 15.73
CA HIS B 21 17.35 -31.29 16.19
C HIS B 21 17.20 -31.07 17.68
N ILE B 22 18.25 -30.45 18.25
CA ILE B 22 18.23 -30.02 19.64
C ILE B 22 18.55 -28.53 19.68
N ALA B 23 17.67 -27.76 20.31
CA ALA B 23 17.91 -26.36 20.57
C ALA B 23 18.71 -26.20 21.87
N LYS B 24 19.67 -25.27 21.85
CA LYS B 24 20.59 -25.10 22.97
C LYS B 24 19.94 -24.49 24.21
N ASN B 25 18.79 -23.84 24.09
CA ASN B 25 18.10 -23.28 25.25
C ASN B 25 16.61 -23.13 24.91
N ARG B 26 15.87 -22.46 25.79
CA ARG B 26 14.43 -22.38 25.65
C ARG B 26 13.95 -21.09 25.01
N PHE B 27 14.86 -20.25 24.53
CA PHE B 27 14.50 -18.98 23.93
C PHE B 27 14.25 -19.14 22.44
N TYR B 28 13.01 -18.88 22.03
CA TYR B 28 12.52 -19.25 20.71
C TYR B 28 11.98 -17.98 20.08
N GLN B 29 12.67 -17.46 19.05
CA GLN B 29 12.14 -16.28 18.35
C GLN B 29 11.16 -16.76 17.30
N VAL B 30 9.87 -16.53 17.56
CA VAL B 30 8.79 -16.96 16.67
C VAL B 30 8.82 -16.17 15.37
N PRO B 31 8.17 -16.67 14.31
CA PRO B 31 8.16 -15.92 13.04
C PRO B 31 7.60 -14.52 13.24
N HIS B 32 8.33 -13.53 12.71
CA HIS B 32 7.82 -12.16 12.70
C HIS B 32 8.37 -11.43 11.48
N CYS B 33 7.58 -10.49 11.00
CA CYS B 33 7.89 -9.68 9.83
C CYS B 33 8.81 -8.53 10.24
N ASN B 34 9.29 -7.81 9.22
CA ASN B 34 10.32 -6.79 9.44
C ASN B 34 10.33 -5.69 8.39
N GLY B 35 9.39 -5.68 7.44
CA GLY B 35 9.33 -4.66 6.40
C GLY B 35 10.39 -4.74 5.31
N GLY B 36 11.23 -5.78 5.32
CA GLY B 36 12.26 -5.96 4.30
C GLY B 36 11.93 -7.14 3.40
N GLY B 37 11.76 -8.32 3.99
CA GLY B 37 11.27 -9.49 3.25
C GLY B 37 12.09 -9.76 2.00
N TYR B 38 11.41 -10.07 0.90
CA TYR B 38 12.13 -10.43 -0.31
C TYR B 38 12.76 -9.22 -1.01
N ARG B 39 12.37 -7.99 -0.64
CA ARG B 39 12.96 -6.79 -1.23
C ARG B 39 14.32 -6.45 -0.63
N ASP B 40 14.48 -6.58 0.69
CA ASP B 40 15.71 -6.17 1.38
C ASP B 40 16.32 -7.37 2.10
N PRO B 41 16.66 -8.43 1.36
CA PRO B 41 16.99 -9.69 2.04
C PRO B 41 18.26 -9.65 2.88
N SER B 42 19.28 -8.90 2.48
CA SER B 42 20.47 -8.81 3.31
C SER B 42 20.19 -8.07 4.61
N ALA B 43 19.23 -7.13 4.59
CA ALA B 43 18.85 -6.47 5.84
C ALA B 43 18.14 -7.45 6.77
N ALA B 44 17.22 -8.25 6.22
CA ALA B 44 16.54 -9.21 7.07
C ALA B 44 17.52 -10.22 7.66
N ALA B 45 18.45 -10.72 6.83
CA ALA B 45 19.39 -11.74 7.27
C ALA B 45 20.29 -11.23 8.40
N ALA B 46 20.82 -10.01 8.25
CA ALA B 46 21.73 -9.50 9.28
C ALA B 46 20.98 -9.27 10.59
N MET B 47 19.72 -8.85 10.50
CA MET B 47 18.88 -8.72 11.68
C MET B 47 18.71 -10.05 12.38
N ARG B 48 18.49 -11.13 11.61
CA ARG B 48 18.44 -12.46 12.19
C ARG B 48 19.79 -12.87 12.79
N GLY B 49 20.89 -12.44 12.16
CA GLY B 49 22.20 -12.71 12.72
C GLY B 49 22.42 -12.03 14.06
N ILE B 50 21.86 -10.84 14.23
CA ILE B 50 21.96 -10.17 15.53
C ILE B 50 21.17 -10.96 16.57
N LYS B 51 20.04 -11.55 16.19
CA LYS B 51 19.35 -12.45 17.11
C LYS B 51 20.24 -13.64 17.48
N SER B 52 21.00 -14.17 16.52
CA SER B 52 21.88 -15.29 16.80
C SER B 52 22.91 -14.89 17.86
N GLU B 53 23.59 -13.75 17.66
CA GLU B 53 24.49 -13.22 18.69
C GLU B 53 23.79 -13.05 20.03
N GLY B 54 22.53 -12.60 20.01
CA GLY B 54 21.81 -12.35 21.24
C GLY B 54 21.50 -13.58 22.05
N GLY B 55 21.71 -14.77 21.50
CA GLY B 55 21.58 -16.01 22.24
C GLY B 55 20.31 -16.79 22.01
N TRP B 56 19.47 -16.39 21.05
CA TRP B 56 18.25 -17.15 20.81
C TRP B 56 18.60 -18.54 20.30
N GLY B 57 17.93 -19.55 20.86
CA GLY B 57 18.21 -20.93 20.48
C GLY B 57 17.50 -21.34 19.21
N VAL B 58 16.39 -20.69 18.89
CA VAL B 58 15.64 -20.93 17.67
C VAL B 58 15.29 -19.56 17.07
N ILE B 59 15.47 -19.43 15.75
CA ILE B 59 15.17 -18.19 15.04
C ILE B 59 14.41 -18.53 13.77
N PHE B 60 13.29 -17.84 13.54
CA PHE B 60 12.44 -18.05 12.38
C PHE B 60 12.41 -16.83 11.47
N THR B 61 12.26 -17.10 10.18
CA THR B 61 11.89 -16.07 9.24
C THR B 61 10.43 -15.64 9.47
N GLU B 62 10.06 -14.56 8.81
CA GLU B 62 8.65 -14.23 8.60
C GLU B 62 7.99 -15.26 7.70
N GLN B 63 6.68 -15.14 7.54
CA GLN B 63 5.97 -16.06 6.66
C GLN B 63 6.59 -15.99 5.27
N THR B 64 6.64 -17.14 4.62
CA THR B 64 7.23 -17.27 3.30
C THR B 64 6.18 -17.91 2.40
N GLU B 65 5.79 -17.19 1.36
CA GLU B 65 4.79 -17.66 0.42
C GLU B 65 5.39 -18.80 -0.39
N MET B 66 4.80 -19.99 -0.29
CA MET B 66 5.40 -21.15 -0.92
C MET B 66 4.79 -21.47 -2.28
N HIS B 67 3.92 -20.61 -2.82
CA HIS B 67 3.46 -20.88 -4.18
C HIS B 67 2.86 -19.65 -4.84
N HIS B 68 3.09 -19.54 -6.15
CA HIS B 68 2.63 -18.37 -6.89
C HIS B 68 1.10 -18.34 -7.06
N THR B 69 0.36 -19.37 -6.67
CA THR B 69 -1.10 -19.28 -6.74
C THR B 69 -1.74 -18.69 -5.49
N SER B 70 -0.96 -18.16 -4.54
CA SER B 70 -1.52 -17.51 -3.35
C SER B 70 -0.51 -16.53 -2.79
N GLU B 71 -0.81 -15.24 -2.85
CA GLU B 71 0.14 -14.25 -2.35
C GLU B 71 -0.64 -12.98 -2.01
N ILE B 72 -0.06 -12.17 -1.13
CA ILE B 72 -0.81 -11.12 -0.50
C ILE B 72 -0.22 -9.76 -0.80
N THR B 73 0.42 -9.62 -1.96
CA THR B 73 0.86 -8.32 -2.46
C THR B 73 -0.31 -7.36 -2.24
N PRO B 74 -0.07 -6.13 -1.74
CA PRO B 74 1.19 -5.41 -1.57
C PRO B 74 2.05 -5.77 -0.34
N PHE B 75 1.58 -6.63 0.54
CA PHE B 75 2.43 -6.95 1.68
C PHE B 75 3.70 -7.65 1.20
N ILE B 76 4.83 -7.29 1.81
CA ILE B 76 6.13 -7.82 1.44
C ILE B 76 6.58 -8.75 2.56
N GLU B 77 6.41 -10.05 2.37
CA GLU B 77 6.99 -11.04 3.27
C GLU B 77 8.12 -11.75 2.52
N LEU B 78 8.23 -13.06 2.58
CA LEU B 78 9.22 -13.78 1.79
C LEU B 78 8.49 -14.63 0.76
N ARG B 79 9.26 -15.06 -0.25
CA ARG B 79 8.76 -15.94 -1.30
C ARG B 79 9.74 -17.08 -1.55
N LEU B 80 9.18 -18.28 -1.76
CA LEU B 80 9.93 -19.47 -2.12
C LEU B 80 9.15 -20.18 -3.23
N TRP B 81 9.21 -19.59 -4.42
CA TRP B 81 8.46 -20.06 -5.57
C TRP B 81 9.31 -20.84 -6.56
N GLU B 82 10.61 -20.61 -6.56
CA GLU B 82 11.57 -21.10 -7.53
C GLU B 82 12.94 -21.15 -6.88
N ASP B 83 13.88 -21.77 -7.59
CA ASP B 83 15.27 -21.84 -7.13
C ASP B 83 15.92 -20.46 -6.98
N LYS B 84 15.55 -19.47 -7.82
CA LYS B 84 15.95 -18.08 -7.66
C LYS B 84 15.84 -17.56 -6.22
N ASP B 85 14.85 -18.04 -5.48
CA ASP B 85 14.56 -17.51 -4.16
C ASP B 85 15.47 -18.05 -3.09
N ILE B 86 16.28 -19.07 -3.40
CA ILE B 86 17.03 -19.80 -2.38
C ILE B 86 18.20 -18.97 -1.87
N PRO B 87 19.00 -18.32 -2.72
CA PRO B 87 20.15 -17.57 -2.18
C PRO B 87 19.81 -16.59 -1.08
N GLY B 88 18.78 -15.77 -1.27
CA GLY B 88 18.40 -14.83 -0.23
C GLY B 88 18.03 -15.53 1.08
N LEU B 89 17.28 -16.63 0.98
CA LEU B 89 16.90 -17.38 2.16
C LEU B 89 18.12 -18.06 2.80
N ARG B 90 19.06 -18.51 1.96
CA ARG B 90 20.27 -19.17 2.45
C ARG B 90 21.11 -18.19 3.26
N ARG B 91 21.17 -16.94 2.82
CA ARG B 91 21.88 -15.92 3.59
C ARG B 91 21.26 -15.74 4.98
N MET B 92 19.94 -15.87 5.09
CA MET B 92 19.28 -15.74 6.38
C MET B 92 19.56 -16.94 7.28
N SER B 93 19.39 -18.16 6.74
CA SER B 93 19.68 -19.34 7.56
C SER B 93 21.15 -19.33 8.01
N ASP B 94 22.07 -18.97 7.11
CA ASP B 94 23.48 -18.88 7.50
C ASP B 94 23.64 -17.96 8.71
N ALA B 95 23.02 -16.79 8.66
CA ALA B 95 23.20 -15.83 9.75
C ALA B 95 22.61 -16.37 11.06
N MET B 96 21.53 -17.13 10.98
CA MET B 96 20.90 -17.67 12.16
C MET B 96 21.84 -18.63 12.89
N LYS B 97 22.62 -19.41 12.13
CA LYS B 97 23.37 -20.52 12.70
C LYS B 97 24.74 -20.14 13.21
N VAL B 98 25.27 -18.96 12.81
CA VAL B 98 26.65 -18.62 13.14
C VAL B 98 26.92 -18.78 14.61
N HIS B 99 25.97 -18.36 15.44
CA HIS B 99 26.17 -18.33 16.88
C HIS B 99 25.34 -19.37 17.60
N GLY B 100 24.88 -20.41 16.89
CA GLY B 100 24.32 -21.58 17.53
C GLY B 100 22.81 -21.72 17.55
N ALA B 101 22.08 -20.86 16.85
CA ALA B 101 20.64 -21.03 16.80
C ALA B 101 20.27 -22.07 15.76
N LEU B 102 19.12 -22.72 15.97
CA LEU B 102 18.46 -23.47 14.90
C LEU B 102 17.74 -22.49 13.96
N ALA B 103 17.82 -22.79 12.66
CA ALA B 103 17.30 -21.92 11.62
C ALA B 103 15.92 -22.43 11.21
N GLY B 104 14.94 -21.55 11.31
CA GLY B 104 13.56 -21.90 11.01
C GLY B 104 13.03 -21.05 9.88
N ILE B 105 12.21 -21.66 9.01
CA ILE B 105 11.48 -20.95 7.97
C ILE B 105 10.01 -21.24 8.15
N GLN B 106 9.17 -20.21 8.00
CA GLN B 106 7.71 -20.37 8.07
C GLN B 106 7.14 -20.34 6.65
N LEU B 107 6.35 -21.36 6.31
CA LEU B 107 5.75 -21.50 5.00
C LEU B 107 4.24 -21.26 5.08
N ALA B 108 3.70 -20.53 4.10
CA ALA B 108 2.32 -20.13 4.12
C ALA B 108 1.69 -20.22 2.74
N TYR B 109 0.41 -20.59 2.74
CA TYR B 109 -0.45 -20.49 1.56
C TYR B 109 -1.67 -19.71 2.01
N SER B 110 -1.80 -18.46 1.52
CA SER B 110 -2.76 -17.53 2.10
C SER B 110 -4.22 -17.88 1.79
N GLY B 111 -4.47 -18.70 0.78
CA GLY B 111 -5.81 -19.21 0.59
C GLY B 111 -6.80 -18.08 0.34
N ILE B 112 -7.88 -18.08 1.14
CA ILE B 112 -8.93 -17.09 0.95
C ILE B 112 -8.50 -15.68 1.42
N ASN B 113 -7.29 -15.56 1.96
CA ASN B 113 -6.75 -14.23 2.29
C ASN B 113 -5.88 -13.64 1.18
N GLY B 114 -5.66 -14.34 0.07
CA GLY B 114 -4.73 -13.87 -0.93
C GLY B 114 -5.36 -13.53 -2.27
N PRO B 115 -5.49 -12.25 -2.61
CA PRO B 115 -6.13 -11.89 -3.88
C PRO B 115 -5.28 -12.13 -5.13
N ASN B 116 -3.99 -12.46 -5.02
CA ASN B 116 -3.15 -12.76 -6.18
C ASN B 116 -3.02 -11.57 -7.14
N PHE B 117 -2.93 -10.36 -6.58
CA PHE B 117 -2.86 -9.18 -7.46
C PHE B 117 -1.60 -9.23 -8.32
N TYR B 118 -0.49 -9.74 -7.79
CA TYR B 118 0.77 -9.72 -8.54
C TYR B 118 0.83 -10.88 -9.54
N THR B 119 0.50 -12.09 -9.12
CA THR B 119 0.69 -13.22 -10.00
C THR B 119 -0.46 -13.38 -10.99
N LYS B 120 -1.66 -12.97 -10.60
CA LYS B 120 -2.89 -13.03 -11.40
C LYS B 120 -3.38 -14.44 -11.60
N GLU B 121 -2.89 -15.37 -10.79
CA GLU B 121 -3.48 -16.68 -10.66
C GLU B 121 -4.86 -16.60 -10.02
N VAL B 122 -5.68 -17.61 -10.31
CA VAL B 122 -7.00 -17.73 -9.70
C VAL B 122 -6.81 -18.14 -8.23
N PRO B 123 -7.33 -17.38 -7.26
CA PRO B 123 -7.19 -17.78 -5.85
C PRO B 123 -8.01 -19.02 -5.52
N LEU B 124 -7.52 -19.79 -4.56
CA LEU B 124 -8.10 -21.08 -4.21
C LEU B 124 -8.40 -21.16 -2.72
N ALA B 125 -9.50 -21.81 -2.36
CA ALA B 125 -9.91 -21.93 -0.97
C ALA B 125 -10.73 -23.20 -0.82
N PRO B 126 -11.04 -23.61 0.42
CA PRO B 126 -11.93 -24.77 0.61
C PRO B 126 -13.29 -24.61 -0.02
N SER B 127 -13.90 -23.43 0.10
CA SER B 127 -15.21 -23.15 -0.47
C SER B 127 -15.16 -21.80 -1.19
N ALA B 128 -16.04 -21.65 -2.18
CA ALA B 128 -16.02 -20.49 -3.07
C ALA B 128 -16.69 -19.30 -2.38
N LEU B 129 -15.90 -18.30 -2.02
CA LEU B 129 -16.38 -17.10 -1.34
C LEU B 129 -15.54 -15.90 -1.77
N PRO B 130 -16.02 -14.68 -1.53
CA PRO B 130 -15.16 -13.50 -1.65
C PRO B 130 -13.88 -13.64 -0.82
N ILE B 131 -12.78 -13.13 -1.37
CA ILE B 131 -11.53 -13.02 -0.63
C ILE B 131 -11.79 -12.21 0.64
N ARG B 132 -11.02 -12.52 1.68
CA ARG B 132 -11.21 -11.92 2.99
C ARG B 132 -9.93 -11.18 3.35
N THR B 133 -9.97 -9.85 3.24
CA THR B 133 -8.82 -9.02 3.51
C THR B 133 -9.26 -7.79 4.31
N PHE B 134 -8.26 -6.97 4.67
CA PHE B 134 -8.52 -5.67 5.29
C PHE B 134 -9.27 -4.72 4.35
N THR B 135 -9.12 -4.88 3.03
CA THR B 135 -9.45 -3.83 2.08
C THR B 135 -10.59 -4.18 1.10
N ASN B 136 -11.40 -5.17 1.41
CA ASN B 136 -12.57 -5.51 0.61
C ASN B 136 -12.21 -5.67 -0.86
N ASP B 137 -11.16 -6.43 -1.14
CA ASP B 137 -10.73 -6.60 -2.52
C ASP B 137 -11.79 -7.35 -3.32
N PRO B 138 -11.97 -6.99 -4.61
CA PRO B 138 -13.16 -7.39 -5.38
C PRO B 138 -13.03 -8.72 -6.12
N VAL B 139 -12.49 -9.73 -5.45
CA VAL B 139 -12.28 -11.02 -6.09
C VAL B 139 -12.72 -12.12 -5.15
N GLN B 140 -13.02 -13.26 -5.75
CA GLN B 140 -13.44 -14.44 -5.01
C GLN B 140 -12.47 -15.58 -5.27
N ALA B 141 -12.51 -16.55 -4.37
CA ALA B 141 -11.74 -17.78 -4.53
C ALA B 141 -12.60 -18.87 -5.16
N ARG B 142 -11.95 -19.69 -5.98
CA ARG B 142 -12.54 -20.92 -6.45
C ARG B 142 -12.37 -22.02 -5.40
N ALA B 143 -13.38 -22.87 -5.28
CA ALA B 143 -13.28 -24.02 -4.39
C ALA B 143 -12.26 -25.02 -4.94
N LEU B 144 -11.34 -25.44 -4.08
CA LEU B 144 -10.38 -26.49 -4.42
C LEU B 144 -11.10 -27.77 -4.83
N ASP B 145 -10.63 -28.41 -5.92
CA ASP B 145 -11.04 -29.76 -6.25
C ASP B 145 -9.98 -30.72 -5.75
N LYS B 146 -10.23 -32.03 -5.91
CA LYS B 146 -9.32 -33.02 -5.36
C LYS B 146 -7.94 -32.91 -6.00
N GLN B 147 -7.87 -32.64 -7.28
CA GLN B 147 -6.57 -32.55 -7.91
C GLN B 147 -5.81 -31.33 -7.39
N ASP B 148 -6.52 -30.21 -7.17
CA ASP B 148 -5.90 -29.03 -6.54
C ASP B 148 -5.27 -29.40 -5.20
N ILE B 149 -5.95 -30.21 -4.40
CA ILE B 149 -5.45 -30.56 -3.07
C ILE B 149 -4.20 -31.41 -3.20
N LYS B 150 -4.18 -32.34 -4.17
CA LYS B 150 -2.96 -33.08 -4.43
C LYS B 150 -1.83 -32.14 -4.85
N ASN B 151 -2.13 -31.19 -5.74
CA ASN B 151 -1.12 -30.24 -6.18
C ASN B 151 -0.59 -29.44 -4.98
N LEU B 152 -1.50 -28.88 -4.17
CA LEU B 152 -1.12 -28.07 -3.03
C LEU B 152 -0.18 -28.84 -2.10
N ARG B 153 -0.46 -30.13 -1.87
CA ARG B 153 0.44 -30.97 -1.10
C ARG B 153 1.80 -31.07 -1.77
N ARG B 154 1.82 -31.37 -3.07
CA ARG B 154 3.08 -31.42 -3.78
C ARG B 154 3.81 -30.09 -3.68
N TRP B 155 3.07 -28.97 -3.78
CA TRP B 155 3.71 -27.66 -3.72
C TRP B 155 4.36 -27.41 -2.36
N PHE B 156 3.73 -27.86 -1.27
CA PHE B 156 4.35 -27.78 0.04
C PHE B 156 5.61 -28.64 0.12
N VAL B 157 5.55 -29.86 -0.44
CA VAL B 157 6.75 -30.71 -0.45
C VAL B 157 7.87 -30.03 -1.22
N ASN B 158 7.54 -29.46 -2.39
CA ASN B 158 8.55 -28.74 -3.17
C ASN B 158 9.20 -27.65 -2.34
N ALA B 159 8.39 -26.87 -1.61
CA ALA B 159 8.92 -25.78 -0.80
C ALA B 159 9.76 -26.31 0.36
N ALA B 160 9.37 -27.45 0.93
CA ALA B 160 10.14 -28.07 2.00
C ALA B 160 11.51 -28.51 1.49
N LYS B 161 11.56 -29.09 0.30
CA LYS B 161 12.84 -29.48 -0.26
C LYS B 161 13.70 -28.26 -0.52
N ARG B 162 13.11 -27.18 -1.05
CA ARG B 162 13.89 -25.95 -1.25
C ARG B 162 14.35 -25.39 0.09
N SER B 163 13.54 -25.56 1.13
CA SER B 163 13.91 -25.04 2.45
C SER B 163 15.13 -25.77 2.99
N LYS B 164 15.19 -27.08 2.75
CA LYS B 164 16.36 -27.86 3.12
C LYS B 164 17.59 -27.39 2.36
N ILE B 165 17.45 -27.19 1.06
CA ILE B 165 18.57 -26.70 0.26
C ILE B 165 19.01 -25.32 0.75
N ALA B 166 18.06 -24.49 1.18
CA ALA B 166 18.37 -23.17 1.70
C ALA B 166 18.94 -23.19 3.11
N GLY B 167 19.04 -24.36 3.73
CA GLY B 167 19.78 -24.51 4.96
C GLY B 167 18.97 -24.44 6.21
N PHE B 168 17.64 -24.58 6.14
CA PHE B 168 16.81 -24.47 7.33
C PHE B 168 16.67 -25.82 8.00
N ASP B 169 16.68 -25.77 9.34
CA ASP B 169 16.50 -26.94 10.20
C ASP B 169 15.05 -27.17 10.55
N LEU B 170 14.25 -26.11 10.61
CA LEU B 170 12.85 -26.22 11.02
C LEU B 170 11.96 -25.60 9.97
N ILE B 171 10.81 -26.22 9.76
CA ILE B 171 9.74 -25.68 8.92
C ILE B 171 8.50 -25.50 9.79
N CYS B 172 7.94 -24.30 9.78
CA CYS B 172 6.71 -23.99 10.49
C CYS B 172 5.58 -23.80 9.49
N LEU B 173 4.48 -24.51 9.69
CA LEU B 173 3.30 -24.33 8.86
C LEU B 173 2.42 -23.26 9.49
N TYR B 174 2.23 -22.18 8.76
CA TYR B 174 1.51 -21.03 9.31
C TYR B 174 0.02 -21.37 9.31
N GLY B 175 -0.55 -21.52 10.50
CA GLY B 175 -1.95 -21.89 10.64
C GLY B 175 -2.63 -21.15 11.80
N ALA B 176 -2.21 -19.91 12.01
CA ALA B 176 -2.65 -19.06 13.11
C ALA B 176 -3.32 -17.79 12.58
N HIS B 177 -3.93 -17.05 13.51
CA HIS B 177 -4.45 -15.71 13.29
C HIS B 177 -5.60 -15.66 12.29
N GLY B 178 -6.33 -16.76 12.10
CA GLY B 178 -7.35 -16.78 11.08
C GLY B 178 -6.81 -16.67 9.66
N PHE B 179 -5.50 -16.79 9.50
CA PHE B 179 -4.84 -16.59 8.22
C PHE B 179 -4.40 -17.91 7.61
N GLY B 180 -4.58 -18.03 6.30
CA GLY B 180 -3.96 -19.10 5.57
C GLY B 180 -4.82 -20.35 5.44
N ILE B 181 -4.35 -21.25 4.57
CA ILE B 181 -5.21 -22.34 4.12
C ILE B 181 -5.50 -23.31 5.27
N PHE B 182 -4.59 -23.45 6.23
CA PHE B 182 -4.85 -24.41 7.30
C PHE B 182 -5.99 -23.94 8.17
N GLN B 183 -6.02 -22.64 8.50
CA GLN B 183 -7.16 -22.11 9.23
C GLN B 183 -8.44 -22.24 8.43
N HIS B 184 -8.36 -22.04 7.11
CA HIS B 184 -9.58 -22.02 6.29
C HIS B 184 -10.22 -23.39 6.19
N PHE B 185 -9.42 -24.45 6.17
CA PHE B 185 -9.98 -25.80 6.22
C PHE B 185 -10.56 -26.09 7.61
N LEU B 186 -9.97 -25.55 8.66
CA LEU B 186 -10.43 -25.89 10.01
C LEU B 186 -11.69 -25.16 10.39
N SER B 187 -11.84 -23.93 9.94
CA SER B 187 -12.99 -23.12 10.27
C SER B 187 -14.20 -23.59 9.49
N ARG B 188 -15.32 -23.76 10.21
CA ARG B 188 -16.57 -24.11 9.56
C ARG B 188 -17.17 -22.94 8.80
N ALA B 189 -16.71 -21.71 9.07
CA ALA B 189 -17.16 -20.55 8.30
C ALA B 189 -16.61 -20.61 6.88
N THR B 190 -15.32 -20.89 6.73
CA THR B 190 -14.70 -20.89 5.42
C THR B 190 -14.75 -22.27 4.75
N ASN B 191 -14.87 -23.36 5.53
CA ASN B 191 -14.90 -24.72 4.99
C ASN B 191 -16.32 -25.22 5.10
N GLN B 192 -17.08 -25.08 4.02
CA GLN B 192 -18.44 -25.58 3.93
C GLN B 192 -18.53 -26.82 3.04
N ARG B 193 -17.40 -27.47 2.78
CA ARG B 193 -17.36 -28.65 1.95
C ARG B 193 -18.07 -29.82 2.62
N THR B 194 -18.54 -30.74 1.79
CA THR B 194 -19.16 -31.96 2.26
C THR B 194 -18.41 -33.20 1.84
N ASP B 195 -17.25 -33.05 1.20
CA ASP B 195 -16.44 -34.21 0.84
C ASP B 195 -15.57 -34.54 2.04
N GLU B 196 -14.51 -35.31 1.85
CA GLU B 196 -13.75 -35.83 2.97
C GLU B 196 -12.84 -34.78 3.61
N TYR B 197 -12.74 -33.57 3.06
CA TYR B 197 -11.99 -32.49 3.65
C TYR B 197 -12.89 -31.52 4.40
N GLY B 198 -14.16 -31.85 4.58
CA GLY B 198 -15.09 -30.98 5.27
C GLY B 198 -16.04 -31.75 6.14
N GLY B 199 -16.79 -31.01 6.94
CA GLY B 199 -17.73 -31.60 7.88
C GLY B 199 -17.12 -31.87 9.24
N SER B 200 -16.78 -33.14 9.49
CA SER B 200 -16.23 -33.55 10.77
C SER B 200 -14.88 -32.89 11.04
N LEU B 201 -14.55 -32.78 12.31
CA LEU B 201 -13.25 -32.25 12.69
C LEU B 201 -12.12 -33.09 12.09
N GLU B 202 -12.32 -34.40 11.99
CA GLU B 202 -11.29 -35.23 11.37
C GLU B 202 -11.11 -34.87 9.89
N ASN B 203 -12.23 -34.62 9.20
CA ASN B 203 -12.13 -34.22 7.80
C ASN B 203 -11.50 -32.82 7.69
N ARG B 204 -11.89 -31.91 8.58
CA ARG B 204 -11.42 -30.53 8.47
C ARG B 204 -9.94 -30.42 8.79
N SER B 205 -9.36 -31.43 9.44
CA SER B 205 -7.93 -31.43 9.69
C SER B 205 -7.19 -32.44 8.82
N ARG B 206 -7.87 -33.01 7.82
CA ARG B 206 -7.21 -33.98 6.93
C ARG B 206 -6.11 -33.32 6.12
N PHE B 207 -6.40 -32.15 5.52
CA PHE B 207 -5.40 -31.47 4.72
C PHE B 207 -4.12 -31.24 5.53
N ALA B 208 -4.26 -30.68 6.74
CA ALA B 208 -3.11 -30.41 7.61
C ALA B 208 -2.32 -31.67 7.87
N ARG B 209 -3.02 -32.79 8.11
CA ARG B 209 -2.37 -34.05 8.39
C ARG B 209 -1.66 -34.58 7.15
N GLU B 210 -2.27 -34.42 5.97
CA GLU B 210 -1.64 -34.91 4.74
C GLU B 210 -0.40 -34.10 4.39
N VAL B 211 -0.46 -32.78 4.59
CA VAL B 211 0.72 -31.96 4.31
C VAL B 211 1.87 -32.36 5.24
N VAL B 212 1.58 -32.48 6.54
CA VAL B 212 2.64 -32.78 7.50
C VAL B 212 3.28 -34.12 7.19
N GLU B 213 2.46 -35.14 6.94
CA GLU B 213 2.98 -36.47 6.57
C GLU B 213 3.83 -36.41 5.31
N ASP B 214 3.34 -35.73 4.27
CA ASP B 214 4.11 -35.63 3.02
C ASP B 214 5.45 -34.96 3.26
N ILE B 215 5.48 -33.90 4.07
CA ILE B 215 6.75 -33.19 4.35
C ILE B 215 7.69 -34.08 5.15
N LYS B 216 7.16 -34.78 6.18
CA LYS B 216 7.97 -35.69 6.97
C LYS B 216 8.60 -36.75 6.06
N GLU B 217 7.80 -37.32 5.16
CA GLU B 217 8.33 -38.30 4.22
C GLU B 217 9.47 -37.74 3.37
N ALA B 218 9.37 -36.48 2.93
CA ALA B 218 10.36 -35.95 2.01
C ALA B 218 11.65 -35.52 2.71
N VAL B 219 11.55 -34.84 3.86
CA VAL B 219 12.72 -34.25 4.50
C VAL B 219 12.73 -34.50 6.01
N GLY B 220 11.82 -35.34 6.51
CA GLY B 220 11.71 -35.48 7.97
C GLY B 220 12.96 -36.01 8.64
N ASP B 221 13.90 -36.56 7.85
CA ASP B 221 15.12 -37.12 8.42
C ASP B 221 16.09 -36.03 8.86
N THR B 222 16.01 -34.83 8.26
CA THR B 222 16.89 -33.73 8.58
C THR B 222 16.16 -32.47 9.02
N THR B 223 14.84 -32.47 9.05
CA THR B 223 14.08 -31.24 9.19
C THR B 223 12.89 -31.47 10.11
N ALA B 224 12.71 -30.59 11.09
CA ALA B 224 11.55 -30.68 11.96
C ALA B 224 10.38 -29.90 11.38
N ILE B 225 9.17 -30.34 11.68
CA ILE B 225 7.95 -29.69 11.24
C ILE B 225 7.18 -29.22 12.47
N THR B 226 6.94 -27.91 12.55
CA THR B 226 6.09 -27.31 13.57
C THR B 226 4.82 -26.77 12.96
N MET B 227 3.77 -26.69 13.78
CA MET B 227 2.48 -26.13 13.40
C MET B 227 2.17 -24.98 14.33
N ARG B 228 1.96 -23.80 13.75
CA ARG B 228 1.57 -22.63 14.52
C ARG B 228 0.05 -22.44 14.41
N VAL B 229 -0.64 -22.48 15.56
CA VAL B 229 -2.09 -22.40 15.64
C VAL B 229 -2.47 -21.33 16.66
N SER B 230 -3.58 -20.66 16.39
CA SER B 230 -4.23 -19.80 17.40
C SER B 230 -5.39 -20.53 18.04
N ARG B 246 -10.97 -26.89 21.18
CA ARG B 246 -9.62 -27.29 20.77
C ARG B 246 -9.48 -28.81 20.72
N GLU B 247 -10.52 -29.49 20.21
CA GLU B 247 -10.48 -30.94 19.99
C GLU B 247 -9.49 -31.30 18.89
N PHE B 248 -9.11 -30.32 18.07
CA PHE B 248 -8.02 -30.46 17.12
C PHE B 248 -6.86 -31.17 17.83
N VAL B 249 -6.77 -30.93 19.15
CA VAL B 249 -5.69 -31.45 19.99
C VAL B 249 -5.78 -32.97 20.16
N GLU B 250 -6.89 -33.44 20.73
CA GLU B 250 -7.03 -34.88 20.98
C GLU B 250 -6.76 -35.66 19.71
N MET B 251 -7.26 -35.15 18.60
CA MET B 251 -7.15 -35.85 17.34
C MET B 251 -5.77 -35.70 16.69
N ASN B 252 -5.04 -34.62 16.97
CA ASN B 252 -3.75 -34.41 16.30
C ASN B 252 -2.61 -34.18 17.27
N ALA B 253 -2.69 -34.75 18.48
CA ALA B 253 -1.78 -34.36 19.56
C ALA B 253 -0.32 -34.54 19.16
N ASN B 254 -0.01 -35.59 18.41
CA ASN B 254 1.38 -35.90 18.07
C ASN B 254 1.69 -35.74 16.58
N LEU B 255 0.90 -34.90 15.88
CA LEU B 255 1.09 -34.74 14.44
C LEU B 255 2.38 -34.01 14.13
N PRO B 256 2.59 -32.76 14.58
CA PRO B 256 3.86 -32.09 14.30
C PRO B 256 4.96 -32.52 15.27
N ASP B 257 6.15 -32.02 15.00
CA ASP B 257 7.23 -32.13 15.94
C ASP B 257 7.14 -31.12 17.07
N LEU B 258 6.32 -30.08 16.94
CA LEU B 258 6.25 -29.03 17.94
C LEU B 258 4.99 -28.22 17.70
N TRP B 259 4.33 -27.83 18.79
CA TRP B 259 3.15 -26.99 18.74
C TRP B 259 3.52 -25.55 19.07
N ASP B 260 3.25 -24.66 18.14
CA ASP B 260 3.55 -23.24 18.30
C ASP B 260 2.24 -22.50 18.54
N LEU B 261 2.01 -22.05 19.76
CA LEU B 261 0.74 -21.44 20.15
C LEU B 261 0.85 -19.93 20.10
N ALA B 262 -0.07 -19.30 19.38
CA ALA B 262 0.01 -17.86 19.12
C ALA B 262 -1.20 -17.16 19.70
N VAL B 285 -4.21 -25.07 25.52
CA VAL B 285 -2.97 -25.44 26.19
C VAL B 285 -3.23 -26.62 27.07
N LYS B 286 -4.39 -26.55 27.73
CA LYS B 286 -4.76 -27.55 28.72
C LYS B 286 -4.56 -28.96 28.18
N GLY B 287 -5.10 -29.24 26.98
CA GLY B 287 -4.99 -30.57 26.42
C GLY B 287 -3.69 -30.88 25.72
N ILE B 288 -3.07 -29.90 25.06
CA ILE B 288 -1.80 -30.17 24.37
C ILE B 288 -0.78 -30.67 25.39
N ARG B 289 -0.69 -29.97 26.53
CA ARG B 289 0.21 -30.40 27.59
C ARG B 289 -0.16 -31.80 28.08
N GLU B 290 -1.45 -32.11 28.18
CA GLU B 290 -1.89 -33.39 28.76
C GLU B 290 -1.87 -34.55 27.78
N LEU B 291 -2.02 -34.30 26.47
CA LEU B 291 -2.13 -35.39 25.49
C LEU B 291 -0.94 -35.60 24.57
N SER B 292 -0.07 -34.60 24.42
CA SER B 292 0.97 -34.69 23.42
C SER B 292 2.34 -34.81 24.07
N SER B 293 3.17 -35.65 23.46
CA SER B 293 4.57 -35.78 23.85
C SER B 293 5.46 -34.76 23.17
N LYS B 294 4.90 -33.78 22.49
CA LYS B 294 5.67 -32.84 21.70
C LYS B 294 5.90 -31.53 22.46
N PRO B 295 7.03 -30.87 22.21
CA PRO B 295 7.28 -29.59 22.87
C PRO B 295 6.31 -28.51 22.43
N VAL B 296 6.09 -27.53 23.31
CA VAL B 296 5.20 -26.41 23.06
C VAL B 296 5.94 -25.09 23.28
N VAL B 297 5.77 -24.16 22.35
CA VAL B 297 6.21 -22.77 22.49
C VAL B 297 4.96 -21.89 22.60
N GLY B 298 5.03 -20.89 23.46
CA GLY B 298 3.99 -19.88 23.55
C GLY B 298 4.61 -18.50 23.66
N VAL B 299 3.80 -17.49 23.33
CA VAL B 299 4.18 -16.09 23.32
C VAL B 299 3.29 -15.36 24.33
N GLY B 300 3.71 -14.13 24.68
CA GLY B 300 2.96 -13.33 25.63
C GLY B 300 3.65 -12.04 26.06
N ARG B 301 4.28 -11.37 25.10
CA ARG B 301 5.23 -10.27 25.37
C ARG B 301 6.14 -10.68 26.54
N SER B 304 9.68 -10.49 31.66
CA SER B 304 10.13 -10.88 32.99
C SER B 304 10.65 -12.31 33.02
N PRO B 305 11.95 -12.48 33.29
CA PRO B 305 12.53 -13.83 33.35
C PRO B 305 11.89 -14.73 34.40
N ASP B 306 11.37 -14.14 35.47
CA ASP B 306 10.75 -14.93 36.52
C ASP B 306 9.49 -15.62 36.01
N VAL B 307 8.66 -14.88 35.27
CA VAL B 307 7.49 -15.46 34.62
C VAL B 307 7.91 -16.55 33.63
N MET B 308 8.94 -16.29 32.82
CA MET B 308 9.39 -17.31 31.87
C MET B 308 9.72 -18.61 32.59
N ALA B 309 10.57 -18.52 33.61
CA ALA B 309 10.99 -19.71 34.34
C ALA B 309 9.81 -20.42 34.98
N ARG B 310 8.84 -19.65 35.51
CA ARG B 310 7.68 -20.30 36.12
C ARG B 310 6.85 -21.03 35.07
N MET B 311 6.65 -20.44 33.90
CA MET B 311 5.89 -21.14 32.87
C MET B 311 6.51 -22.50 32.57
N VAL B 312 7.85 -22.57 32.55
CA VAL B 312 8.56 -23.81 32.28
C VAL B 312 8.53 -24.72 33.50
N ARG B 313 8.78 -24.16 34.68
CA ARG B 313 8.79 -24.97 35.90
C ARG B 313 7.42 -25.59 36.15
N GLN B 314 6.36 -24.83 35.89
CA GLN B 314 5.00 -25.33 36.10
C GLN B 314 4.53 -26.23 34.96
N GLY B 315 5.40 -26.56 34.01
CA GLY B 315 5.01 -27.48 32.96
C GLY B 315 4.02 -26.92 31.96
N VAL B 316 3.93 -25.58 31.83
CA VAL B 316 3.03 -24.95 30.87
C VAL B 316 3.65 -24.89 29.48
N LEU B 317 4.95 -24.58 29.41
CA LEU B 317 5.64 -24.39 28.13
C LEU B 317 7.00 -25.07 28.20
N ASP B 318 7.47 -25.52 27.04
CA ASP B 318 8.86 -25.94 26.90
C ASP B 318 9.74 -24.83 26.38
N PHE B 319 9.17 -23.92 25.59
CA PHE B 319 9.88 -22.83 24.95
C PHE B 319 9.21 -21.50 25.24
N ILE B 320 10.04 -20.49 25.47
CA ILE B 320 9.64 -19.11 25.64
C ILE B 320 9.63 -18.48 24.25
N GLY B 321 8.44 -18.28 23.68
CA GLY B 321 8.32 -17.62 22.38
C GLY B 321 8.28 -16.11 22.51
N CYS B 322 9.04 -15.43 21.65
CA CYS B 322 9.10 -13.98 21.63
C CYS B 322 9.17 -13.46 20.20
N ALA B 323 8.37 -12.45 19.92
CA ALA B 323 8.59 -11.64 18.73
C ALA B 323 9.08 -10.26 19.16
N ARG B 324 8.14 -9.41 19.60
CA ARG B 324 8.51 -8.02 19.90
C ARG B 324 9.58 -7.88 20.99
N PRO B 325 9.58 -8.68 22.07
CA PRO B 325 10.67 -8.55 23.05
C PRO B 325 12.04 -8.79 22.46
N SER B 326 12.16 -9.63 21.41
CA SER B 326 13.42 -9.85 20.75
C SER B 326 13.78 -8.73 19.79
N ILE B 327 12.79 -7.98 19.32
CA ILE B 327 13.06 -6.80 18.52
C ILE B 327 13.54 -5.64 19.40
N ALA B 328 12.85 -5.36 20.50
CA ALA B 328 13.33 -4.34 21.42
C ALA B 328 14.69 -4.70 22.02
N ASP B 329 14.89 -5.98 22.37
CA ASP B 329 16.17 -6.43 22.90
C ASP B 329 16.57 -7.78 22.32
N PRO B 330 17.29 -7.78 21.20
CA PRO B 330 17.80 -9.05 20.66
C PRO B 330 18.72 -9.81 21.61
N PHE B 331 19.31 -9.14 22.60
CA PHE B 331 20.22 -9.78 23.56
C PHE B 331 19.53 -10.16 24.85
N LEU B 332 18.20 -10.20 24.86
CA LEU B 332 17.46 -10.64 26.02
C LEU B 332 17.92 -11.99 26.56
N PRO B 333 18.11 -13.04 25.74
CA PRO B 333 18.55 -14.32 26.32
C PRO B 333 19.92 -14.22 26.94
N LYS B 334 20.83 -13.53 26.25
CA LYS B 334 22.19 -13.41 26.74
C LYS B 334 22.24 -12.64 28.05
N LYS B 335 21.41 -11.60 28.20
CA LYS B 335 21.42 -10.80 29.43
C LYS B 335 20.86 -11.59 30.60
N ILE B 336 19.88 -12.45 30.37
CA ILE B 336 19.41 -13.35 31.43
C ILE B 336 20.49 -14.38 31.76
N GLU B 337 21.18 -14.89 30.73
CA GLU B 337 22.20 -15.90 30.95
C GLU B 337 23.33 -15.40 31.84
N GLU B 338 23.71 -14.13 31.66
CA GLU B 338 24.78 -13.49 32.41
C GLU B 338 24.29 -12.77 33.66
N GLY B 339 23.04 -12.95 34.05
CA GLY B 339 22.56 -12.28 35.23
C GLY B 339 22.49 -10.78 35.12
N ARG B 340 22.42 -10.24 33.92
CA ARG B 340 22.28 -8.79 33.74
C ARG B 340 20.83 -8.42 33.41
N ILE B 341 19.92 -8.86 34.28
CA ILE B 341 18.51 -8.61 34.07
C ILE B 341 18.21 -7.10 34.09
N GLU B 342 18.95 -6.33 34.86
CA GLU B 342 18.73 -4.88 34.92
C GLU B 342 19.03 -4.17 33.60
N ASP B 343 19.72 -4.81 32.67
CA ASP B 343 20.07 -4.19 31.40
C ASP B 343 19.10 -4.50 30.26
N ILE B 344 18.03 -5.24 30.53
CA ILE B 344 17.07 -5.61 29.49
C ILE B 344 16.30 -4.39 29.04
N ARG B 345 16.21 -4.21 27.72
CA ARG B 345 15.43 -3.15 27.08
C ARG B 345 14.02 -3.68 26.78
N GLU B 346 13.03 -3.20 27.53
CA GLU B 346 11.69 -3.73 27.48
C GLU B 346 10.88 -3.16 26.32
N CYS B 347 10.16 -4.04 25.64
CA CYS B 347 9.14 -3.65 24.68
C CYS B 347 8.08 -2.80 25.36
N ILE B 348 7.62 -1.75 24.69
CA ILE B 348 6.59 -0.88 25.25
C ILE B 348 5.23 -1.15 24.63
N GLY B 349 5.14 -2.03 23.63
CA GLY B 349 3.86 -2.35 23.03
C GLY B 349 3.24 -1.24 22.20
N CYS B 350 4.07 -0.38 21.57
CA CYS B 350 3.56 0.66 20.69
C CYS B 350 3.18 0.12 19.31
N ASN B 351 3.71 -1.05 18.94
CA ASN B 351 3.43 -1.70 17.66
C ASN B 351 3.87 -0.85 16.46
N ILE B 352 4.86 0.04 16.65
CA ILE B 352 5.43 0.76 15.52
C ILE B 352 6.08 -0.24 14.55
N CYS B 353 6.63 -1.33 15.08
CA CYS B 353 7.23 -2.37 14.24
C CYS B 353 6.23 -2.91 13.23
N ILE B 354 4.96 -3.03 13.63
CA ILE B 354 3.92 -3.51 12.74
C ILE B 354 3.64 -2.50 11.62
N THR B 355 3.76 -1.20 11.91
CA THR B 355 3.46 -0.20 10.88
C THR B 355 4.42 -0.32 9.70
N GLY B 356 5.65 -0.79 9.95
CA GLY B 356 6.61 -0.99 8.88
C GLY B 356 6.21 -2.12 7.92
N ASP B 357 5.53 -3.14 8.44
CA ASP B 357 4.99 -4.19 7.56
C ASP B 357 3.73 -3.72 6.83
N MET B 358 2.90 -2.93 7.52
CA MET B 358 1.67 -2.41 6.92
C MET B 358 1.94 -1.31 5.90
N THR B 359 3.10 -0.67 5.95
CA THR B 359 3.48 0.33 4.95
C THR B 359 4.65 -0.12 4.08
N MET B 360 5.04 -1.41 4.18
CA MET B 360 6.03 -2.04 3.29
C MET B 360 7.34 -1.24 3.21
N SER B 361 7.91 -0.89 4.39
CA SER B 361 8.93 0.15 4.45
C SER B 361 10.10 -0.11 5.42
N ILE B 362 10.31 -1.35 5.86
CA ILE B 362 11.35 -1.71 6.82
C ILE B 362 11.01 -1.14 8.20
N SER B 363 10.81 -2.05 9.14
CA SER B 363 10.21 -1.69 10.42
C SER B 363 11.21 -0.96 11.30
N ARG B 364 10.66 -0.06 12.12
CA ARG B 364 11.35 0.59 13.21
C ARG B 364 10.96 -0.10 14.52
N CYS B 365 11.80 0.13 15.53
CA CYS B 365 11.47 -0.18 16.91
C CYS B 365 11.73 1.07 17.74
N THR B 366 10.71 1.49 18.50
CA THR B 366 10.85 2.71 19.31
C THR B 366 11.99 2.59 20.30
N GLN B 367 12.12 1.44 20.96
CA GLN B 367 13.15 1.22 21.96
C GLN B 367 14.50 0.97 21.33
N ASN B 368 14.53 0.25 20.20
CA ASN B 368 15.77 -0.22 19.58
C ASN B 368 15.92 0.39 18.19
N PRO B 369 16.49 1.59 18.08
CA PRO B 369 16.69 2.17 16.75
C PRO B 369 17.64 1.39 15.85
N THR B 370 18.40 0.42 16.36
CA THR B 370 19.29 -0.35 15.49
C THR B 370 18.55 -1.44 14.74
N PHE B 371 17.30 -1.73 15.11
CA PHE B 371 16.52 -2.77 14.44
C PHE B 371 16.40 -2.47 12.96
N MET B 372 16.76 -3.46 12.14
CA MET B 372 16.80 -3.40 10.69
C MET B 372 17.74 -2.34 10.15
N GLU B 373 18.68 -1.85 10.97
CA GLU B 373 19.76 -0.99 10.51
C GLU B 373 21.12 -1.66 10.65
N GLU B 374 21.13 -2.96 11.00
CA GLU B 374 22.39 -3.66 11.22
C GLU B 374 23.19 -3.81 9.91
N TRP B 375 22.56 -4.35 8.87
CA TRP B 375 23.21 -4.39 7.56
C TRP B 375 23.25 -3.01 6.92
N ARG B 376 22.13 -2.27 6.94
CA ARG B 376 22.05 -0.99 6.24
C ARG B 376 23.13 -0.01 6.68
N LYS B 377 23.34 0.13 7.99
CA LYS B 377 24.23 1.18 8.50
C LYS B 377 25.33 0.69 9.46
N GLY B 378 25.44 -0.60 9.72
CA GLY B 378 26.42 -1.10 10.65
C GLY B 378 26.06 -0.92 12.09
N TRP B 379 24.80 -0.63 12.39
CA TRP B 379 24.41 -0.38 13.77
C TRP B 379 24.21 -1.72 14.48
N HIS B 380 24.25 -1.67 15.81
CA HIS B 380 24.23 -2.86 16.60
C HIS B 380 23.58 -2.51 17.93
N PRO B 381 22.71 -3.36 18.47
CA PRO B 381 21.97 -2.98 19.69
C PRO B 381 22.82 -2.95 20.95
N GLU B 382 24.04 -3.50 20.94
CA GLU B 382 24.88 -3.59 22.14
C GLU B 382 26.31 -3.16 21.89
N ARG B 383 26.61 -2.57 20.74
CA ARG B 383 27.96 -2.11 20.41
C ARG B 383 27.85 -0.82 19.63
N MET B 384 28.67 0.15 19.99
CA MET B 384 28.80 1.39 19.24
C MET B 384 30.09 1.37 18.44
N ASN B 385 30.16 2.23 17.42
CA ASN B 385 31.40 2.43 16.69
C ASN B 385 32.42 3.13 17.56
N ALA B 386 33.70 2.93 17.23
CA ALA B 386 34.77 3.49 18.05
C ALA B 386 34.70 5.01 18.07
N LYS B 387 34.95 5.57 19.25
CA LYS B 387 35.10 7.00 19.44
C LYS B 387 36.03 7.59 18.39
N GLY B 388 35.69 8.79 17.94
CA GLY B 388 36.54 9.57 17.07
C GLY B 388 37.46 10.48 17.86
N ASP B 389 37.94 11.53 17.19
CA ASP B 389 38.96 12.39 17.79
C ASP B 389 38.38 13.40 18.78
N SER B 390 37.12 13.80 18.62
CA SER B 390 36.58 14.80 19.52
C SER B 390 36.37 14.21 20.91
N ASN B 391 36.07 15.07 21.86
CA ASN B 391 35.96 14.59 23.22
C ASN B 391 34.68 14.98 23.93
N THR B 392 34.16 16.19 23.71
CA THR B 392 33.07 16.72 24.51
C THR B 392 31.84 17.06 23.66
N VAL B 393 30.67 16.74 24.20
CA VAL B 393 29.39 16.97 23.52
C VAL B 393 28.43 17.55 24.53
N LEU B 394 27.71 18.58 24.10
CA LEU B 394 26.56 19.11 24.84
C LEU B 394 25.27 18.67 24.14
N VAL B 395 24.37 18.03 24.89
CA VAL B 395 23.05 17.65 24.43
C VAL B 395 22.06 18.54 25.17
N VAL B 396 21.27 19.31 24.41
CA VAL B 396 20.31 20.26 24.97
C VAL B 396 18.92 19.68 24.79
N GLY B 397 18.30 19.30 25.91
CA GLY B 397 16.98 18.72 25.90
C GLY B 397 17.03 17.23 26.19
N ALA B 398 16.27 16.80 27.18
CA ALA B 398 16.26 15.43 27.67
C ALA B 398 14.95 14.72 27.36
N GLY B 399 14.41 14.95 26.16
CA GLY B 399 13.39 14.09 25.62
C GLY B 399 13.99 12.82 25.05
N PRO B 400 13.13 12.00 24.43
CA PRO B 400 13.64 10.75 23.83
C PRO B 400 14.82 10.95 22.91
N ALA B 401 14.86 12.04 22.15
CA ALA B 401 16.01 12.26 21.27
C ALA B 401 17.28 12.54 22.05
N GLY B 402 17.24 13.52 22.94
CA GLY B 402 18.43 13.86 23.69
C GLY B 402 18.87 12.72 24.59
N LEU B 403 17.91 12.01 25.17
CA LEU B 403 18.25 10.88 26.03
C LEU B 403 18.96 9.77 25.25
N GLU B 404 18.47 9.44 24.06
CA GLU B 404 19.12 8.38 23.31
C GLU B 404 20.47 8.83 22.78
N ALA B 405 20.57 10.09 22.31
CA ALA B 405 21.87 10.63 21.93
C ALA B 405 22.86 10.53 23.09
N THR B 406 22.43 10.96 24.29
CA THR B 406 23.30 10.91 25.47
C THR B 406 23.74 9.48 25.76
N ARG B 407 22.79 8.55 25.83
CA ARG B 407 23.13 7.16 26.12
C ARG B 407 24.11 6.61 25.09
N ALA B 408 23.85 6.85 23.80
CA ALA B 408 24.67 6.21 22.78
C ALA B 408 26.05 6.84 22.71
N LEU B 409 26.13 8.16 22.88
CA LEU B 409 27.42 8.85 22.86
C LEU B 409 28.31 8.42 24.02
N SER B 410 27.74 8.35 25.22
CA SER B 410 28.53 7.93 26.38
C SER B 410 29.06 6.51 26.21
N LEU B 411 28.27 5.61 25.60
CA LEU B 411 28.78 4.26 25.35
C LEU B 411 29.88 4.26 24.33
N ARG B 412 29.90 5.25 23.46
CA ARG B 412 30.98 5.41 22.50
C ARG B 412 32.26 5.94 23.13
N GLY B 413 32.17 6.59 24.30
CA GLY B 413 33.33 7.10 25.00
C GLY B 413 33.40 8.61 25.13
N TYR B 414 32.48 9.36 24.53
CA TYR B 414 32.53 10.80 24.67
C TYR B 414 32.17 11.23 26.09
N ASP B 415 32.71 12.38 26.50
CA ASP B 415 32.25 13.10 27.68
C ASP B 415 31.02 13.90 27.28
N VAL B 416 29.91 13.67 27.98
CA VAL B 416 28.63 14.21 27.55
C VAL B 416 28.05 15.00 28.70
N THR B 417 27.60 16.20 28.40
CA THR B 417 26.79 16.99 29.30
C THR B 417 25.39 17.13 28.71
N LEU B 418 24.40 16.74 29.48
CA LEU B 418 23.00 16.82 29.11
C LEU B 418 22.36 17.97 29.90
N ALA B 419 21.85 18.97 29.19
CA ALA B 419 21.17 20.10 29.81
C ALA B 419 19.67 20.01 29.54
N GLU B 420 18.88 20.09 30.60
CA GLU B 420 17.43 19.99 30.51
C GLU B 420 16.81 21.18 31.21
N ALA B 421 15.85 21.82 30.54
CA ALA B 421 15.32 23.08 31.03
C ALA B 421 14.43 22.91 32.24
N THR B 422 13.68 21.81 32.33
CA THR B 422 12.80 21.60 33.47
C THR B 422 13.52 20.75 34.51
N THR B 423 12.79 20.28 35.53
CA THR B 423 13.35 19.40 36.55
C THR B 423 13.00 17.94 36.32
N THR B 424 12.50 17.58 35.12
CA THR B 424 12.14 16.20 34.81
C THR B 424 12.84 15.75 33.54
N LEU B 425 13.38 14.53 33.56
CA LEU B 425 13.84 13.87 32.34
C LEU B 425 12.67 13.29 31.56
N GLY B 426 12.79 13.27 30.24
CA GLY B 426 11.86 12.55 29.38
C GLY B 426 11.09 13.41 28.40
N GLY B 427 11.09 14.74 28.55
CA GLY B 427 10.44 15.60 27.57
C GLY B 427 9.00 15.19 27.36
N ARG B 428 8.61 15.00 26.10
CA ARG B 428 7.22 14.65 25.78
C ARG B 428 6.81 13.33 26.42
N VAL B 429 7.74 12.39 26.61
CA VAL B 429 7.38 11.10 27.17
C VAL B 429 7.05 11.23 28.64
N ALA B 430 7.75 12.11 29.36
CA ALA B 430 7.41 12.35 30.76
C ALA B 430 5.99 12.89 30.89
N ARG B 431 5.52 13.65 29.89
CA ARG B 431 4.17 14.19 29.95
C ARG B 431 3.13 13.21 29.39
N GLU B 432 3.41 12.60 28.25
CA GLU B 432 2.45 11.68 27.64
C GLU B 432 2.26 10.40 28.46
N ARG B 433 3.30 9.92 29.16
CA ARG B 433 3.16 8.69 29.92
C ARG B 433 2.07 8.80 30.99
N LEU B 434 1.71 10.01 31.39
CA LEU B 434 0.65 10.21 32.37
C LEU B 434 -0.74 10.20 31.76
N LEU B 435 -0.85 10.12 30.44
CA LEU B 435 -2.15 10.16 29.79
C LEU B 435 -2.76 8.76 29.73
N PRO B 436 -4.08 8.68 29.60
CA PRO B 436 -4.77 7.37 29.62
C PRO B 436 -4.29 6.44 28.54
N GLY B 437 -3.81 5.27 28.94
CA GLY B 437 -3.41 4.26 28.00
C GLY B 437 -1.99 4.38 27.48
N LEU B 438 -1.21 5.37 27.94
CA LEU B 438 0.14 5.58 27.43
C LEU B 438 1.23 5.31 28.47
N SER B 439 0.91 4.69 29.60
CA SER B 439 1.89 4.57 30.68
C SER B 439 3.07 3.71 30.27
N ALA B 440 2.83 2.70 29.42
CA ALA B 440 3.93 1.83 29.00
C ALA B 440 5.03 2.60 28.28
N TRP B 441 4.69 3.74 27.67
CA TRP B 441 5.70 4.48 26.92
C TRP B 441 6.77 5.06 27.84
N GLY B 442 6.48 5.14 29.14
CA GLY B 442 7.49 5.59 30.08
C GLY B 442 8.75 4.75 30.07
N ARG B 443 8.66 3.49 29.64
CA ARG B 443 9.87 2.67 29.58
C ARG B 443 10.92 3.27 28.65
N VAL B 444 10.50 4.13 27.72
CA VAL B 444 11.44 4.78 26.83
C VAL B 444 12.38 5.69 27.62
N VAL B 445 11.83 6.40 28.61
CA VAL B 445 12.64 7.23 29.50
C VAL B 445 13.36 6.38 30.53
N ASP B 446 12.63 5.48 31.21
CA ASP B 446 13.20 4.75 32.34
C ASP B 446 14.41 3.94 31.91
N TYR B 447 14.30 3.27 30.77
CA TYR B 447 15.47 2.55 30.27
C TYR B 447 16.66 3.51 30.14
N ARG B 448 16.45 4.66 29.52
CA ARG B 448 17.59 5.55 29.26
C ARG B 448 18.09 6.23 30.52
N GLN B 449 17.19 6.69 31.39
CA GLN B 449 17.63 7.23 32.69
C GLN B 449 18.51 6.20 33.40
N TYR B 450 18.05 4.95 33.47
CA TYR B 450 18.85 3.96 34.19
C TYR B 450 20.22 3.77 33.55
N GLN B 451 20.27 3.53 32.24
CA GLN B 451 21.57 3.29 31.60
C GLN B 451 22.52 4.46 31.80
N ILE B 452 22.02 5.68 31.68
CA ILE B 452 22.85 6.88 31.80
C ILE B 452 23.38 7.01 33.21
N SER B 453 22.56 6.66 34.21
CA SER B 453 22.99 6.78 35.60
C SER B 453 24.20 5.92 35.89
N GLN B 454 24.45 4.90 35.07
CA GLN B 454 25.58 4.02 35.27
C GLN B 454 26.87 4.52 34.62
N ARG B 455 26.86 5.68 33.97
CA ARG B 455 28.00 6.14 33.19
C ARG B 455 28.74 7.21 33.98
N THR B 456 30.07 7.09 34.02
CA THR B 456 30.85 8.12 34.69
C THR B 456 31.11 9.31 33.80
N ASN B 457 30.92 9.18 32.49
CA ASN B 457 31.23 10.24 31.55
C ASN B 457 30.01 11.08 31.15
N VAL B 458 28.97 11.13 31.99
CA VAL B 458 27.77 11.93 31.72
C VAL B 458 27.42 12.75 32.95
N GLU B 459 27.27 14.06 32.76
CA GLU B 459 26.70 14.94 33.78
C GLU B 459 25.42 15.57 33.26
N THR B 460 24.40 15.59 34.12
CA THR B 460 23.06 16.04 33.79
C THR B 460 22.69 17.26 34.64
N TYR B 461 22.28 18.33 33.98
CA TYR B 461 21.88 19.57 34.64
C TYR B 461 20.40 19.84 34.38
N PHE B 462 19.63 19.95 35.46
CA PHE B 462 18.24 20.39 35.39
C PHE B 462 18.16 21.91 35.58
N ASP B 463 16.97 22.44 35.40
CA ASP B 463 16.67 23.89 35.54
C ASP B 463 17.61 24.70 34.67
N SER B 464 18.03 24.16 33.54
CA SER B 464 18.99 24.86 32.68
C SER B 464 18.42 25.10 31.28
N ARG B 465 17.53 26.08 31.13
CA ARG B 465 16.98 26.48 29.83
C ARG B 465 18.09 27.28 29.15
N LEU B 466 18.92 26.63 28.36
CA LEU B 466 20.10 27.25 27.82
C LEU B 466 19.76 28.31 26.79
N THR B 467 20.54 29.38 26.80
CA THR B 467 20.62 30.35 25.73
C THR B 467 21.84 30.07 24.88
N ALA B 468 21.92 30.77 23.74
CA ALA B 468 23.09 30.64 22.88
C ALA B 468 24.34 31.12 23.61
N GLU B 469 24.21 32.20 24.38
CA GLU B 469 25.32 32.67 25.21
C GLU B 469 25.80 31.55 26.14
N ASP B 470 24.88 30.93 26.88
CA ASP B 470 25.25 29.79 27.74
C ASP B 470 26.04 28.74 26.97
N VAL B 471 25.50 28.30 25.82
CA VAL B 471 26.15 27.21 25.08
C VAL B 471 27.55 27.62 24.66
N LEU B 472 27.70 28.86 24.19
CA LEU B 472 29.03 29.31 23.75
C LEU B 472 29.99 29.43 24.93
N GLY B 473 29.49 29.83 26.09
CA GLY B 473 30.33 29.92 27.26
C GLY B 473 30.92 28.59 27.67
N PHE B 474 30.20 27.50 27.42
CA PHE B 474 30.62 26.18 27.89
C PHE B 474 31.80 25.62 27.10
N GLY B 475 31.99 26.03 25.84
CA GLY B 475 33.16 25.58 25.11
C GLY B 475 33.22 24.08 24.85
N PHE B 476 32.08 23.40 24.80
CA PHE B 476 32.07 22.01 24.38
C PHE B 476 32.16 21.93 22.87
N GLU B 477 32.77 20.84 22.39
CA GLU B 477 33.14 20.75 20.98
C GLU B 477 31.93 20.56 20.06
N HIS B 478 30.96 19.74 20.46
CA HIS B 478 29.80 19.50 19.61
C HIS B 478 28.52 19.67 20.39
N VAL B 479 27.53 20.26 19.73
CA VAL B 479 26.24 20.57 20.35
C VAL B 479 25.14 19.86 19.56
N ALA B 480 24.26 19.17 20.29
CA ALA B 480 23.05 18.57 19.75
C ALA B 480 21.86 19.26 20.39
N ILE B 481 21.05 19.90 19.57
CA ILE B 481 19.86 20.63 20.01
C ILE B 481 18.69 19.67 19.82
N ALA B 482 18.15 19.21 20.93
CA ALA B 482 17.03 18.26 20.94
C ALA B 482 15.92 18.88 21.77
N THR B 483 15.47 20.07 21.37
CA THR B 483 14.63 20.93 22.20
C THR B 483 13.13 20.78 21.94
N GLY B 484 12.71 19.83 21.12
CA GLY B 484 11.32 19.44 21.06
C GLY B 484 10.43 20.35 20.23
N SER B 485 9.16 20.43 20.63
CA SER B 485 8.11 21.05 19.81
C SER B 485 6.90 21.33 20.69
N HIS B 486 5.97 22.13 20.16
CA HIS B 486 4.75 22.50 20.86
C HIS B 486 3.54 22.31 19.94
N TRP B 487 2.43 21.88 20.51
CA TRP B 487 1.20 21.81 19.74
C TRP B 487 0.72 23.21 19.37
N ARG B 488 0.24 23.34 18.14
CA ARG B 488 -0.14 24.64 17.59
C ARG B 488 -1.53 25.04 18.04
N ARG B 489 -1.72 26.36 18.17
CA ARG B 489 -3.00 26.95 18.58
C ARG B 489 -3.78 27.56 17.45
N ASP B 490 -3.20 27.65 16.26
CA ASP B 490 -3.83 28.34 15.14
C ASP B 490 -4.57 27.40 14.19
N GLY B 491 -4.72 26.12 14.53
CA GLY B 491 -5.49 25.18 13.73
C GLY B 491 -4.76 24.59 12.54
N VAL B 492 -3.49 24.91 12.35
CA VAL B 492 -2.74 24.48 11.17
C VAL B 492 -2.31 23.04 11.32
N ALA B 493 -2.56 22.24 10.29
CA ALA B 493 -2.04 20.88 10.20
C ALA B 493 -2.13 20.40 8.78
N ARG B 494 -3.26 19.79 8.42
CA ARG B 494 -3.51 19.23 7.11
C ARG B 494 -4.69 19.92 6.41
N GLN B 495 -5.85 19.95 7.06
CA GLN B 495 -6.99 20.67 6.51
C GLN B 495 -6.63 22.13 6.28
N HIS B 496 -6.03 22.78 7.26
CA HIS B 496 -5.58 24.16 7.14
C HIS B 496 -4.06 24.23 7.09
N VAL B 497 -3.53 24.98 6.12
CA VAL B 497 -2.09 25.24 6.05
C VAL B 497 -1.74 26.66 6.49
N VAL B 498 -2.73 27.53 6.65
CA VAL B 498 -2.54 28.82 7.32
C VAL B 498 -3.63 28.97 8.38
N PRO B 499 -3.42 29.82 9.36
CA PRO B 499 -4.31 29.85 10.52
C PRO B 499 -5.78 29.96 10.12
N MET B 500 -6.62 29.19 10.81
CA MET B 500 -8.05 29.21 10.56
C MET B 500 -8.70 30.38 11.33
N PRO B 501 -9.91 30.77 10.94
CA PRO B 501 -10.66 31.76 11.73
C PRO B 501 -10.97 31.23 13.13
N ILE B 502 -10.55 32.01 14.13
CA ILE B 502 -10.72 31.65 15.55
C ILE B 502 -11.20 32.87 16.32
N ASP B 503 -12.40 32.80 16.89
CA ASP B 503 -12.89 33.84 17.79
C ASP B 503 -12.13 33.80 19.11
N PRO B 504 -11.47 34.88 19.53
CA PRO B 504 -10.63 34.80 20.74
C PRO B 504 -11.41 34.66 22.02
N SER B 505 -12.73 34.77 21.99
CA SER B 505 -13.51 34.47 23.19
C SER B 505 -13.72 32.98 23.42
N MET B 506 -13.47 32.12 22.42
CA MET B 506 -13.59 30.69 22.65
C MET B 506 -12.38 30.18 23.40
N THR B 507 -12.64 29.35 24.41
CA THR B 507 -11.58 28.63 25.09
C THR B 507 -11.03 27.55 24.16
N VAL B 508 -9.71 27.58 23.94
CA VAL B 508 -9.03 26.62 23.06
C VAL B 508 -7.86 26.05 23.82
N TRP B 509 -7.89 24.75 24.06
CA TRP B 509 -6.80 24.02 24.67
C TRP B 509 -6.09 23.15 23.64
N THR B 510 -4.77 23.08 23.73
CA THR B 510 -3.96 22.10 23.02
C THR B 510 -3.63 20.95 23.93
N PRO B 511 -3.07 19.86 23.38
CA PRO B 511 -2.64 18.76 24.24
C PRO B 511 -1.63 19.17 25.28
N ASP B 512 -0.82 20.20 25.00
CA ASP B 512 0.12 20.70 26.00
C ASP B 512 -0.61 21.29 27.19
N ASP B 513 -1.63 22.12 26.94
CA ASP B 513 -2.44 22.66 28.03
C ASP B 513 -3.02 21.53 28.88
N ILE B 514 -3.58 20.50 28.22
CA ILE B 514 -4.17 19.40 28.95
C ILE B 514 -3.11 18.68 29.77
N MET B 515 -1.93 18.47 29.20
CA MET B 515 -0.90 17.76 29.92
C MET B 515 -0.41 18.58 31.10
N ALA B 516 -0.52 19.91 31.01
CA ALA B 516 -0.12 20.82 32.07
C ALA B 516 -1.26 21.13 33.03
N LYS B 517 -2.42 20.48 32.84
CA LYS B 517 -3.60 20.62 33.69
C LYS B 517 -4.15 22.05 33.71
N VAL B 518 -4.05 22.73 32.57
CA VAL B 518 -4.63 24.06 32.43
C VAL B 518 -6.15 24.01 32.56
N HIS B 519 -6.76 22.92 32.15
CA HIS B 519 -8.21 22.82 32.15
C HIS B 519 -8.72 22.53 33.57
N PRO B 520 -9.97 22.90 33.84
CA PRO B 520 -10.58 22.53 35.13
C PRO B 520 -10.66 21.02 35.30
N GLU B 521 -10.34 20.56 36.51
CA GLU B 521 -10.36 19.13 36.78
C GLU B 521 -11.75 18.53 36.53
N ASN B 522 -12.81 19.32 36.68
CA ASN B 522 -14.19 18.86 36.56
C ASN B 522 -14.88 19.67 35.47
N LEU B 523 -15.25 19.00 34.38
CA LEU B 523 -15.87 19.66 33.24
C LEU B 523 -17.34 19.30 33.10
N SER B 524 -17.95 18.74 34.15
CA SER B 524 -19.37 18.43 34.12
C SER B 524 -20.18 19.65 33.71
N GLY B 525 -21.13 19.44 32.80
CA GLY B 525 -21.94 20.52 32.30
C GLY B 525 -21.38 21.21 31.07
N LYS B 526 -20.13 20.92 30.71
CA LYS B 526 -19.49 21.57 29.59
C LYS B 526 -19.40 20.61 28.41
N THR B 527 -19.49 21.17 27.21
CA THR B 527 -19.30 20.42 25.97
C THR B 527 -17.96 20.81 25.37
N VAL B 528 -17.14 19.82 25.03
CA VAL B 528 -15.82 20.05 24.45
C VAL B 528 -15.76 19.37 23.10
N VAL B 529 -15.53 20.15 22.04
CA VAL B 529 -15.25 19.59 20.72
C VAL B 529 -13.76 19.31 20.65
N VAL B 530 -13.40 18.07 20.36
CA VAL B 530 -12.01 17.70 20.12
C VAL B 530 -11.82 17.69 18.62
N TYR B 531 -11.08 18.67 18.11
CA TYR B 531 -10.79 18.77 16.69
C TYR B 531 -9.49 18.04 16.43
N ASP B 532 -9.60 16.86 15.82
CA ASP B 532 -8.47 15.97 15.58
C ASP B 532 -8.13 16.03 14.10
N ASP B 533 -7.12 16.83 13.78
CA ASP B 533 -6.54 16.86 12.44
C ASP B 533 -5.13 16.29 12.47
N ASP B 534 -4.83 15.51 13.51
CA ASP B 534 -3.57 14.80 13.70
C ASP B 534 -3.65 13.36 13.20
N HIS B 535 -4.72 12.64 13.54
CA HIS B 535 -5.10 11.36 12.97
C HIS B 535 -4.23 10.21 13.42
N TYR B 536 -3.44 10.37 14.47
CA TYR B 536 -2.72 9.25 15.05
C TYR B 536 -3.39 8.94 16.39
N TYR B 537 -2.71 9.05 17.53
CA TYR B 537 -3.29 8.67 18.82
C TYR B 537 -3.75 9.82 19.72
N MET B 538 -3.15 11.01 19.60
CA MET B 538 -3.39 12.05 20.61
C MET B 538 -4.88 12.44 20.68
N GLY B 539 -5.55 12.56 19.53
CA GLY B 539 -6.95 12.97 19.54
C GLY B 539 -7.83 12.08 20.40
N GLY B 540 -7.72 10.76 20.22
CA GLY B 540 -8.52 9.87 21.03
C GLY B 540 -8.13 9.91 22.50
N VAL B 541 -6.83 10.05 22.77
CA VAL B 541 -6.39 10.12 24.16
C VAL B 541 -6.95 11.38 24.82
N MET B 542 -6.91 12.50 24.11
CA MET B 542 -7.49 13.74 24.63
C MET B 542 -8.99 13.59 24.85
N ALA B 543 -9.68 12.91 23.94
CA ALA B 543 -11.12 12.71 24.14
C ALA B 543 -11.38 11.91 25.40
N GLU B 544 -10.50 10.94 25.72
CA GLU B 544 -10.69 10.18 26.95
C GLU B 544 -10.42 11.05 28.19
N VAL B 545 -9.43 11.94 28.13
CA VAL B 545 -9.21 12.84 29.26
C VAL B 545 -10.46 13.68 29.51
N MET B 546 -11.01 14.27 28.46
CA MET B 546 -12.20 15.08 28.61
C MET B 546 -13.37 14.26 29.13
N ALA B 547 -13.50 13.02 28.62
CA ALA B 547 -14.59 12.16 29.05
C ALA B 547 -14.49 11.87 30.55
N LYS B 548 -13.29 11.51 31.01
CA LYS B 548 -13.09 11.21 32.42
C LYS B 548 -13.27 12.43 33.29
N ALA B 549 -13.12 13.63 32.73
CA ALA B 549 -13.35 14.85 33.49
C ALA B 549 -14.83 15.23 33.58
N GLY B 550 -15.71 14.48 32.93
CA GLY B 550 -17.12 14.74 33.03
C GLY B 550 -17.70 15.55 31.89
N ALA B 551 -16.90 15.87 30.88
CA ALA B 551 -17.42 16.65 29.78
C ALA B 551 -18.31 15.81 28.89
N LYS B 552 -19.20 16.50 28.17
CA LYS B 552 -19.77 15.95 26.94
C LYS B 552 -18.75 16.16 25.82
N VAL B 553 -18.28 15.08 25.21
CA VAL B 553 -17.16 15.12 24.29
C VAL B 553 -17.64 14.80 22.88
N ILE B 554 -17.32 15.68 21.94
CA ILE B 554 -17.61 15.47 20.53
C ILE B 554 -16.28 15.50 19.81
N LEU B 555 -15.89 14.37 19.26
CA LEU B 555 -14.64 14.25 18.53
C LEU B 555 -14.95 14.39 17.05
N VAL B 556 -14.28 15.35 16.39
CA VAL B 556 -14.53 15.71 15.00
C VAL B 556 -13.22 15.50 14.25
N THR B 557 -13.27 14.66 13.20
CA THR B 557 -12.08 14.36 12.41
C THR B 557 -12.45 14.24 10.93
N SER B 558 -11.59 14.78 10.06
CA SER B 558 -11.84 14.74 8.62
C SER B 558 -11.70 13.33 8.05
N SER B 559 -11.10 12.43 8.80
CA SER B 559 -10.87 11.07 8.35
C SER B 559 -12.14 10.24 8.44
N ALA B 560 -12.16 9.17 7.63
CA ALA B 560 -13.20 8.13 7.71
C ALA B 560 -13.03 7.22 8.93
N TYR B 561 -11.94 7.36 9.67
CA TYR B 561 -11.67 6.53 10.84
C TYR B 561 -11.23 7.41 12.00
N VAL B 562 -11.66 7.05 13.21
CA VAL B 562 -11.10 7.69 14.38
C VAL B 562 -9.68 7.17 14.59
N SER B 563 -8.76 8.06 14.96
CA SER B 563 -7.36 7.69 15.17
C SER B 563 -6.86 6.89 13.97
N ASP B 564 -7.04 7.48 12.78
CA ASP B 564 -6.83 6.88 11.48
C ASP B 564 -5.57 6.00 11.38
N TRP B 565 -4.42 6.60 11.62
CA TRP B 565 -3.16 5.92 11.34
C TRP B 565 -2.93 4.74 12.28
N THR B 566 -3.64 4.67 13.42
CA THR B 566 -3.50 3.49 14.26
C THR B 566 -4.08 2.24 13.60
N ARG B 567 -4.71 2.36 12.44
CA ARG B 567 -4.95 1.16 11.65
C ARG B 567 -3.65 0.40 11.40
N ASN B 568 -2.54 1.13 11.25
CA ASN B 568 -1.24 0.49 10.97
C ASN B 568 -0.64 -0.20 12.17
N THR B 569 -1.07 0.13 13.39
CA THR B 569 -0.70 -0.61 14.58
C THR B 569 -1.76 -1.66 14.95
N LEU B 570 -2.84 -1.77 14.17
CA LEU B 570 -3.93 -2.70 14.40
C LEU B 570 -4.74 -2.37 15.65
N GLU B 571 -4.60 -1.15 16.19
CA GLU B 571 -5.33 -0.72 17.38
C GLU B 571 -6.64 -0.01 17.08
N GLN B 572 -6.94 0.32 15.82
CA GLN B 572 -7.97 1.33 15.54
C GLN B 572 -9.36 0.90 16.01
N GLY B 573 -9.74 -0.37 15.77
CA GLY B 573 -11.06 -0.81 16.19
C GLY B 573 -11.28 -0.71 17.69
N ALA B 574 -10.27 -1.11 18.47
CA ALA B 574 -10.43 -1.07 19.92
C ALA B 574 -10.54 0.37 20.41
N ILE B 575 -9.88 1.31 19.73
CA ILE B 575 -9.96 2.71 20.14
C ILE B 575 -11.37 3.24 19.93
N HIS B 576 -11.96 2.97 18.76
CA HIS B 576 -13.32 3.42 18.52
C HIS B 576 -14.26 2.91 19.60
N VAL B 577 -14.12 1.64 19.95
CA VAL B 577 -15.02 1.01 20.92
C VAL B 577 -14.85 1.63 22.30
N ARG B 578 -13.60 1.88 22.70
CA ARG B 578 -13.38 2.49 24.00
C ARG B 578 -13.98 3.88 24.06
N LEU B 579 -13.79 4.69 23.01
CA LEU B 579 -14.37 6.03 23.02
C LEU B 579 -15.88 5.96 23.06
N ASP B 580 -16.49 5.02 22.34
CA ASP B 580 -17.94 4.90 22.39
C ASP B 580 -18.39 4.47 23.78
N ASP B 581 -17.67 3.51 24.37
CA ASP B 581 -17.94 3.10 25.73
C ASP B 581 -17.80 4.26 26.72
N LEU B 582 -16.90 5.20 26.45
CA LEU B 582 -16.78 6.38 27.29
C LEU B 582 -17.88 7.39 27.04
N GLY B 583 -18.78 7.15 26.09
CA GLY B 583 -19.80 8.12 25.73
C GLY B 583 -19.35 9.19 24.75
N VAL B 584 -18.18 9.06 24.15
CA VAL B 584 -17.71 10.05 23.21
C VAL B 584 -18.53 9.98 21.93
N ASP B 585 -18.94 11.15 21.43
CA ASP B 585 -19.71 11.26 20.20
C ASP B 585 -18.75 11.50 19.02
N ILE B 586 -18.62 10.51 18.14
CA ILE B 586 -17.59 10.49 17.11
C ILE B 586 -18.18 10.99 15.79
N ARG B 587 -17.66 12.11 15.28
CA ARG B 587 -18.14 12.72 14.03
C ARG B 587 -17.05 12.52 12.97
N LEU B 588 -17.25 11.55 12.10
CA LEU B 588 -16.28 11.23 11.07
C LEU B 588 -16.56 11.98 9.78
N ASN B 589 -15.55 12.02 8.90
CA ASN B 589 -15.67 12.65 7.58
C ASN B 589 -16.07 14.11 7.71
N ARG B 590 -15.51 14.78 8.71
CA ARG B 590 -15.93 16.15 9.06
C ARG B 590 -14.73 16.97 9.51
N GLY B 591 -14.44 18.03 8.78
CA GLY B 591 -13.43 18.98 9.19
C GLY B 591 -14.04 20.09 10.03
N VAL B 592 -13.17 20.97 10.52
CA VAL B 592 -13.56 22.20 11.21
C VAL B 592 -12.98 23.36 10.41
N THR B 593 -13.86 24.21 9.90
CA THR B 593 -13.43 25.36 9.10
C THR B 593 -13.26 26.66 9.90
N ALA B 594 -13.91 26.80 11.04
CA ALA B 594 -13.78 28.02 11.83
C ALA B 594 -14.18 27.73 13.27
N ILE B 595 -13.54 28.45 14.19
CA ILE B 595 -13.92 28.42 15.61
C ILE B 595 -14.61 29.75 15.91
N ARG B 596 -15.86 29.66 16.33
CA ARG B 596 -16.68 30.83 16.59
C ARG B 596 -16.92 31.00 18.08
N ALA B 597 -17.72 32.01 18.42
CA ALA B 597 -17.88 32.42 19.81
C ALA B 597 -18.36 31.27 20.68
N GLY B 598 -19.45 30.62 20.27
CA GLY B 598 -19.96 29.51 21.07
C GLY B 598 -20.08 28.21 20.31
N GLU B 599 -19.38 28.08 19.19
CA GLU B 599 -19.58 26.94 18.30
C GLU B 599 -18.38 26.83 17.36
N VAL B 600 -18.28 25.65 16.71
CA VAL B 600 -17.39 25.46 15.57
C VAL B 600 -18.24 25.29 14.32
N GLU B 601 -17.76 25.84 13.21
CA GLU B 601 -18.28 25.48 11.90
C GLU B 601 -17.54 24.24 11.41
N THR B 602 -18.29 23.27 10.88
CA THR B 602 -17.73 22.03 10.36
C THR B 602 -18.11 21.86 8.90
N ASN B 603 -17.34 21.02 8.21
CA ASN B 603 -17.58 20.73 6.79
C ASN B 603 -17.60 19.22 6.59
N CYS B 604 -18.63 18.72 5.92
CA CYS B 604 -18.56 17.38 5.36
C CYS B 604 -17.48 17.38 4.29
N VAL B 605 -16.47 16.51 4.44
CA VAL B 605 -15.28 16.59 3.62
C VAL B 605 -15.55 16.20 2.17
N TYR B 606 -16.62 15.45 1.89
CA TYR B 606 -16.94 15.08 0.52
C TYR B 606 -17.75 16.17 -0.17
N THR B 607 -18.83 16.64 0.44
CA THR B 607 -19.75 17.55 -0.25
C THR B 607 -19.42 19.02 -0.01
N GLY B 608 -18.64 19.33 1.00
CA GLY B 608 -18.41 20.70 1.39
C GLY B 608 -19.51 21.32 2.22
N LYS B 609 -20.64 20.64 2.44
CA LYS B 609 -21.74 21.24 3.16
C LYS B 609 -21.31 21.57 4.59
N ARG B 610 -21.71 22.74 5.07
CA ARG B 610 -21.27 23.23 6.37
C ARG B 610 -22.40 23.20 7.39
N SER B 611 -22.02 23.05 8.65
CA SER B 611 -22.95 23.00 9.75
C SER B 611 -22.17 23.30 11.02
N ALA B 612 -22.89 23.78 12.04
CA ALA B 612 -22.26 24.18 13.28
C ALA B 612 -22.52 23.17 14.38
N ILE B 613 -21.58 23.07 15.31
CA ILE B 613 -21.70 22.27 16.52
C ILE B 613 -21.45 23.22 17.69
N GLY B 614 -22.39 23.31 18.62
CA GLY B 614 -22.19 24.16 19.78
C GLY B 614 -21.25 23.52 20.79
N CYS B 615 -20.43 24.35 21.43
CA CYS B 615 -19.49 23.84 22.42
C CYS B 615 -19.00 24.98 23.29
N ASP B 616 -18.52 24.62 24.49
CA ASP B 616 -17.96 25.56 25.45
C ASP B 616 -16.46 25.70 25.32
N ALA B 617 -15.77 24.70 24.76
CA ALA B 617 -14.34 24.76 24.52
C ALA B 617 -13.99 23.89 23.34
N VAL B 618 -12.87 24.22 22.70
CA VAL B 618 -12.28 23.43 21.63
C VAL B 618 -10.94 22.92 22.11
N LEU B 619 -10.77 21.59 22.10
CA LEU B 619 -9.49 20.94 22.31
C LEU B 619 -8.89 20.69 20.92
N MET B 620 -7.91 21.49 20.55
CA MET B 620 -7.33 21.49 19.22
C MET B 620 -6.16 20.52 19.16
N VAL B 621 -6.28 19.47 18.35
CA VAL B 621 -5.19 18.52 18.14
C VAL B 621 -4.81 18.64 16.68
N ALA B 622 -3.97 19.63 16.38
CA ALA B 622 -3.69 20.00 15.01
C ALA B 622 -2.36 19.36 14.61
N SER B 623 -1.29 20.13 14.74
CA SER B 623 0.07 19.62 14.50
C SER B 623 0.99 20.44 15.40
N ARG B 624 2.29 20.22 15.27
CA ARG B 624 3.25 20.81 16.20
C ARG B 624 4.22 21.71 15.46
N THR B 625 4.78 22.68 16.18
CA THR B 625 5.82 23.56 15.68
C THR B 625 7.10 23.27 16.44
N SER B 626 8.20 23.18 15.71
CA SER B 626 9.49 22.88 16.31
C SER B 626 9.94 24.01 17.23
N GLU B 627 10.51 23.64 18.36
CA GLU B 627 11.23 24.57 19.24
C GLU B 627 12.67 24.66 18.72
N ASP B 628 12.96 25.66 17.90
CA ASP B 628 14.27 25.77 17.25
C ASP B 628 14.93 27.13 17.43
N GLN B 629 14.43 27.97 18.34
CA GLN B 629 15.00 29.30 18.51
C GLN B 629 16.48 29.22 18.91
N LEU B 630 16.79 28.40 19.91
CA LEU B 630 18.16 28.29 20.38
C LEU B 630 19.09 27.86 19.24
N PHE B 631 18.67 26.88 18.45
CA PHE B 631 19.47 26.46 17.31
C PHE B 631 19.69 27.63 16.34
N ASN B 632 18.61 28.37 16.03
CA ASN B 632 18.73 29.53 15.16
C ASN B 632 19.66 30.59 15.77
N ASP B 633 19.56 30.80 17.08
CA ASP B 633 20.46 31.75 17.72
C ASP B 633 21.91 31.34 17.54
N LEU B 634 22.23 30.05 17.70
CA LEU B 634 23.61 29.59 17.55
C LEU B 634 24.09 29.67 16.11
N ILE B 635 23.23 29.30 15.16
CA ILE B 635 23.59 29.42 13.74
C ILE B 635 23.82 30.89 13.39
N ALA B 636 23.02 31.77 13.98
CA ALA B 636 23.20 33.19 13.75
C ALA B 636 24.56 33.70 14.22
N ARG B 637 25.18 33.02 15.20
CA ARG B 637 26.49 33.40 15.73
C ARG B 637 27.56 32.37 15.36
N GLN B 638 27.42 31.75 14.20
CA GLN B 638 28.36 30.72 13.77
C GLN B 638 29.80 31.20 13.83
N GLY B 639 30.02 32.52 13.73
CA GLY B 639 31.37 33.06 13.71
C GLY B 639 32.08 32.97 15.04
N ASP B 640 31.32 32.98 16.14
CA ASP B 640 31.91 32.85 17.48
C ASP B 640 32.26 31.43 17.82
N TRP B 641 31.78 30.44 17.06
CA TRP B 641 32.03 29.05 17.42
C TRP B 641 33.53 28.78 17.56
N PRO B 642 34.38 29.09 16.58
CA PRO B 642 35.80 28.72 16.71
C PRO B 642 36.43 29.29 17.96
N ASP B 643 36.17 30.57 18.26
CA ASP B 643 36.66 31.17 19.50
C ASP B 643 36.09 30.45 20.72
N ALA B 644 34.82 30.07 20.67
CA ALA B 644 34.22 29.39 21.82
C ALA B 644 34.70 27.96 21.98
N GLY B 645 35.29 27.37 20.94
CA GLY B 645 35.67 25.98 20.94
C GLY B 645 34.64 25.03 20.40
N ILE B 646 33.57 25.55 19.80
CA ILE B 646 32.47 24.74 19.28
C ILE B 646 32.78 24.37 17.83
N LYS B 647 32.81 23.07 17.54
CA LYS B 647 33.04 22.62 16.18
C LYS B 647 31.75 22.45 15.38
N SER B 648 30.64 22.08 16.02
CA SER B 648 29.44 21.79 15.26
C SER B 648 28.21 21.88 16.16
N VAL B 649 27.10 22.28 15.53
CA VAL B 649 25.79 22.41 16.14
C VAL B 649 24.80 21.78 15.18
N LYS B 650 23.99 20.85 15.68
CA LYS B 650 22.97 20.16 14.89
C LYS B 650 21.65 20.11 15.66
N ILE B 651 20.54 20.03 14.93
CA ILE B 651 19.21 19.98 15.51
C ILE B 651 18.59 18.62 15.14
N ILE B 652 17.98 17.95 16.13
CA ILE B 652 17.53 16.57 15.96
C ILE B 652 16.19 16.39 16.64
N GLY B 653 15.47 15.37 16.20
CA GLY B 653 14.21 15.02 16.83
C GLY B 653 13.07 15.94 16.42
N ASP B 654 12.12 16.10 17.33
CA ASP B 654 10.95 16.93 17.06
C ASP B 654 11.34 18.38 16.77
N ALA B 655 12.50 18.83 17.31
CA ALA B 655 12.99 20.20 17.05
C ALA B 655 13.42 20.41 15.61
N ALA B 656 13.70 19.32 14.90
CA ALA B 656 13.99 19.36 13.47
C ALA B 656 12.71 19.15 12.65
N ALA B 657 11.89 18.15 12.99
CA ALA B 657 10.68 17.80 12.27
C ALA B 657 9.82 16.90 13.14
N PRO B 658 8.70 17.39 13.67
CA PRO B 658 7.88 16.56 14.57
C PRO B 658 7.43 15.27 13.89
N ALA B 659 7.37 14.20 14.70
CA ALA B 659 7.10 12.84 14.26
C ALA B 659 6.82 11.99 15.48
N PRO B 660 6.58 10.69 15.33
CA PRO B 660 6.35 9.85 16.52
C PRO B 660 7.62 9.69 17.35
N ILE B 661 7.44 9.15 18.55
CA ILE B 661 8.55 9.01 19.48
C ILE B 661 9.66 8.14 18.91
N ALA B 662 9.32 7.11 18.11
CA ALA B 662 10.39 6.26 17.58
C ALA B 662 11.32 7.04 16.66
N TRP B 663 10.78 8.04 15.95
CA TRP B 663 11.64 8.89 15.13
C TRP B 663 12.62 9.69 15.99
N ALA B 664 12.24 10.05 17.23
CA ALA B 664 13.13 10.82 18.09
C ALA B 664 14.25 9.93 18.65
N THR B 665 13.93 8.73 19.14
CA THR B 665 15.01 7.85 19.59
C THR B 665 15.94 7.52 18.43
N TYR B 666 15.39 7.35 17.21
CA TYR B 666 16.20 7.13 16.02
C TYR B 666 17.14 8.28 15.73
N ALA B 667 16.62 9.51 15.75
CA ALA B 667 17.43 10.69 15.45
C ALA B 667 18.55 10.85 16.47
N GLY B 668 18.26 10.58 17.74
CA GLY B 668 19.29 10.64 18.77
C GLY B 668 20.38 9.62 18.53
N HIS B 669 19.99 8.36 18.22
CA HIS B 669 20.98 7.32 17.93
C HIS B 669 21.79 7.67 16.69
N ARG B 670 21.13 8.19 15.66
CA ARG B 670 21.84 8.55 14.44
C ARG B 670 22.87 9.64 14.72
N TYR B 671 22.51 10.62 15.54
CA TYR B 671 23.48 11.66 15.89
C TYR B 671 24.71 11.02 16.55
N ALA B 672 24.48 10.13 17.52
CA ALA B 672 25.59 9.49 18.21
C ALA B 672 26.46 8.69 17.24
N ARG B 673 25.84 7.99 16.29
CA ARG B 673 26.58 7.14 15.36
C ARG B 673 27.40 7.96 14.37
N GLU B 674 26.91 9.14 13.99
CA GLU B 674 27.52 9.92 12.92
C GLU B 674 28.59 10.88 13.41
N LEU B 675 28.64 11.17 14.70
CA LEU B 675 29.65 12.11 15.19
C LEU B 675 31.05 11.61 14.85
N ASP B 676 31.87 12.54 14.36
CA ASP B 676 33.27 12.36 13.98
C ASP B 676 33.45 11.44 12.79
N THR B 677 32.36 11.04 12.12
CA THR B 677 32.57 10.18 10.96
C THR B 677 32.84 11.04 9.74
N PRO B 678 33.54 10.52 8.74
CA PRO B 678 33.89 11.35 7.58
C PRO B 678 32.67 11.77 6.78
N ASP B 679 32.78 12.95 6.14
CA ASP B 679 31.81 13.41 5.17
C ASP B 679 31.61 12.36 4.07
N ILE B 680 30.35 12.08 3.75
CA ILE B 680 30.02 11.16 2.65
C ILE B 680 29.57 11.91 1.41
N GLY B 681 29.45 13.23 1.46
CA GLY B 681 29.07 13.97 0.28
C GLY B 681 27.63 13.62 -0.08
N ASP B 682 27.42 13.27 -1.35
CA ASP B 682 26.11 12.88 -1.86
C ASP B 682 25.89 11.38 -1.85
N ASP B 683 26.72 10.62 -1.16
CA ASP B 683 26.53 9.19 -1.03
C ASP B 683 25.37 8.88 -0.08
N LEU B 684 24.81 7.69 -0.25
CA LEU B 684 23.75 7.28 0.65
C LEU B 684 24.33 6.87 2.00
N PRO B 685 23.70 7.23 3.11
CA PRO B 685 24.19 6.76 4.42
C PRO B 685 23.72 5.36 4.78
N PHE B 686 23.11 4.62 3.86
CA PHE B 686 22.69 3.25 4.12
C PHE B 686 22.96 2.42 2.87
N ARG B 687 23.21 1.14 3.09
CA ARG B 687 23.28 0.19 2.00
C ARG B 687 21.88 -0.15 1.49
N ARG B 688 21.82 -0.64 0.26
CA ARG B 688 20.54 -1.03 -0.29
C ARG B 688 20.79 -1.96 -1.46
N GLU B 689 19.85 -2.87 -1.66
CA GLU B 689 19.87 -3.83 -2.75
C GLU B 689 18.78 -3.45 -3.74
N VAL B 690 19.05 -3.68 -5.03
CA VAL B 690 18.08 -3.38 -6.07
C VAL B 690 17.77 -4.67 -6.80
N THR B 691 16.92 -4.59 -7.82
CA THR B 691 16.47 -5.78 -8.50
C THR B 691 17.54 -6.35 -9.43
N GLN B 692 17.62 -7.67 -9.49
CA GLN B 692 18.51 -8.39 -10.40
C GLN B 692 17.90 -8.50 -11.78
N LEU B 693 18.54 -7.90 -12.78
CA LEU B 693 18.00 -7.97 -14.14
C LEU B 693 18.14 -9.38 -14.70
N GLU B 694 17.05 -9.92 -15.22
CA GLU B 694 17.14 -11.16 -15.96
C GLU B 694 17.86 -10.92 -17.28
N PRO B 695 18.70 -11.86 -17.75
CA PRO B 695 19.23 -11.73 -19.11
C PRO B 695 18.29 -12.31 -20.17
PB ADP C . -17.66 -13.48 -17.85
O1B ADP C . -17.37 -13.40 -19.32
O2B ADP C . -17.63 -12.14 -17.16
O3B ADP C . -16.94 -14.59 -17.16
PA ADP C . -20.56 -13.30 -18.17
O1A ADP C . -21.52 -13.60 -17.08
O2A ADP C . -20.35 -11.86 -18.59
O3A ADP C . -19.17 -14.02 -17.78
O5' ADP C . -21.00 -14.12 -19.48
C5' ADP C . -21.55 -15.43 -19.37
C4' ADP C . -22.31 -15.74 -20.65
O4' ADP C . -22.55 -17.15 -20.77
C3' ADP C . -23.68 -15.06 -20.77
O3' ADP C . -23.70 -14.38 -22.02
C2' ADP C . -24.71 -16.18 -20.72
O2' ADP C . -25.81 -15.95 -21.58
C1' ADP C . -23.90 -17.34 -21.21
N9 ADP C . -24.27 -18.68 -20.76
C8 ADP C . -24.51 -19.16 -19.52
N7 ADP C . -24.75 -20.50 -19.57
C5 ADP C . -24.64 -20.87 -20.85
C6 ADP C . -24.76 -22.11 -21.64
N6 ADP C . -25.07 -23.27 -21.03
N1 ADP C . -24.56 -22.04 -22.97
C2 ADP C . -24.26 -20.91 -23.61
N3 ADP C . -24.13 -19.73 -22.96
C4 ADP C . -24.32 -19.67 -21.62
N1 FMN D . 1.48 11.08 -14.29
C2 FMN D . 2.84 11.51 -14.02
O2 FMN D . 3.17 12.61 -14.32
N3 FMN D . 3.77 10.56 -13.36
C4 FMN D . 3.36 9.21 -13.02
O4 FMN D . 4.11 8.46 -12.50
C4A FMN D . 1.96 8.80 -13.33
N5 FMN D . 1.52 7.47 -13.00
C5A FMN D . 0.13 7.04 -13.34
C6 FMN D . -0.16 5.65 -13.33
C7 FMN D . -1.22 5.18 -14.12
C7M FMN D . -1.52 3.70 -13.89
C8 FMN D . -2.03 6.09 -14.81
C8M FMN D . -3.25 5.60 -15.59
C9 FMN D . -1.79 7.46 -14.75
C9A FMN D . -0.73 7.95 -13.97
N10 FMN D . -0.27 9.33 -14.29
C10 FMN D . 1.07 9.73 -13.96
C1' FMN D . -1.15 10.32 -14.91
C2' FMN D . -1.11 10.23 -16.43
O2' FMN D . 0.15 10.65 -16.87
C3' FMN D . -2.15 11.13 -17.11
O3' FMN D . -1.91 12.47 -16.74
C4' FMN D . -3.60 10.75 -16.70
O4' FMN D . -3.85 9.34 -16.70
C5' FMN D . -4.57 11.44 -17.69
O5' FMN D . -4.21 11.22 -19.03
P FMN D . -5.02 10.08 -19.91
O1P FMN D . -4.86 8.76 -19.18
O2P FMN D . -6.47 10.54 -19.96
O3P FMN D . -4.48 10.06 -21.30
FE1 SF4 E . -7.34 -0.04 -19.52
FE2 SF4 E . -6.95 1.86 -17.60
FE3 SF4 E . -9.50 0.83 -18.01
FE4 SF4 E . -8.41 2.41 -19.90
S1 SF4 E . -8.95 3.02 -17.77
S2 SF4 E . -9.44 0.38 -20.28
S3 SF4 E . -6.20 1.90 -19.74
S4 SF4 E . -7.65 -0.31 -17.25
PB ADP F . 12.03 14.96 21.31
O1B ADP F . 10.78 14.14 21.12
O2B ADP F . 13.03 14.26 22.19
O3B ADP F . 12.58 15.53 20.03
PA ADP F . 10.83 16.49 23.45
O1A ADP F . 10.41 15.16 24.04
O2A ADP F . 9.78 17.55 23.27
O3A ADP F . 11.62 16.33 22.07
O5' ADP F . 12.03 17.08 24.34
C5' ADP F . 12.46 18.45 24.33
C4' ADP F . 13.16 18.75 25.65
O4' ADP F . 14.00 19.91 25.59
C3' ADP F . 12.19 19.02 26.80
O3' ADP F . 12.59 18.12 27.88
C2' ADP F . 12.34 20.51 27.15
O2' ADP F . 12.11 20.86 28.52
C1' ADP F . 13.77 20.74 26.74
N9 ADP F . 14.16 22.09 26.30
C8 ADP F . 13.50 22.93 25.45
N7 ADP F . 14.23 24.04 25.26
C5 ADP F . 15.38 23.90 25.99
C6 ADP F . 16.57 24.71 26.28
N6 ADP F . 16.70 25.92 25.70
N1 ADP F . 17.52 24.21 27.10
C2 ADP F . 17.40 23.00 27.66
N3 ADP F . 16.32 22.22 27.48
C4 ADP F . 15.32 22.61 26.66
N1 FMN G . 3.45 -14.29 13.21
C2 FMN G . 3.60 -15.36 12.22
O2 FMN G . 3.29 -16.47 12.47
N3 FMN G . 4.14 -15.03 10.89
C4 FMN G . 4.55 -13.69 10.57
O4 FMN G . 4.99 -13.45 9.49
C4A FMN G . 4.39 -12.60 11.60
N5 FMN G . 4.76 -11.24 11.29
C5A FMN G . 4.63 -10.21 12.33
C6 FMN G . 5.03 -8.90 12.06
C7 FMN G . 5.57 -8.19 13.14
C7M FMN G . 6.34 -6.96 12.64
C8 FMN G . 5.22 -8.56 14.45
C8M FMN G . 5.45 -7.63 15.63
C9 FMN G . 4.31 -9.60 14.63
C9A FMN G . 4.13 -10.52 13.59
N10 FMN G . 3.73 -11.93 13.90
C10 FMN G . 3.85 -12.93 12.90
C1' FMN G . 3.17 -12.30 15.20
C2' FMN G . 4.30 -12.72 16.16
O2' FMN G . 4.86 -13.97 15.79
C3' FMN G . 3.82 -12.88 17.62
O3' FMN G . 2.87 -13.93 17.72
C4' FMN G . 3.22 -11.58 18.19
O4' FMN G . 4.08 -10.49 18.00
C5' FMN G . 2.95 -11.79 19.70
O5' FMN G . 4.08 -12.27 20.39
P FMN G . 5.00 -11.15 21.17
O1P FMN G . 5.35 -10.06 20.17
O2P FMN G . 4.17 -10.55 22.29
O3P FMN G . 6.28 -11.79 21.71
FE1 SF4 H . 9.82 -1.95 19.52
FE2 SF4 H . 7.45 -3.15 18.49
FE3 SF4 H . 7.28 -0.85 20.05
FE4 SF4 H . 8.09 -3.26 21.18
S1 SF4 H . 6.02 -2.81 20.22
S2 SF4 H . 9.07 -1.15 21.50
S3 SF4 H . 9.32 -4.17 19.50
S4 SF4 H . 8.24 -1.03 18.01
P PO4 I . -14.12 20.56 1.26
O1 PO4 I . -14.79 19.83 0.10
O2 PO4 I . -13.48 21.84 0.75
O3 PO4 I . -13.04 19.69 1.86
O4 PO4 I . -15.16 20.87 2.31
#